data_8I8X
#
_entry.id   8I8X
#
_cell.length_a   1.00
_cell.length_b   1.00
_cell.length_c   1.00
_cell.angle_alpha   90.00
_cell.angle_beta   90.00
_cell.angle_gamma   90.00
#
_symmetry.space_group_name_H-M   'P 1'
#
loop_
_entity.id
_entity.type
_entity.pdbx_description
1 polymer 'Outer membrane porin C'
2 polymer 'Intermembrane phospholipid transport system lipoprotein MlaA'
3 polymer 'Intermembrane phospholipid transport system binding protein MlaC'
4 non-polymer '(2~{R},4~{R},5~{R},6~{R})-6-[(1~{R})-1,2-bis(oxidanyl)ethyl]-2-[(2~{R},4~{R},5~{R},6~{R})-6-[(1~{R})-1,2-bis(oxidanyl)ethyl]-2-carboxy-2-[[(2~{R},3~{S},4~{R},5~{R},6~{R})-5-[[(3~{R})-3-dodecanoyloxytetradecanoyl]amino]-6-[[(2~{R},3~{S},4~{R},5~{R},6~{R})-3-oxidanyl-5-[[(3~{R})-3-oxidanyltetradecanoyl]amino]-4-[(3~{R})-3-oxidanyltetradecanoyl]oxy-6-phosphonooxy-oxan-2-yl]methoxy]-3-phosphonooxy-4-[(3~{R})-3-tetradecanoyloxytetradecanoyl]oxy-oxan-2-yl]methoxy]-5-oxidanyl-oxan-4-yl]oxy-4,5-bis(oxidanyl)oxane-2-carboxylic acid'
#
loop_
_entity_poly.entity_id
_entity_poly.type
_entity_poly.pdbx_seq_one_letter_code
_entity_poly.pdbx_strand_id
1 'polypeptide(L)'
;AEVYNKDGNKLDLYGKVDGLHYFSDNKDVDGDQTYMRLGFKGETQVTDQLTGYGQWEYQIQGNSAENENNSWTRVAFAGL
KFQDVGSFDYGRNYGVVYDVTSWTDVLPEFGGDTYGSDNFMQQRGNGFATYRNTDFFGLVDGLNFAVQYQGKNGNPSGEG
FTSGVTNNGRDALRQNGDGVGGSITYDYEGFGIGGAISSSKRTDAQNTAAYIGNGDRAETYTGGLKYDANNIYLAAQYTQ
TYNATRVGSLGWANKAQNFEAVAQYQFDFGLRPSLAYLQSKGKNLGRGYDDEDILKYVDVGATYYFNKNMSTYVDYKINL
LDDNQFTRDAGINTDNIVALGLVYQF
;
A,B,C
2 'polypeptide(L)'
;CASSGTDQQGRSDPLEGFNRTMYNFNFNVLDPYIVRPVAVAWRDYVPQPARNGLSNFTGNLEEPAVMVNYFLQGDPYQGM
VHFTRFFLNTILGMGGFIDVAGMANPKLQRTEPHRFGSTLGHYGVGYGPYVQLPFYGSFTLRDDGGDMADGFYPVLSWLT
WPMSVGKWTLEGIETRAQLLDSDGLLRCSSDPYIMVREAYFQRHDFIANGGELKPQENPNAQAIQDDLKDIDSE
;
D
3 'polypeptide(L)'
;AADQTNPYKLMDEAAQKTFDRLKNEQPQIRANPDYLRTIVDQELLPYVQVKYAGALVLGQYYKSATPAQREAYFAAFREY
LKQAYGQALAMYHGQTYQIAPEQPLGDKTIVPIRVTIIDPNGRPPVRLDFQWRKNSQTGNWQAYDMIAEGCSMITTKQNE
WGTLLRTKGIDGLTAQLKSISQQKITLEEKKLEHHHHHH
;
F
#
# COMPACT_ATOMS: atom_id res chain seq x y z
N GLU A 2 10.08 15.41 -9.99
CA GLU A 2 9.73 14.01 -10.14
C GLU A 2 8.77 13.80 -11.30
N VAL A 3 7.62 14.48 -11.24
CA VAL A 3 6.61 14.36 -12.29
C VAL A 3 6.59 15.56 -13.22
N TYR A 4 7.31 16.64 -12.90
CA TYR A 4 7.34 17.82 -13.75
C TYR A 4 8.64 18.57 -13.48
N ASN A 5 9.45 18.74 -14.53
CA ASN A 5 10.73 19.45 -14.42
C ASN A 5 10.92 20.26 -15.70
N LYS A 6 10.52 21.53 -15.67
CA LYS A 6 10.63 22.40 -16.83
C LYS A 6 10.72 23.84 -16.36
N ASP A 7 11.49 24.64 -17.11
CA ASP A 7 11.66 26.08 -16.84
C ASP A 7 12.20 26.34 -15.44
N GLY A 8 13.04 25.43 -14.94
CA GLY A 8 13.65 25.59 -13.64
C GLY A 8 12.78 25.20 -12.46
N ASN A 9 11.54 24.76 -12.70
CA ASN A 9 10.62 24.36 -11.65
C ASN A 9 10.51 22.84 -11.62
N LYS A 10 10.73 22.26 -10.44
CA LYS A 10 10.67 20.81 -10.25
C LYS A 10 9.67 20.50 -9.15
N LEU A 11 8.79 19.54 -9.43
CA LEU A 11 7.77 19.10 -8.48
C LEU A 11 8.06 17.65 -8.09
N ASP A 12 8.06 17.39 -6.78
CA ASP A 12 8.34 16.06 -6.23
C ASP A 12 7.11 15.59 -5.47
N LEU A 13 6.20 14.93 -6.20
CA LEU A 13 5.00 14.39 -5.57
C LEU A 13 5.35 13.14 -4.77
N TYR A 14 4.84 13.07 -3.55
CA TYR A 14 5.12 11.95 -2.66
C TYR A 14 3.90 11.67 -1.79
N GLY A 15 4.02 10.69 -0.92
CA GLY A 15 2.94 10.31 -0.05
C GLY A 15 3.19 8.95 0.55
N LYS A 16 2.20 8.47 1.31
CA LYS A 16 2.29 7.18 1.97
C LYS A 16 0.91 6.74 2.40
N VAL A 17 0.54 5.52 2.04
CA VAL A 17 -0.72 4.90 2.46
C VAL A 17 -0.42 3.83 3.49
N ASP A 18 -1.05 3.94 4.66
CA ASP A 18 -0.78 3.05 5.78
C ASP A 18 -2.05 2.28 6.12
N GLY A 19 -1.95 0.96 6.10
CA GLY A 19 -3.01 0.11 6.61
C GLY A 19 -2.61 -0.52 7.93
N LEU A 20 -3.16 -0.01 9.03
CA LEU A 20 -2.72 -0.36 10.37
C LEU A 20 -3.87 -0.91 11.19
N HIS A 21 -3.54 -1.85 12.09
CA HIS A 21 -4.51 -2.44 13.00
C HIS A 21 -3.93 -2.48 14.40
N TYR A 22 -4.77 -2.22 15.40
CA TYR A 22 -4.37 -2.22 16.80
C TYR A 22 -4.98 -3.41 17.52
N PHE A 23 -4.16 -4.09 18.32
CA PHE A 23 -4.59 -5.24 19.11
C PHE A 23 -4.37 -4.90 20.59
N SER A 24 -5.47 -4.63 21.29
CA SER A 24 -5.38 -4.28 22.71
C SER A 24 -6.71 -4.65 23.37
N ASP A 25 -6.66 -4.75 24.70
CA ASP A 25 -7.83 -5.09 25.49
C ASP A 25 -8.55 -3.87 26.05
N ASN A 26 -8.09 -2.66 25.74
CA ASN A 26 -8.74 -1.45 26.22
C ASN A 26 -10.07 -1.19 25.51
N LYS A 27 -10.24 -1.72 24.30
CA LYS A 27 -11.46 -1.56 23.51
C LYS A 27 -11.74 -0.09 23.17
N ASP A 28 -10.71 0.76 23.23
CA ASP A 28 -10.87 2.17 22.92
C ASP A 28 -10.01 2.65 21.74
N VAL A 29 -8.95 1.93 21.39
CA VAL A 29 -8.08 2.33 20.30
C VAL A 29 -7.87 1.15 19.36
N ASP A 30 -8.33 -0.03 19.76
CA ASP A 30 -8.16 -1.22 18.96
C ASP A 30 -9.05 -1.17 17.71
N GLY A 31 -8.66 -1.93 16.70
CA GLY A 31 -9.39 -2.00 15.46
C GLY A 31 -8.61 -1.42 14.30
N ASP A 32 -9.36 -1.02 13.27
CA ASP A 32 -8.74 -0.46 12.07
C ASP A 32 -8.25 0.95 12.35
N GLN A 33 -7.01 1.23 11.92
CA GLN A 33 -6.39 2.55 12.10
C GLN A 33 -5.68 2.96 10.82
N THR A 34 -6.27 2.62 9.67
CA THR A 34 -5.65 2.95 8.39
C THR A 34 -5.73 4.44 8.11
N TYR A 35 -4.68 4.96 7.46
CA TYR A 35 -4.63 6.37 7.09
C TYR A 35 -3.69 6.53 5.91
N MET A 36 -3.83 7.65 5.21
CA MET A 36 -3.01 7.94 4.04
C MET A 36 -2.56 9.39 4.09
N ARG A 37 -1.37 9.64 3.57
CA ARG A 37 -0.79 10.97 3.49
C ARG A 37 -0.63 11.38 2.03
N LEU A 38 -1.11 12.57 1.69
CA LEU A 38 -1.02 13.09 0.33
C LEU A 38 -0.43 14.49 0.36
N GLY A 39 0.46 14.77 -0.59
CA GLY A 39 1.08 16.08 -0.67
C GLY A 39 2.12 16.11 -1.76
N PHE A 40 2.68 17.31 -1.95
CA PHE A 40 3.72 17.53 -2.95
C PHE A 40 4.85 18.33 -2.31
N LYS A 41 5.95 18.44 -3.05
CA LYS A 41 7.12 19.19 -2.59
C LYS A 41 7.78 19.81 -3.81
N GLY A 42 7.44 21.08 -4.08
CA GLY A 42 7.99 21.77 -5.23
C GLY A 42 9.21 22.61 -4.89
N GLU A 43 9.94 22.98 -5.94
CA GLU A 43 11.13 23.81 -5.80
C GLU A 43 11.35 24.59 -7.08
N THR A 44 11.56 25.89 -6.96
CA THR A 44 11.77 26.77 -8.10
C THR A 44 13.05 27.57 -7.90
N GLN A 45 13.85 27.66 -8.96
CA GLN A 45 15.11 28.40 -8.93
C GLN A 45 14.87 29.76 -9.57
N VAL A 46 14.65 30.78 -8.74
CA VAL A 46 14.44 32.13 -9.25
C VAL A 46 15.68 32.64 -9.96
N THR A 47 16.84 32.43 -9.34
CA THR A 47 18.11 32.85 -9.93
C THR A 47 19.20 31.88 -9.44
N ASP A 48 20.45 32.25 -9.68
CA ASP A 48 21.57 31.39 -9.30
C ASP A 48 21.79 31.34 -7.79
N GLN A 49 21.33 32.36 -7.06
CA GLN A 49 21.52 32.43 -5.62
C GLN A 49 20.22 32.32 -4.84
N LEU A 50 19.24 33.17 -5.14
CA LEU A 50 17.96 33.17 -4.43
C LEU A 50 17.06 32.10 -5.03
N THR A 51 16.75 31.07 -4.24
CA THR A 51 15.88 29.98 -4.65
C THR A 51 14.60 30.00 -3.82
N GLY A 52 13.77 29.00 -4.03
CA GLY A 52 12.52 28.88 -3.29
C GLY A 52 11.99 27.46 -3.34
N TYR A 53 11.12 27.16 -2.39
CA TYR A 53 10.54 25.83 -2.28
C TYR A 53 9.22 25.91 -1.54
N GLY A 54 8.42 24.86 -1.67
CA GLY A 54 7.15 24.77 -0.99
C GLY A 54 6.85 23.34 -0.57
N GLN A 55 5.98 23.21 0.42
CA GLN A 55 5.62 21.91 0.95
C GLN A 55 4.18 21.94 1.43
N TRP A 56 3.43 20.90 1.08
CA TRP A 56 2.06 20.74 1.51
C TRP A 56 1.81 19.27 1.83
N GLU A 57 0.93 19.03 2.81
CA GLU A 57 0.60 17.69 3.23
C GLU A 57 -0.87 17.64 3.65
N TYR A 58 -1.43 16.43 3.59
CA TYR A 58 -2.81 16.19 4.00
C TYR A 58 -2.97 14.75 4.41
N GLN A 59 -3.57 14.52 5.57
CA GLN A 59 -3.77 13.18 6.12
C GLN A 59 -5.26 12.90 6.18
N ILE A 60 -5.68 11.79 5.55
CA ILE A 60 -7.07 11.38 5.53
C ILE A 60 -7.16 9.98 6.14
N GLN A 61 -8.02 9.84 7.14
CA GLN A 61 -8.21 8.56 7.82
C GLN A 61 -9.20 7.71 7.02
N GLY A 62 -8.75 6.52 6.61
CA GLY A 62 -9.57 5.61 5.85
C GLY A 62 -10.39 4.63 6.65
N ASN A 63 -10.33 4.70 7.98
CA ASN A 63 -11.08 3.80 8.84
C ASN A 63 -12.49 4.30 9.16
N SER A 64 -12.82 5.53 8.77
CA SER A 64 -14.13 6.08 9.05
C SER A 64 -15.15 5.57 8.03
N ALA A 65 -16.41 5.90 8.25
CA ALA A 65 -17.49 5.50 7.37
C ALA A 65 -17.67 6.54 6.27
N GLU A 66 -18.71 6.37 5.44
CA GLU A 66 -18.97 7.33 4.36
C GLU A 66 -19.61 8.61 4.89
N ASN A 67 -20.38 8.53 5.96
CA ASN A 67 -21.07 9.70 6.50
C ASN A 67 -20.17 10.57 7.37
N GLU A 68 -18.99 10.09 7.74
CA GLU A 68 -18.07 10.84 8.59
C GLU A 68 -16.73 10.99 7.87
N ASN A 69 -16.15 12.18 7.98
CA ASN A 69 -14.87 12.49 7.37
C ASN A 69 -13.92 13.01 8.43
N ASN A 70 -12.70 12.46 8.45
CA ASN A 70 -11.66 12.85 9.41
C ASN A 70 -10.39 13.15 8.63
N SER A 71 -10.18 14.43 8.31
CA SER A 71 -9.01 14.87 7.57
C SER A 71 -8.45 16.13 8.20
N TRP A 72 -7.13 16.29 8.09
CA TRP A 72 -6.45 17.45 8.65
C TRP A 72 -5.17 17.70 7.88
N THR A 73 -4.73 18.96 7.89
CA THR A 73 -3.50 19.36 7.22
C THR A 73 -2.33 19.27 8.20
N ARG A 74 -1.29 18.53 7.82
CA ARG A 74 -0.14 18.37 8.69
C ARG A 74 0.81 19.56 8.59
N VAL A 75 1.36 19.79 7.40
CA VAL A 75 2.28 20.90 7.17
C VAL A 75 1.90 21.57 5.85
N ALA A 76 1.93 22.90 5.84
CA ALA A 76 1.63 23.68 4.64
C ALA A 76 2.35 25.01 4.76
N PHE A 77 3.49 25.14 4.08
CA PHE A 77 4.30 26.36 4.16
C PHE A 77 5.03 26.57 2.85
N ALA A 78 5.46 27.81 2.63
CA ALA A 78 6.23 28.16 1.45
C ALA A 78 7.12 29.35 1.78
N GLY A 79 8.21 29.47 1.03
CA GLY A 79 9.13 30.56 1.26
C GLY A 79 10.33 30.44 0.34
N LEU A 80 11.20 31.45 0.41
CA LEU A 80 12.40 31.50 -0.39
C LEU A 80 13.58 30.90 0.38
N LYS A 81 14.67 30.65 -0.35
CA LYS A 81 15.89 30.08 0.22
C LYS A 81 17.08 30.70 -0.49
N PHE A 82 17.86 31.49 0.23
CA PHE A 82 19.02 32.15 -0.35
C PHE A 82 20.22 31.19 -0.39
N GLN A 83 21.25 31.60 -1.11
CA GLN A 83 22.40 30.73 -1.34
C GLN A 83 23.21 30.53 -0.07
N ASP A 84 23.56 31.62 0.63
CA ASP A 84 24.48 31.49 1.76
C ASP A 84 24.12 32.37 2.95
N VAL A 85 22.89 32.89 3.02
CA VAL A 85 22.47 33.69 4.16
C VAL A 85 21.33 33.06 4.95
N GLY A 86 20.71 32.01 4.44
CA GLY A 86 19.64 31.32 5.13
C GLY A 86 18.37 31.27 4.29
N SER A 87 17.32 30.72 4.90
CA SER A 87 16.03 30.58 4.25
C SER A 87 14.93 31.02 5.21
N PHE A 88 13.87 31.60 4.64
CA PHE A 88 12.72 32.05 5.42
C PHE A 88 11.46 31.53 4.78
N ASP A 89 10.62 30.86 5.56
CA ASP A 89 9.36 30.31 5.08
C ASP A 89 8.26 30.60 6.09
N TYR A 90 7.08 30.92 5.59
CA TYR A 90 5.92 31.21 6.43
C TYR A 90 4.79 30.24 6.08
N GLY A 91 4.14 29.71 7.11
CA GLY A 91 3.05 28.78 6.93
C GLY A 91 3.04 27.76 8.06
N ARG A 92 2.39 26.63 7.80
CA ARG A 92 2.28 25.55 8.77
C ARG A 92 3.53 24.69 8.67
N ASN A 93 4.40 24.78 9.67
CA ASN A 93 5.64 24.03 9.71
C ASN A 93 5.84 23.48 11.11
N TYR A 94 6.99 22.87 11.34
CA TYR A 94 7.31 22.30 12.64
C TYR A 94 7.79 23.38 13.60
N GLY A 95 7.78 23.04 14.90
CA GLY A 95 8.21 23.96 15.92
C GLY A 95 9.71 23.93 16.14
N VAL A 96 10.15 24.64 17.17
CA VAL A 96 11.56 24.69 17.49
C VAL A 96 12.00 23.52 18.37
N VAL A 97 11.11 23.00 19.21
CA VAL A 97 11.46 21.85 20.05
C VAL A 97 11.57 20.59 19.21
N TYR A 98 10.85 20.52 18.09
CA TYR A 98 10.92 19.35 17.22
C TYR A 98 12.27 19.21 16.54
N ASP A 99 13.03 20.30 16.42
CA ASP A 99 14.35 20.22 15.79
C ASP A 99 15.35 19.43 16.63
N VAL A 100 15.13 19.32 17.93
CA VAL A 100 16.03 18.57 18.81
C VAL A 100 15.38 17.23 19.13
N THR A 101 14.04 17.18 19.11
CA THR A 101 13.30 15.97 19.39
C THR A 101 13.15 15.05 18.18
N SER A 102 13.63 15.48 17.01
CA SER A 102 13.54 14.66 15.81
C SER A 102 14.50 13.48 15.82
N TRP A 103 15.45 13.44 16.76
CA TRP A 103 16.40 12.34 16.85
C TRP A 103 15.91 11.20 17.72
N THR A 104 14.85 11.40 18.50
CA THR A 104 14.36 10.38 19.43
C THR A 104 12.93 9.96 19.13
N ASP A 105 12.44 10.20 17.91
CA ASP A 105 11.11 9.79 17.50
C ASP A 105 11.16 9.05 16.17
N VAL A 106 12.14 8.16 16.03
CA VAL A 106 12.31 7.39 14.80
C VAL A 106 11.57 6.06 14.93
N LEU A 107 10.72 5.96 15.95
CA LEU A 107 9.94 4.75 16.15
C LEU A 107 8.91 4.60 15.04
N PRO A 108 8.56 3.37 14.67
CA PRO A 108 7.64 3.19 13.53
C PRO A 108 6.25 3.77 13.76
N GLU A 109 5.60 3.41 14.86
CA GLU A 109 4.23 3.85 15.12
C GLU A 109 4.12 4.72 16.37
N PHE A 110 4.63 4.24 17.51
CA PHE A 110 4.49 4.97 18.78
C PHE A 110 5.65 5.96 18.90
N GLY A 111 5.52 7.05 18.16
CA GLY A 111 6.53 8.10 18.17
C GLY A 111 5.92 9.45 18.45
N GLY A 112 6.65 10.28 19.20
CA GLY A 112 6.18 11.61 19.52
C GLY A 112 4.92 11.64 20.37
N ASP A 113 4.86 10.78 21.38
CA ASP A 113 3.71 10.71 22.27
C ASP A 113 3.85 11.60 23.50
N THR A 114 4.97 12.31 23.63
CA THR A 114 5.21 13.18 24.79
C THR A 114 4.72 14.61 24.56
N TYR A 115 4.14 14.92 23.41
CA TYR A 115 3.66 16.26 23.11
C TYR A 115 2.45 16.14 22.19
N GLY A 116 2.06 17.26 21.60
CA GLY A 116 0.91 17.28 20.70
C GLY A 116 1.00 18.44 19.74
N SER A 117 0.17 18.37 18.71
CA SER A 117 0.16 19.39 17.68
C SER A 117 -0.44 20.69 18.21
N ASP A 118 0.09 21.82 17.75
CA ASP A 118 -0.37 23.15 18.14
C ASP A 118 -0.36 23.32 19.66
N ASN A 119 0.69 22.83 20.31
CA ASN A 119 0.83 22.87 21.76
C ASN A 119 2.16 23.51 22.12
N PHE A 120 2.18 24.84 22.20
CA PHE A 120 3.35 25.61 22.65
C PHE A 120 4.59 25.28 21.81
N MET A 121 4.41 25.28 20.49
CA MET A 121 5.51 25.09 19.54
C MET A 121 6.26 23.78 19.78
N GLN A 122 5.52 22.71 20.09
CA GLN A 122 6.11 21.40 20.28
C GLN A 122 5.94 20.49 19.07
N GLN A 123 5.04 20.82 18.16
CA GLN A 123 4.83 20.03 16.94
C GLN A 123 4.38 20.99 15.84
N ARG A 124 3.82 20.44 14.77
CA ARG A 124 3.35 21.28 13.66
C ARG A 124 2.30 22.26 14.14
N GLY A 125 2.47 23.53 13.76
CA GLY A 125 1.55 24.58 14.18
C GLY A 125 1.22 25.51 13.02
N ASN A 126 0.21 26.32 13.25
CA ASN A 126 -0.28 27.26 12.24
C ASN A 126 0.34 28.64 12.46
N GLY A 127 0.57 29.35 11.36
CA GLY A 127 1.15 30.68 11.44
C GLY A 127 2.59 30.70 11.94
N PHE A 128 3.41 29.76 11.47
CA PHE A 128 4.80 29.66 11.91
C PHE A 128 5.69 30.35 10.88
N ALA A 129 6.50 31.31 11.36
CA ALA A 129 7.47 32.01 10.53
C ALA A 129 8.86 31.64 11.03
N THR A 130 9.59 30.85 10.26
CA THR A 130 10.88 30.33 10.64
C THR A 130 11.96 30.86 9.71
N TYR A 131 13.05 31.36 10.30
CA TYR A 131 14.22 31.80 9.55
C TYR A 131 15.40 30.91 9.95
N ARG A 132 15.79 30.01 9.05
CA ARG A 132 16.83 29.02 9.32
C ARG A 132 18.03 29.29 8.41
N ASN A 133 19.22 29.25 9.00
CA ASN A 133 20.47 29.45 8.27
C ASN A 133 21.25 28.13 8.27
N THR A 134 21.79 27.78 7.12
CA THR A 134 22.50 26.52 6.94
C THR A 134 24.01 26.74 6.94
N ASP A 135 24.72 25.90 7.68
CA ASP A 135 26.18 25.90 7.75
C ASP A 135 26.75 27.21 8.30
N PHE A 136 25.95 27.94 9.08
CA PHE A 136 26.36 29.19 9.72
C PHE A 136 26.91 30.18 8.68
N PHE A 137 26.07 30.48 7.70
CA PHE A 137 26.42 31.40 6.61
C PHE A 137 27.66 30.91 5.86
N GLY A 138 27.76 29.60 5.66
CA GLY A 138 28.89 29.03 4.95
C GLY A 138 30.22 29.18 5.65
N LEU A 139 30.26 28.99 6.97
CA LEU A 139 31.50 29.10 7.74
C LEU A 139 31.95 27.76 8.32
N VAL A 140 31.07 27.05 9.02
CA VAL A 140 31.38 25.76 9.61
C VAL A 140 30.34 24.76 9.17
N ASP A 141 30.72 23.48 9.16
CA ASP A 141 29.85 22.40 8.73
C ASP A 141 29.16 21.77 9.93
N GLY A 142 27.83 21.65 9.86
CA GLY A 142 27.05 21.03 10.89
C GLY A 142 26.39 21.98 11.86
N LEU A 143 26.86 23.22 11.94
CA LEU A 143 26.31 24.21 12.87
C LEU A 143 25.14 24.91 12.20
N ASN A 144 23.92 24.53 12.61
CA ASN A 144 22.70 25.10 12.08
C ASN A 144 21.88 25.71 13.20
N PHE A 145 21.28 26.87 12.94
CA PHE A 145 20.44 27.56 13.91
C PHE A 145 19.25 28.16 13.19
N ALA A 146 18.17 28.39 13.95
CA ALA A 146 16.95 28.94 13.39
C ALA A 146 16.22 29.73 14.46
N VAL A 147 15.36 30.64 14.02
CA VAL A 147 14.53 31.45 14.88
C VAL A 147 13.10 31.41 14.36
N GLN A 148 12.14 31.20 15.25
CA GLN A 148 10.74 31.06 14.88
C GLN A 148 9.88 32.00 15.71
N TYR A 149 8.76 32.41 15.12
CA TYR A 149 7.80 33.28 15.76
C TYR A 149 6.39 32.73 15.57
N GLN A 150 5.51 33.04 16.52
CA GLN A 150 4.15 32.53 16.51
C GLN A 150 3.17 33.69 16.62
N GLY A 151 2.02 33.55 15.98
CA GLY A 151 0.98 34.56 16.02
C GLY A 151 0.13 34.46 17.26
N LYS A 152 -1.14 34.81 17.13
CA LYS A 152 -2.08 34.80 18.24
C LYS A 152 -3.30 33.96 17.86
N ASN A 153 -3.61 32.95 18.68
CA ASN A 153 -4.78 32.11 18.49
C ASN A 153 -5.54 32.05 19.80
N GLY A 154 -6.85 32.28 19.74
CA GLY A 154 -7.65 32.30 20.95
C GLY A 154 -9.02 31.66 20.81
N ASN A 155 -10.05 32.37 21.28
CA ASN A 155 -11.39 31.82 21.27
C ASN A 155 -11.94 31.73 19.86
N PRO A 156 -12.87 30.81 19.60
CA PRO A 156 -13.49 30.72 18.27
C PRO A 156 -14.29 31.98 17.95
N SER A 157 -14.34 32.30 16.67
CA SER A 157 -14.97 33.54 16.21
C SER A 157 -16.47 33.34 16.04
N GLY A 158 -17.25 34.24 16.64
CA GLY A 158 -18.68 34.26 16.44
C GLY A 158 -19.48 33.29 17.26
N GLU A 159 -18.86 32.59 18.22
CA GLU A 159 -19.55 31.61 19.05
C GLU A 159 -19.45 32.06 20.51
N GLY A 160 -20.36 32.93 20.92
CA GLY A 160 -20.47 33.33 22.32
C GLY A 160 -19.22 33.92 22.93
N PHE A 161 -18.33 34.49 22.12
CA PHE A 161 -17.08 35.04 22.61
C PHE A 161 -16.87 36.45 22.07
N THR A 162 -16.40 37.34 22.95
CA THR A 162 -16.10 38.72 22.58
C THR A 162 -14.68 39.14 22.86
N SER A 163 -13.93 38.37 23.66
CA SER A 163 -12.55 38.66 23.98
C SER A 163 -11.67 37.47 23.60
N GLY A 164 -10.49 37.76 23.05
CA GLY A 164 -9.63 36.69 22.57
C GLY A 164 -10.12 36.02 21.32
N VAL A 165 -10.89 36.71 20.50
CA VAL A 165 -11.49 36.14 19.30
C VAL A 165 -10.54 36.35 18.12
N THR A 166 -10.31 35.29 17.36
CA THR A 166 -9.49 35.35 16.15
C THR A 166 -10.17 34.54 15.06
N ASN A 167 -9.73 34.75 13.82
CA ASN A 167 -10.34 34.05 12.69
C ASN A 167 -10.05 32.56 12.67
N ASN A 168 -9.09 32.09 13.46
CA ASN A 168 -8.74 30.68 13.53
C ASN A 168 -8.83 30.17 14.97
N GLY A 169 -9.88 30.60 15.68
CA GLY A 169 -10.02 30.19 17.06
C GLY A 169 -10.35 28.71 17.20
N ARG A 170 -9.86 28.13 18.30
CA ARG A 170 -10.08 26.73 18.59
C ARG A 170 -10.31 26.59 20.10
N ASP A 171 -10.34 25.35 20.58
CA ASP A 171 -10.51 25.10 22.00
C ASP A 171 -9.24 25.52 22.76
N ALA A 172 -9.40 25.70 24.08
CA ALA A 172 -8.29 26.14 24.91
C ALA A 172 -7.21 25.08 25.10
N LEU A 173 -7.48 23.83 24.69
CA LEU A 173 -6.49 22.78 24.86
C LEU A 173 -5.30 22.94 23.93
N ARG A 174 -5.44 23.68 22.83
CA ARG A 174 -4.38 23.89 21.86
C ARG A 174 -4.28 25.36 21.48
N GLN A 175 -4.28 26.23 22.50
CA GLN A 175 -4.17 27.67 22.31
C GLN A 175 -2.80 28.15 22.76
N ASN A 176 -2.28 29.16 22.06
CA ASN A 176 -0.99 29.72 22.37
C ASN A 176 -0.94 31.17 21.90
N GLY A 177 -0.13 31.97 22.57
CA GLY A 177 0.04 33.38 22.26
C GLY A 177 1.26 33.63 21.40
N ASP A 178 1.74 34.87 21.46
CA ASP A 178 2.91 35.28 20.69
C ASP A 178 4.17 34.79 21.39
N GLY A 179 4.85 33.82 20.79
CA GLY A 179 6.05 33.27 21.38
C GLY A 179 7.25 33.28 20.43
N VAL A 180 8.44 33.19 21.00
CA VAL A 180 9.68 33.18 20.22
C VAL A 180 10.55 32.03 20.71
N GLY A 181 11.11 31.28 19.77
CA GLY A 181 11.95 30.14 20.11
C GLY A 181 13.04 29.95 19.09
N GLY A 182 14.09 29.24 19.52
CA GLY A 182 15.22 28.98 18.66
C GLY A 182 15.88 27.67 19.03
N SER A 183 16.51 27.03 18.04
CA SER A 183 17.19 25.77 18.24
C SER A 183 18.59 25.84 17.64
N ILE A 184 19.54 25.21 18.31
CA ILE A 184 20.93 25.17 17.88
C ILE A 184 21.38 23.71 17.82
N THR A 185 21.94 23.30 16.69
CA THR A 185 22.41 21.94 16.49
C THR A 185 23.80 21.95 15.90
N TYR A 186 24.57 20.90 16.19
CA TYR A 186 25.92 20.77 15.68
C TYR A 186 26.22 19.31 15.41
N ASP A 187 26.82 19.02 14.26
CA ASP A 187 27.19 17.67 13.87
C ASP A 187 28.57 17.72 13.21
N TYR A 188 29.60 17.36 13.98
CA TYR A 188 30.96 17.40 13.46
C TYR A 188 31.28 16.15 12.64
N GLU A 189 31.28 14.99 13.29
CA GLU A 189 31.56 13.72 12.61
C GLU A 189 30.79 12.62 13.36
N GLY A 190 29.60 12.30 12.84
CA GLY A 190 28.77 11.25 13.39
C GLY A 190 28.14 11.54 14.74
N PHE A 191 28.58 12.58 15.44
CA PHE A 191 28.04 12.94 16.75
C PHE A 191 27.24 14.22 16.63
N GLY A 192 26.03 14.21 17.16
CA GLY A 192 25.15 15.37 17.09
C GLY A 192 24.78 15.87 18.47
N ILE A 193 24.80 17.18 18.65
CA ILE A 193 24.43 17.83 19.89
C ILE A 193 23.41 18.92 19.56
N GLY A 194 22.31 18.96 20.33
CA GLY A 194 21.26 19.93 20.07
C GLY A 194 20.64 20.43 21.35
N GLY A 195 20.01 21.60 21.25
CA GLY A 195 19.34 22.22 22.37
C GLY A 195 18.51 23.41 21.95
N ALA A 196 17.27 23.48 22.41
CA ALA A 196 16.34 24.55 22.04
C ALA A 196 15.70 25.14 23.27
N ILE A 197 15.47 26.46 23.23
CA ILE A 197 14.81 27.19 24.31
C ILE A 197 13.68 27.99 23.68
N SER A 198 12.46 27.76 24.17
CA SER A 198 11.27 28.44 23.65
C SER A 198 10.43 28.97 24.80
N SER A 199 9.72 30.06 24.52
CA SER A 199 8.82 30.66 25.51
C SER A 199 7.64 31.27 24.78
N SER A 200 6.43 30.86 25.16
CA SER A 200 5.21 31.33 24.53
C SER A 200 4.24 31.83 25.59
N LYS A 201 3.59 32.94 25.30
CA LYS A 201 2.62 33.52 26.22
C LYS A 201 1.33 32.71 26.22
N ARG A 202 0.63 32.72 27.35
CA ARG A 202 -0.62 32.02 27.52
C ARG A 202 -1.79 32.98 27.44
N THR A 203 -2.87 32.57 26.79
CA THR A 203 -4.04 33.41 26.62
C THR A 203 -4.87 33.43 27.90
N ASP A 204 -5.88 34.31 27.90
CA ASP A 204 -6.75 34.43 29.06
C ASP A 204 -7.62 33.20 29.25
N ALA A 205 -8.03 32.55 28.15
CA ALA A 205 -8.87 31.37 28.25
C ALA A 205 -8.16 30.20 28.91
N GLN A 206 -6.83 30.17 28.89
CA GLN A 206 -6.05 29.10 29.50
C GLN A 206 -5.79 29.34 30.98
N ASN A 207 -6.20 30.49 31.52
CA ASN A 207 -5.99 30.82 32.92
C ASN A 207 -7.25 30.64 33.76
N THR A 208 -8.25 29.94 33.24
CA THR A 208 -9.49 29.71 33.98
C THR A 208 -9.27 28.66 35.07
N ALA A 209 -10.27 28.54 35.94
CA ALA A 209 -10.22 27.60 37.05
C ALA A 209 -10.69 26.19 36.67
N ALA A 210 -11.14 26.00 35.43
CA ALA A 210 -11.57 24.68 34.99
C ALA A 210 -10.42 23.79 34.55
N TYR A 211 -9.22 24.33 34.42
CA TYR A 211 -8.04 23.57 34.01
C TYR A 211 -6.88 23.90 34.94
N ILE A 212 -6.03 22.91 35.16
CA ILE A 212 -4.87 23.10 36.02
C ILE A 212 -3.74 23.74 35.22
N GLY A 213 -2.84 24.41 35.95
CA GLY A 213 -1.72 25.09 35.32
C GLY A 213 -1.95 26.58 35.14
N ASN A 214 -1.21 27.39 35.89
CA ASN A 214 -1.35 28.84 35.83
C ASN A 214 0.01 29.47 35.60
N GLY A 215 0.00 30.61 34.94
CA GLY A 215 1.22 31.35 34.63
C GLY A 215 1.02 32.19 33.39
N ASP A 216 1.64 33.38 33.40
CA ASP A 216 1.53 34.28 32.25
C ASP A 216 2.37 33.81 31.08
N ARG A 217 3.57 33.29 31.35
CA ARG A 217 4.48 32.83 30.31
C ARG A 217 4.93 31.41 30.62
N ALA A 218 4.99 30.57 29.58
CA ALA A 218 5.42 29.19 29.71
C ALA A 218 6.73 29.02 28.96
N GLU A 219 7.74 28.50 29.65
CA GLU A 219 9.06 28.30 29.08
C GLU A 219 9.37 26.80 28.97
N THR A 220 9.92 26.40 27.83
CA THR A 220 10.25 25.02 27.56
C THR A 220 11.75 24.89 27.28
N TYR A 221 12.38 23.89 27.89
CA TYR A 221 13.79 23.61 27.70
C TYR A 221 13.98 22.16 27.31
N THR A 222 14.92 21.91 26.41
CA THR A 222 15.19 20.56 25.93
C THR A 222 16.69 20.44 25.61
N GLY A 223 17.10 19.23 25.26
CA GLY A 223 18.47 18.95 24.92
C GLY A 223 18.74 17.46 24.75
N GLY A 224 19.49 17.09 23.72
CA GLY A 224 19.75 15.69 23.46
C GLY A 224 20.98 15.50 22.59
N LEU A 225 21.40 14.24 22.50
CA LEU A 225 22.54 13.86 21.69
C LEU A 225 22.13 12.76 20.71
N LYS A 226 22.78 12.74 19.56
CA LYS A 226 22.48 11.78 18.51
C LYS A 226 23.77 11.17 17.98
N TYR A 227 23.72 9.89 17.63
CA TYR A 227 24.85 9.18 17.06
C TYR A 227 24.33 8.28 15.94
N ASP A 228 24.63 8.64 14.69
CA ASP A 228 24.19 7.90 13.52
C ASP A 228 25.41 7.64 12.64
N ALA A 229 26.08 6.52 12.86
CA ALA A 229 27.25 6.15 12.07
C ALA A 229 27.40 4.63 12.10
N ASN A 230 27.96 4.09 11.02
CA ASN A 230 28.19 2.65 10.86
C ASN A 230 26.89 1.87 11.04
N ASN A 231 25.80 2.41 10.51
CA ASN A 231 24.47 1.79 10.58
C ASN A 231 24.05 1.54 12.03
N ILE A 232 24.46 2.41 12.95
CA ILE A 232 24.11 2.30 14.36
C ILE A 232 23.46 3.60 14.79
N TYR A 233 22.29 3.51 15.41
CA TYR A 233 21.56 4.68 15.89
C TYR A 233 21.46 4.62 17.41
N LEU A 234 21.91 5.70 18.07
CA LEU A 234 21.86 5.79 19.52
C LEU A 234 21.61 7.25 19.88
N ALA A 235 20.39 7.56 20.31
CA ALA A 235 20.02 8.93 20.65
C ALA A 235 19.25 8.93 21.96
N ALA A 236 19.44 10.00 22.73
CA ALA A 236 18.72 10.20 23.98
C ALA A 236 18.61 11.70 24.24
N GLN A 237 17.44 12.11 24.74
CA GLN A 237 17.18 13.52 24.99
C GLN A 237 16.42 13.69 26.29
N TYR A 238 16.58 14.86 26.90
CA TYR A 238 15.87 15.23 28.12
C TYR A 238 15.12 16.52 27.88
N THR A 239 13.86 16.56 28.33
CA THR A 239 13.00 17.72 28.13
C THR A 239 12.40 18.16 29.46
N GLN A 240 12.40 19.46 29.69
CA GLN A 240 11.83 20.05 30.91
C GLN A 240 10.96 21.24 30.50
N THR A 241 9.65 21.02 30.45
CA THR A 241 8.70 22.05 30.06
C THR A 241 7.75 22.34 31.21
N TYR A 242 7.33 23.61 31.31
CA TYR A 242 6.42 24.07 32.34
C TYR A 242 5.13 24.54 31.68
N ASN A 243 4.00 23.95 32.10
CA ASN A 243 2.68 24.31 31.57
C ASN A 243 2.62 24.17 30.06
N ALA A 244 3.26 23.13 29.53
CA ALA A 244 3.29 22.90 28.09
C ALA A 244 2.78 21.52 27.69
N THR A 245 3.08 20.49 28.48
CA THR A 245 2.67 19.13 28.14
C THR A 245 1.24 18.89 28.57
N ARG A 246 0.43 18.34 27.66
CA ARG A 246 -0.97 18.06 27.94
C ARG A 246 -1.07 16.75 28.72
N VAL A 247 -1.50 16.85 29.97
CA VAL A 247 -1.71 15.64 30.81
C VAL A 247 -3.16 15.23 30.59
N GLY A 248 -3.39 14.52 29.49
CA GLY A 248 -4.74 14.11 29.14
C GLY A 248 -5.63 15.33 28.95
N SER A 249 -6.74 15.35 29.70
CA SER A 249 -7.68 16.46 29.68
C SER A 249 -7.31 17.45 30.79
N LEU A 250 -8.24 18.38 31.07
CA LEU A 250 -8.12 19.36 32.14
C LEU A 250 -6.76 20.07 32.14
N GLY A 251 -6.47 20.70 31.00
CA GLY A 251 -5.31 21.57 30.90
C GLY A 251 -3.98 20.83 30.90
N TRP A 252 -2.97 21.49 31.43
CA TRP A 252 -1.60 21.01 31.40
C TRP A 252 -1.02 20.97 32.81
N ALA A 253 -0.05 20.07 33.02
CA ALA A 253 0.64 19.99 34.29
C ALA A 253 1.54 21.19 34.50
N ASN A 254 1.72 21.57 35.77
CA ASN A 254 2.53 22.74 36.09
C ASN A 254 3.99 22.52 35.73
N LYS A 255 4.51 21.31 35.96
CA LYS A 255 5.91 21.02 35.69
C LYS A 255 6.04 19.55 35.31
N ALA A 256 6.70 19.29 34.18
CA ALA A 256 6.92 17.94 33.69
C ALA A 256 8.39 17.79 33.29
N GLN A 257 8.95 16.62 33.58
CA GLN A 257 10.33 16.29 33.25
C GLN A 257 10.32 15.10 32.29
N ASN A 258 10.27 15.39 30.99
CA ASN A 258 10.25 14.35 29.98
C ASN A 258 11.65 13.82 29.71
N PHE A 259 11.75 12.52 29.46
CA PHE A 259 13.01 11.87 29.14
C PHE A 259 12.75 10.81 28.07
N GLU A 260 13.52 10.87 26.98
CA GLU A 260 13.37 9.94 25.88
C GLU A 260 14.73 9.39 25.48
N ALA A 261 14.76 8.11 25.09
CA ALA A 261 15.97 7.46 24.63
C ALA A 261 15.59 6.43 23.58
N VAL A 262 16.35 6.41 22.48
CA VAL A 262 16.08 5.51 21.37
C VAL A 262 17.35 4.77 21.00
N ALA A 263 17.18 3.60 20.39
CA ALA A 263 18.31 2.79 19.93
C ALA A 263 17.85 1.95 18.75
N GLN A 264 18.53 2.10 17.62
CA GLN A 264 18.16 1.39 16.40
C GLN A 264 19.42 0.89 15.71
N TYR A 265 19.27 -0.22 14.98
CA TYR A 265 20.35 -0.80 14.19
C TYR A 265 19.85 -1.11 12.79
N GLN A 266 20.73 -0.97 11.81
CA GLN A 266 20.40 -1.22 10.42
C GLN A 266 21.16 -2.43 9.92
N PHE A 267 20.43 -3.40 9.38
CA PHE A 267 21.01 -4.63 8.84
C PHE A 267 21.12 -4.54 7.32
N ASP A 268 21.94 -5.43 6.76
CA ASP A 268 22.19 -5.42 5.32
C ASP A 268 21.02 -5.97 4.52
N PHE A 269 20.15 -6.78 5.13
CA PHE A 269 19.03 -7.36 4.40
C PHE A 269 17.76 -6.52 4.48
N GLY A 270 17.67 -5.58 5.44
CA GLY A 270 16.52 -4.71 5.51
C GLY A 270 15.91 -4.57 6.88
N LEU A 271 16.17 -5.54 7.77
CA LEU A 271 15.59 -5.51 9.11
C LEU A 271 16.20 -4.39 9.93
N ARG A 272 15.35 -3.60 10.59
CA ARG A 272 15.78 -2.48 11.41
C ARG A 272 15.13 -2.59 12.78
N PRO A 273 15.74 -3.33 13.71
CA PRO A 273 15.18 -3.41 15.07
C PRO A 273 15.20 -2.05 15.74
N SER A 274 14.20 -1.83 16.61
CA SER A 274 14.04 -0.56 17.30
C SER A 274 13.60 -0.82 18.72
N LEU A 275 14.38 -0.30 19.68
CA LEU A 275 14.06 -0.38 21.10
C LEU A 275 14.22 1.01 21.70
N ALA A 276 13.20 1.48 22.41
CA ALA A 276 13.20 2.82 22.98
C ALA A 276 12.50 2.81 24.33
N TYR A 277 12.86 3.79 25.16
CA TYR A 277 12.25 3.97 26.47
C TYR A 277 11.86 5.43 26.63
N LEU A 278 10.68 5.67 27.18
CA LEU A 278 10.15 7.01 27.37
C LEU A 278 9.71 7.19 28.81
N GLN A 279 10.00 8.36 29.37
CA GLN A 279 9.63 8.69 30.75
C GLN A 279 9.06 10.09 30.80
N SER A 280 8.11 10.30 31.71
CA SER A 280 7.48 11.61 31.89
C SER A 280 7.02 11.70 33.35
N LYS A 281 7.81 12.40 34.17
CA LYS A 281 7.52 12.55 35.60
C LYS A 281 6.96 13.95 35.83
N GLY A 282 5.64 14.08 35.72
CA GLY A 282 4.99 15.35 35.97
C GLY A 282 4.66 15.56 37.43
N LYS A 283 5.33 16.53 38.05
CA LYS A 283 5.16 16.83 39.47
C LYS A 283 4.61 18.24 39.66
N ASN A 284 4.51 18.65 40.92
CA ASN A 284 4.03 19.99 41.29
C ASN A 284 2.62 20.25 40.74
N LEU A 285 1.78 19.22 40.78
CA LEU A 285 0.40 19.36 40.33
C LEU A 285 -0.42 20.11 41.39
N GLY A 286 -1.17 21.12 40.96
CA GLY A 286 -1.93 21.93 41.89
C GLY A 286 -3.36 21.47 42.09
N ARG A 287 -3.56 20.14 42.17
CA ARG A 287 -4.90 19.60 42.41
C ARG A 287 -4.88 18.44 43.39
N GLY A 288 -3.85 18.34 44.23
CA GLY A 288 -3.75 17.26 45.20
C GLY A 288 -3.25 15.94 44.65
N TYR A 289 -2.90 15.88 43.36
CA TYR A 289 -2.41 14.64 42.77
C TYR A 289 -0.92 14.41 43.00
N ASP A 290 -0.22 15.38 43.59
CA ASP A 290 1.21 15.33 43.89
C ASP A 290 2.02 14.76 42.73
N ASP A 291 3.08 14.01 43.04
CA ASP A 291 3.94 13.46 41.99
C ASP A 291 3.22 12.33 41.27
N GLU A 292 3.15 12.42 39.95
CA GLU A 292 2.49 11.41 39.13
C GLU A 292 3.28 11.21 37.85
N ASP A 293 3.01 10.09 37.18
CA ASP A 293 3.67 9.75 35.92
C ASP A 293 2.72 10.02 34.76
N ILE A 294 3.19 10.77 33.77
CA ILE A 294 2.36 11.09 32.61
C ILE A 294 2.40 9.97 31.58
N LEU A 295 3.60 9.55 31.20
CA LEU A 295 3.76 8.51 30.19
C LEU A 295 5.06 7.77 30.44
N LYS A 296 4.99 6.45 30.46
CA LYS A 296 6.18 5.62 30.68
C LYS A 296 5.92 4.25 30.10
N TYR A 297 6.65 3.91 29.04
CA TYR A 297 6.49 2.62 28.38
C TYR A 297 7.78 2.25 27.66
N VAL A 298 7.90 0.97 27.34
CA VAL A 298 9.04 0.44 26.58
C VAL A 298 8.50 -0.16 25.29
N ASP A 299 9.02 0.30 24.16
CA ASP A 299 8.58 -0.16 22.86
C ASP A 299 9.71 -0.96 22.20
N VAL A 300 9.39 -2.17 21.77
CA VAL A 300 10.34 -3.05 21.09
C VAL A 300 9.71 -3.52 19.78
N GLY A 301 10.47 -3.40 18.69
CA GLY A 301 9.96 -3.81 17.40
C GLY A 301 11.07 -3.83 16.38
N ALA A 302 10.71 -4.23 15.17
CA ALA A 302 11.66 -4.29 14.06
C ALA A 302 10.94 -3.89 12.78
N THR A 303 11.68 -3.22 11.90
CA THR A 303 11.17 -2.77 10.61
C THR A 303 12.00 -3.38 9.50
N TYR A 304 11.32 -4.03 8.54
CA TYR A 304 11.98 -4.67 7.41
C TYR A 304 11.65 -3.87 6.15
N TYR A 305 12.68 -3.42 5.45
CA TYR A 305 12.54 -2.63 4.24
C TYR A 305 12.70 -3.53 3.02
N PHE A 306 11.60 -3.83 2.34
CA PHE A 306 11.68 -4.60 1.10
C PHE A 306 12.44 -3.83 0.03
N ASN A 307 12.14 -2.55 -0.12
CA ASN A 307 12.81 -1.68 -1.07
C ASN A 307 12.80 -0.26 -0.52
N LYS A 308 13.08 0.72 -1.37
CA LYS A 308 13.06 2.12 -0.97
C LYS A 308 11.66 2.73 -1.00
N ASN A 309 10.64 1.97 -1.43
CA ASN A 309 9.29 2.49 -1.55
C ASN A 309 8.26 1.68 -0.77
N MET A 310 8.67 0.60 -0.11
CA MET A 310 7.74 -0.22 0.65
C MET A 310 8.49 -0.92 1.77
N SER A 311 7.84 -1.05 2.93
CA SER A 311 8.47 -1.67 4.08
C SER A 311 7.39 -2.22 5.00
N THR A 312 7.80 -3.12 5.90
CA THR A 312 6.92 -3.72 6.89
C THR A 312 7.57 -3.59 8.26
N TYR A 313 6.73 -3.31 9.27
CA TYR A 313 7.22 -3.09 10.63
C TYR A 313 6.26 -3.70 11.62
N VAL A 314 6.78 -4.02 12.80
CA VAL A 314 5.99 -4.52 13.92
C VAL A 314 6.39 -3.75 15.16
N ASP A 315 5.47 -3.68 16.13
CA ASP A 315 5.71 -2.94 17.35
C ASP A 315 5.06 -3.66 18.52
N TYR A 316 5.62 -3.44 19.71
CA TYR A 316 5.09 -4.02 20.95
C TYR A 316 5.29 -2.99 22.06
N LYS A 317 4.22 -2.28 22.40
CA LYS A 317 4.26 -1.25 23.43
C LYS A 317 3.98 -1.88 24.78
N ILE A 318 5.01 -1.94 25.63
CA ILE A 318 4.90 -2.51 26.97
C ILE A 318 4.61 -1.36 27.93
N ASN A 319 3.34 -1.23 28.33
CA ASN A 319 2.93 -0.18 29.26
C ASN A 319 3.01 -0.71 30.68
N LEU A 320 3.97 -0.19 31.45
CA LEU A 320 4.18 -0.60 32.84
C LEU A 320 3.64 0.43 33.83
N LEU A 321 2.75 1.30 33.40
CA LEU A 321 2.18 2.34 34.25
C LEU A 321 0.83 1.87 34.79
N ASP A 322 0.65 2.01 36.10
CA ASP A 322 -0.60 1.60 36.73
C ASP A 322 -1.72 2.56 36.39
N ASP A 323 -2.95 2.09 36.58
CA ASP A 323 -4.16 2.86 36.27
C ASP A 323 -4.78 3.30 37.60
N ASN A 324 -4.34 4.45 38.11
CA ASN A 324 -4.88 5.01 39.33
C ASN A 324 -6.02 5.96 39.00
N GLN A 325 -6.48 6.71 40.01
CA GLN A 325 -7.59 7.65 39.80
C GLN A 325 -7.20 8.77 38.85
N PHE A 326 -5.98 9.29 38.98
CA PHE A 326 -5.54 10.39 38.13
C PHE A 326 -5.46 9.96 36.67
N THR A 327 -4.95 8.75 36.41
CA THR A 327 -4.82 8.28 35.04
C THR A 327 -6.19 8.07 34.39
N ARG A 328 -7.16 7.56 35.14
CA ARG A 328 -8.50 7.35 34.60
C ARG A 328 -9.15 8.67 34.22
N ASP A 329 -9.00 9.70 35.06
CA ASP A 329 -9.57 11.01 34.74
C ASP A 329 -8.89 11.63 33.52
N ALA A 330 -7.57 11.49 33.43
CA ALA A 330 -6.85 12.08 32.30
C ALA A 330 -7.16 11.34 31.01
N GLY A 331 -7.25 10.01 31.07
CA GLY A 331 -7.55 9.23 29.88
C GLY A 331 -6.30 8.74 29.16
N ILE A 332 -5.37 8.16 29.91
CA ILE A 332 -4.12 7.65 29.36
C ILE A 332 -4.17 6.14 29.38
N ASN A 333 -3.79 5.52 28.26
CA ASN A 333 -3.81 4.07 28.16
C ASN A 333 -2.71 3.46 29.03
N THR A 334 -3.07 2.44 29.80
CA THR A 334 -2.14 1.79 30.72
C THR A 334 -1.85 0.33 30.37
N ASP A 335 -2.41 -0.19 29.28
CA ASP A 335 -2.22 -1.58 28.89
C ASP A 335 -1.42 -1.66 27.60
N ASN A 336 -0.93 -2.86 27.32
CA ASN A 336 -0.08 -3.07 26.16
C ASN A 336 -0.88 -2.98 24.87
N ILE A 337 -0.27 -2.38 23.84
CA ILE A 337 -0.87 -2.25 22.52
C ILE A 337 0.10 -2.81 21.50
N VAL A 338 -0.40 -3.65 20.60
CA VAL A 338 0.39 -4.26 19.54
C VAL A 338 0.04 -3.55 18.24
N ALA A 339 1.05 -3.00 17.57
CA ALA A 339 0.88 -2.26 16.33
C ALA A 339 1.60 -2.99 15.20
N LEU A 340 0.89 -3.19 14.09
CA LEU A 340 1.47 -3.82 12.91
C LEU A 340 0.71 -3.34 11.67
N GLY A 341 1.46 -3.05 10.61
CA GLY A 341 0.82 -2.54 9.40
C GLY A 341 1.83 -2.46 8.27
N LEU A 342 1.29 -2.14 7.09
CA LEU A 342 2.07 -2.01 5.87
C LEU A 342 2.06 -0.55 5.42
N VAL A 343 3.20 -0.08 4.91
CA VAL A 343 3.35 1.28 4.42
C VAL A 343 3.86 1.23 2.99
N TYR A 344 3.23 2.01 2.11
CA TYR A 344 3.62 2.10 0.71
C TYR A 344 3.84 3.57 0.38
N GLN A 345 5.10 3.96 0.20
CA GLN A 345 5.46 5.33 -0.11
C GLN A 345 5.81 5.44 -1.59
N PHE A 346 5.15 6.36 -2.30
CA PHE A 346 5.39 6.55 -3.72
C PHE A 346 6.06 7.91 -3.98
N GLU B 2 -0.27 6.98 -15.93
CA GLU B 2 1.16 6.74 -15.72
C GLU B 2 1.95 8.02 -15.92
N VAL B 3 2.23 8.72 -14.81
CA VAL B 3 2.99 9.97 -14.86
C VAL B 3 4.39 9.85 -14.29
N TYR B 4 4.74 8.69 -13.73
CA TYR B 4 6.07 8.48 -13.15
C TYR B 4 6.50 7.05 -13.41
N ASN B 5 7.68 6.89 -14.02
CA ASN B 5 8.22 5.55 -14.31
C ASN B 5 9.74 5.65 -14.25
N LYS B 6 10.30 5.27 -13.10
CA LYS B 6 11.74 5.31 -12.91
C LYS B 6 12.15 4.20 -11.94
N ASP B 7 13.28 3.57 -12.23
CA ASP B 7 13.88 2.49 -11.43
C ASP B 7 12.85 1.51 -10.90
N GLY B 8 11.87 1.14 -11.73
CA GLY B 8 10.85 0.19 -11.36
C GLY B 8 9.63 0.77 -10.69
N ASN B 9 9.71 2.02 -10.21
CA ASN B 9 8.57 2.66 -9.57
C ASN B 9 7.58 3.13 -10.63
N LYS B 10 6.31 2.77 -10.46
CA LYS B 10 5.25 3.14 -11.38
C LYS B 10 4.11 3.76 -10.60
N LEU B 11 3.68 4.95 -11.02
CA LEU B 11 2.57 5.66 -10.40
C LEU B 11 1.56 6.04 -11.48
N ASP B 12 0.31 5.66 -11.26
CA ASP B 12 -0.77 5.93 -12.21
C ASP B 12 -1.83 6.79 -11.54
N LEU B 13 -2.27 7.84 -12.23
CA LEU B 13 -3.30 8.74 -11.75
C LEU B 13 -4.57 8.53 -12.57
N TYR B 14 -5.69 8.31 -11.88
CA TYR B 14 -6.96 8.05 -12.54
C TYR B 14 -8.07 8.77 -11.80
N GLY B 15 -9.18 8.98 -12.50
CA GLY B 15 -10.32 9.66 -11.92
C GLY B 15 -11.27 10.11 -13.02
N LYS B 16 -12.38 10.71 -12.56
CA LYS B 16 -13.40 11.17 -13.50
C LYS B 16 -14.21 12.26 -12.83
N VAL B 17 -14.87 13.06 -13.66
CA VAL B 17 -15.77 14.12 -13.22
C VAL B 17 -17.15 13.83 -13.79
N ASP B 18 -18.15 13.76 -12.92
CA ASP B 18 -19.51 13.43 -13.31
C ASP B 18 -20.45 14.53 -12.85
N GLY B 19 -21.16 15.13 -13.81
CA GLY B 19 -22.16 16.13 -13.49
C GLY B 19 -23.57 15.58 -13.64
N LEU B 20 -24.26 15.36 -12.53
CA LEU B 20 -25.58 14.75 -12.52
C LEU B 20 -26.62 15.79 -12.17
N HIS B 21 -27.69 15.83 -12.98
CA HIS B 21 -28.83 16.72 -12.75
C HIS B 21 -30.08 15.83 -12.74
N TYR B 22 -30.45 15.34 -11.57
CA TYR B 22 -31.57 14.41 -11.46
C TYR B 22 -32.89 15.14 -11.67
N PHE B 23 -33.82 14.48 -12.36
CA PHE B 23 -35.16 14.99 -12.57
C PHE B 23 -36.15 13.96 -12.01
N SER B 24 -36.86 14.34 -10.95
CA SER B 24 -37.81 13.43 -10.33
C SER B 24 -38.81 14.24 -9.51
N ASP B 25 -39.93 13.60 -9.19
CA ASP B 25 -40.95 14.22 -8.36
C ASP B 25 -40.61 14.15 -6.87
N ASN B 26 -39.81 13.18 -6.46
CA ASN B 26 -39.44 13.05 -5.05
C ASN B 26 -38.46 14.14 -4.67
N LYS B 27 -38.72 14.81 -3.55
CA LYS B 27 -37.90 15.93 -3.12
C LYS B 27 -36.56 15.49 -2.52
N ASP B 28 -36.45 14.24 -2.07
CA ASP B 28 -35.21 13.77 -1.47
C ASP B 28 -34.15 13.41 -2.49
N VAL B 29 -34.51 13.30 -3.77
CA VAL B 29 -33.54 12.95 -4.80
C VAL B 29 -33.47 13.98 -5.92
N ASP B 30 -34.46 14.85 -6.06
CA ASP B 30 -34.43 15.85 -7.11
C ASP B 30 -33.37 16.91 -6.83
N GLY B 31 -32.68 17.33 -7.89
CA GLY B 31 -31.66 18.36 -7.81
C GLY B 31 -30.36 17.89 -8.41
N ASP B 32 -29.31 18.68 -8.22
CA ASP B 32 -28.00 18.35 -8.76
C ASP B 32 -27.29 17.36 -7.86
N GLN B 33 -26.59 16.41 -8.47
CA GLN B 33 -25.84 15.36 -7.78
C GLN B 33 -24.45 15.20 -8.39
N THR B 34 -23.77 16.33 -8.60
CA THR B 34 -22.45 16.30 -9.21
C THR B 34 -21.42 15.81 -8.20
N TYR B 35 -20.72 14.74 -8.56
CA TYR B 35 -19.66 14.17 -7.73
C TYR B 35 -18.40 13.98 -8.57
N MET B 36 -17.28 13.81 -7.88
CA MET B 36 -15.99 13.66 -8.54
C MET B 36 -15.17 12.60 -7.83
N ARG B 37 -14.49 11.76 -8.62
CA ARG B 37 -13.63 10.71 -8.10
C ARG B 37 -12.17 11.07 -8.38
N LEU B 38 -11.32 10.93 -7.36
CA LEU B 38 -9.91 11.26 -7.50
C LEU B 38 -9.08 10.27 -6.68
N GLY B 39 -8.00 9.79 -7.27
CA GLY B 39 -7.14 8.84 -6.59
C GLY B 39 -5.96 8.48 -7.46
N PHE B 40 -5.10 7.63 -6.90
CA PHE B 40 -3.90 7.16 -7.58
C PHE B 40 -3.78 5.65 -7.42
N LYS B 41 -2.95 5.05 -8.27
CA LYS B 41 -2.72 3.60 -8.25
C LYS B 41 -1.24 3.37 -8.55
N GLY B 42 -0.46 3.14 -7.49
CA GLY B 42 0.95 2.92 -7.62
C GLY B 42 1.32 1.44 -7.65
N GLU B 43 2.52 1.17 -8.19
CA GLU B 43 3.02 -0.20 -8.28
C GLU B 43 4.53 -0.15 -8.32
N THR B 44 5.18 -0.85 -7.39
CA THR B 44 6.64 -0.87 -7.29
C THR B 44 7.12 -2.31 -7.47
N GLN B 45 8.07 -2.49 -8.37
CA GLN B 45 8.67 -3.80 -8.63
C GLN B 45 9.89 -3.95 -7.74
N VAL B 46 9.76 -4.73 -6.67
CA VAL B 46 10.87 -4.94 -5.75
C VAL B 46 11.90 -5.88 -6.35
N THR B 47 11.50 -7.12 -6.64
CA THR B 47 12.38 -8.09 -7.26
C THR B 47 11.73 -8.67 -8.51
N ASP B 48 12.36 -9.69 -9.10
CA ASP B 48 11.80 -10.32 -10.29
C ASP B 48 10.54 -11.11 -9.97
N GLN B 49 10.48 -11.73 -8.79
CA GLN B 49 9.34 -12.54 -8.38
C GLN B 49 8.53 -11.90 -7.26
N LEU B 50 8.71 -10.61 -7.00
CA LEU B 50 7.95 -9.91 -5.97
C LEU B 50 7.71 -8.48 -6.44
N THR B 51 6.45 -8.08 -6.47
CA THR B 51 6.06 -6.74 -6.91
C THR B 51 5.07 -6.15 -5.92
N GLY B 52 5.33 -4.92 -5.48
CA GLY B 52 4.42 -4.23 -4.59
C GLY B 52 3.48 -3.31 -5.35
N TYR B 53 2.31 -3.08 -4.74
CA TYR B 53 1.29 -2.25 -5.38
C TYR B 53 0.40 -1.64 -4.31
N GLY B 54 -0.33 -0.59 -4.71
CA GLY B 54 -1.25 0.08 -3.81
C GLY B 54 -2.36 0.73 -4.61
N GLN B 55 -3.41 1.14 -3.88
CA GLN B 55 -4.57 1.75 -4.50
C GLN B 55 -5.24 2.69 -3.51
N TRP B 56 -5.67 3.84 -4.01
CA TRP B 56 -6.39 4.82 -3.19
C TRP B 56 -7.35 5.58 -4.09
N GLU B 57 -8.50 5.95 -3.52
CA GLU B 57 -9.51 6.70 -4.25
C GLU B 57 -10.30 7.56 -3.27
N TYR B 58 -10.67 8.75 -3.74
CA TYR B 58 -11.46 9.70 -2.94
C TYR B 58 -12.67 10.14 -3.74
N GLN B 59 -13.75 10.47 -3.03
CA GLN B 59 -14.99 10.92 -3.65
C GLN B 59 -15.45 12.18 -2.94
N ILE B 60 -15.44 13.31 -3.65
CA ILE B 60 -15.89 14.60 -3.11
C ILE B 60 -17.09 15.05 -3.93
N GLN B 61 -18.21 15.31 -3.24
CA GLN B 61 -19.43 15.74 -3.91
C GLN B 61 -19.33 17.23 -4.23
N GLY B 62 -19.47 17.56 -5.52
CA GLY B 62 -19.42 18.93 -5.97
C GLY B 62 -20.73 19.68 -5.95
N ASN B 63 -21.80 19.05 -5.48
CA ASN B 63 -23.12 19.69 -5.41
C ASN B 63 -23.33 20.46 -4.12
N SER B 64 -22.42 20.36 -3.16
CA SER B 64 -22.56 21.05 -1.89
C SER B 64 -22.17 22.52 -2.04
N ALA B 65 -22.42 23.29 -0.99
CA ALA B 65 -22.11 24.71 -0.98
C ALA B 65 -20.65 24.90 -0.55
N GLU B 66 -20.26 26.15 -0.29
CA GLU B 66 -18.90 26.48 0.11
C GLU B 66 -18.68 26.37 1.61
N ASN B 67 -19.73 26.07 2.38
CA ASN B 67 -19.61 25.94 3.82
C ASN B 67 -19.85 24.52 4.31
N GLU B 68 -20.06 23.56 3.40
CA GLU B 68 -20.30 22.17 3.77
C GLU B 68 -19.34 21.27 3.01
N ASN B 69 -19.00 20.14 3.63
CA ASN B 69 -18.09 19.16 3.06
C ASN B 69 -18.77 17.80 3.02
N ASN B 70 -18.69 17.13 1.87
CA ASN B 70 -19.28 15.81 1.66
C ASN B 70 -18.28 14.88 1.00
N SER B 71 -17.06 14.88 1.51
CA SER B 71 -15.98 14.07 0.96
C SER B 71 -15.77 12.82 1.81
N TRP B 72 -15.56 11.68 1.14
CA TRP B 72 -15.31 10.43 1.84
C TRP B 72 -14.44 9.54 0.96
N THR B 73 -13.78 8.57 1.60
CA THR B 73 -12.92 7.64 0.90
C THR B 73 -13.71 6.42 0.44
N ARG B 74 -13.23 5.79 -0.63
CA ARG B 74 -13.87 4.61 -1.19
C ARG B 74 -13.03 3.36 -1.00
N VAL B 75 -11.78 3.37 -1.48
CA VAL B 75 -10.88 2.23 -1.34
C VAL B 75 -9.50 2.75 -0.98
N ALA B 76 -8.86 2.08 0.01
CA ALA B 76 -7.51 2.45 0.42
C ALA B 76 -6.87 1.19 1.03
N PHE B 77 -6.03 0.53 0.27
CA PHE B 77 -5.41 -0.71 0.72
C PHE B 77 -4.02 -0.84 0.10
N ALA B 78 -3.18 -1.64 0.75
CA ALA B 78 -1.83 -1.93 0.27
C ALA B 78 -1.54 -3.41 0.44
N GLY B 79 -0.66 -3.93 -0.39
CA GLY B 79 -0.31 -5.34 -0.33
C GLY B 79 0.89 -5.64 -1.20
N LEU B 80 1.34 -6.89 -1.11
CA LEU B 80 2.48 -7.37 -1.88
C LEU B 80 2.03 -8.50 -2.81
N LYS B 81 2.58 -8.51 -4.01
CA LYS B 81 2.26 -9.52 -5.01
C LYS B 81 3.53 -10.26 -5.42
N PHE B 82 3.48 -11.59 -5.33
CA PHE B 82 4.61 -12.43 -5.72
C PHE B 82 4.47 -12.82 -7.19
N GLN B 83 5.28 -13.78 -7.63
CA GLN B 83 5.26 -14.18 -9.03
C GLN B 83 3.95 -14.86 -9.39
N ASP B 84 3.68 -16.02 -8.78
CA ASP B 84 2.37 -16.65 -8.91
C ASP B 84 2.10 -17.46 -7.64
N VAL B 85 1.47 -16.81 -6.67
CA VAL B 85 0.94 -17.49 -5.48
C VAL B 85 -0.45 -16.95 -5.21
N GLY B 86 -0.80 -15.83 -5.85
CA GLY B 86 -2.03 -15.14 -5.58
C GLY B 86 -1.79 -13.68 -5.24
N SER B 87 -2.67 -13.09 -4.43
CA SER B 87 -2.50 -11.71 -4.00
C SER B 87 -3.15 -11.52 -2.64
N PHE B 88 -2.48 -10.78 -1.77
CA PHE B 88 -2.98 -10.49 -0.43
C PHE B 88 -2.81 -9.00 -0.15
N ASP B 89 -3.89 -8.36 0.28
CA ASP B 89 -3.88 -6.95 0.58
C ASP B 89 -4.77 -6.67 1.79
N TYR B 90 -4.33 -5.76 2.65
CA TYR B 90 -5.08 -5.36 3.83
C TYR B 90 -5.36 -3.87 3.79
N GLY B 91 -6.60 -3.49 4.09
CA GLY B 91 -7.01 -2.11 4.07
C GLY B 91 -8.46 -2.00 3.63
N ARG B 92 -8.80 -0.82 3.12
CA ARG B 92 -10.15 -0.55 2.62
C ARG B 92 -10.24 -1.07 1.19
N ASN B 93 -10.88 -2.24 1.04
CA ASN B 93 -11.01 -2.88 -0.27
C ASN B 93 -12.44 -3.40 -0.42
N TYR B 94 -12.68 -4.10 -1.52
CA TYR B 94 -14.00 -4.65 -1.82
C TYR B 94 -14.14 -6.04 -1.21
N GLY B 95 -15.38 -6.40 -0.87
CA GLY B 95 -15.65 -7.68 -0.29
C GLY B 95 -15.66 -8.82 -1.30
N VAL B 96 -15.71 -10.04 -0.77
CA VAL B 96 -15.75 -11.22 -1.63
C VAL B 96 -17.07 -11.29 -2.40
N VAL B 97 -18.17 -10.85 -1.77
CA VAL B 97 -19.45 -10.85 -2.45
C VAL B 97 -19.44 -9.87 -3.63
N TYR B 98 -18.78 -8.73 -3.45
CA TYR B 98 -18.70 -7.74 -4.53
C TYR B 98 -17.94 -8.26 -5.74
N ASP B 99 -17.06 -9.25 -5.56
CA ASP B 99 -16.32 -9.80 -6.69
C ASP B 99 -17.22 -10.61 -7.61
N VAL B 100 -18.32 -11.14 -7.09
CA VAL B 100 -19.22 -11.99 -7.89
C VAL B 100 -20.42 -11.17 -8.35
N THR B 101 -20.87 -10.25 -7.50
CA THR B 101 -22.05 -9.44 -7.83
C THR B 101 -21.73 -8.27 -8.75
N SER B 102 -20.45 -8.03 -9.06
CA SER B 102 -20.09 -6.94 -9.95
C SER B 102 -20.45 -7.21 -11.41
N TRP B 103 -20.83 -8.44 -11.75
CA TRP B 103 -21.24 -8.75 -13.11
C TRP B 103 -22.51 -7.99 -13.49
N THR B 104 -23.45 -7.86 -12.56
CA THR B 104 -24.69 -7.14 -12.79
C THR B 104 -24.55 -5.65 -12.48
N ASP B 105 -23.41 -5.20 -11.98
CA ASP B 105 -23.17 -3.78 -11.70
C ASP B 105 -22.51 -3.13 -12.91
N VAL B 106 -23.28 -3.09 -14.00
CA VAL B 106 -22.79 -2.54 -15.27
C VAL B 106 -23.45 -1.21 -15.62
N LEU B 107 -24.49 -0.80 -14.91
CA LEU B 107 -25.13 0.47 -15.20
C LEU B 107 -24.19 1.63 -14.89
N PRO B 108 -24.28 2.73 -15.63
CA PRO B 108 -23.37 3.86 -15.38
C PRO B 108 -23.50 4.46 -13.99
N GLU B 109 -24.73 4.73 -13.54
CA GLU B 109 -24.96 5.36 -12.25
C GLU B 109 -25.75 4.48 -11.31
N PHE B 110 -26.85 3.89 -11.76
CA PHE B 110 -27.69 3.06 -10.90
C PHE B 110 -27.15 1.63 -10.85
N GLY B 111 -27.92 0.73 -10.29
CA GLY B 111 -27.50 -0.67 -10.18
C GLY B 111 -26.86 -0.97 -8.85
N GLY B 112 -27.02 -2.22 -8.42
CA GLY B 112 -26.47 -2.66 -7.14
C GLY B 112 -27.08 -1.96 -5.95
N ASP B 113 -28.38 -1.67 -6.01
CA ASP B 113 -29.06 -0.99 -4.91
C ASP B 113 -29.56 -1.94 -3.84
N THR B 114 -29.48 -3.25 -4.05
CA THR B 114 -29.92 -4.20 -3.04
C THR B 114 -29.07 -4.11 -1.79
N TYR B 115 -27.75 -3.99 -1.95
CA TYR B 115 -26.85 -3.88 -0.83
C TYR B 115 -26.60 -2.40 -0.50
N GLY B 116 -25.64 -2.13 0.37
CA GLY B 116 -25.31 -0.77 0.75
C GLY B 116 -23.86 -0.66 1.16
N SER B 117 -23.44 0.59 1.36
CA SER B 117 -22.06 0.85 1.75
C SER B 117 -21.80 0.35 3.17
N ASP B 118 -20.64 -0.27 3.36
CA ASP B 118 -20.21 -0.81 4.66
C ASP B 118 -21.21 -1.82 5.21
N ASN B 119 -21.86 -2.58 4.32
CA ASN B 119 -22.82 -3.59 4.72
C ASN B 119 -22.13 -4.94 4.75
N PHE B 120 -21.44 -5.20 5.87
CA PHE B 120 -20.68 -6.42 6.06
C PHE B 120 -19.68 -6.64 4.94
N MET B 121 -19.52 -7.89 4.51
CA MET B 121 -18.60 -8.23 3.42
C MET B 121 -19.36 -8.31 2.10
N GLN B 122 -19.94 -7.19 1.70
CA GLN B 122 -20.65 -7.06 0.43
C GLN B 122 -20.15 -5.93 -0.44
N GLN B 123 -19.62 -4.86 0.15
CA GLN B 123 -19.08 -3.74 -0.60
C GLN B 123 -17.82 -3.27 0.13
N ARG B 124 -17.34 -2.08 -0.23
CA ARG B 124 -16.15 -1.53 0.41
C ARG B 124 -16.38 -1.31 1.90
N GLY B 125 -15.34 -1.54 2.69
CA GLY B 125 -15.45 -1.40 4.13
C GLY B 125 -14.07 -1.17 4.75
N ASN B 126 -14.07 -1.05 6.07
CA ASN B 126 -12.86 -0.81 6.83
C ASN B 126 -12.35 -2.11 7.45
N GLY B 127 -11.02 -2.21 7.54
CA GLY B 127 -10.41 -3.40 8.12
C GLY B 127 -10.61 -4.67 7.31
N PHE B 128 -10.56 -4.56 5.98
CA PHE B 128 -10.76 -5.70 5.11
C PHE B 128 -9.42 -6.33 4.77
N ALA B 129 -9.29 -7.63 5.04
CA ALA B 129 -8.10 -8.40 4.70
C ALA B 129 -8.52 -9.49 3.71
N THR B 130 -8.17 -9.28 2.44
CA THR B 130 -8.59 -10.16 1.36
C THR B 130 -7.37 -10.83 0.74
N TYR B 131 -7.44 -12.15 0.57
CA TYR B 131 -6.41 -12.92 -0.10
C TYR B 131 -7.03 -13.54 -1.36
N ARG B 132 -6.55 -13.12 -2.52
CA ARG B 132 -7.09 -13.56 -3.80
C ARG B 132 -6.03 -14.34 -4.56
N ASN B 133 -6.42 -15.50 -5.09
CA ASN B 133 -5.53 -16.35 -5.86
C ASN B 133 -6.04 -16.45 -7.29
N THR B 134 -5.13 -16.28 -8.25
CA THR B 134 -5.48 -16.27 -9.67
C THR B 134 -4.94 -17.53 -10.34
N ASP B 135 -5.77 -18.15 -11.17
CA ASP B 135 -5.41 -19.33 -11.97
C ASP B 135 -5.04 -20.53 -11.11
N PHE B 136 -5.48 -20.54 -9.85
CA PHE B 136 -5.23 -21.64 -8.92
C PHE B 136 -3.74 -21.96 -8.82
N PHE B 137 -2.97 -20.94 -8.40
CA PHE B 137 -1.52 -21.04 -8.25
C PHE B 137 -0.86 -21.46 -9.55
N GLY B 138 -1.37 -20.96 -10.67
CA GLY B 138 -0.80 -21.26 -11.98
C GLY B 138 -0.95 -22.71 -12.40
N LEU B 139 -2.09 -23.33 -12.09
CA LEU B 139 -2.35 -24.72 -12.47
C LEU B 139 -3.39 -24.83 -13.58
N VAL B 140 -4.55 -24.19 -13.41
CA VAL B 140 -5.59 -24.20 -14.43
C VAL B 140 -5.83 -22.77 -14.91
N ASP B 141 -6.69 -22.61 -15.92
CA ASP B 141 -6.98 -21.31 -16.50
C ASP B 141 -8.45 -20.96 -16.25
N GLY B 142 -8.67 -19.78 -15.68
CA GLY B 142 -10.01 -19.27 -15.46
C GLY B 142 -10.63 -19.63 -14.13
N LEU B 143 -9.99 -20.48 -13.34
CA LEU B 143 -10.53 -20.90 -12.03
C LEU B 143 -9.81 -20.10 -10.95
N ASN B 144 -10.53 -19.13 -10.38
CA ASN B 144 -9.99 -18.28 -9.33
C ASN B 144 -10.83 -18.39 -8.07
N PHE B 145 -10.18 -18.26 -6.91
CA PHE B 145 -10.86 -18.28 -5.63
C PHE B 145 -10.18 -17.30 -4.69
N ALA B 146 -10.91 -16.88 -3.67
CA ALA B 146 -10.40 -15.89 -2.73
C ALA B 146 -11.04 -16.09 -1.36
N VAL B 147 -10.36 -15.57 -0.34
CA VAL B 147 -10.83 -15.60 1.03
C VAL B 147 -10.68 -14.21 1.61
N GLN B 148 -11.45 -13.92 2.66
CA GLN B 148 -11.46 -12.60 3.27
C GLN B 148 -11.65 -12.71 4.77
N TYR B 149 -11.21 -11.67 5.47
CA TYR B 149 -11.36 -11.56 6.91
C TYR B 149 -11.84 -10.15 7.26
N GLN B 150 -12.54 -10.03 8.38
CA GLN B 150 -13.12 -8.77 8.80
C GLN B 150 -12.77 -8.49 10.25
N GLY B 151 -12.81 -7.21 10.61
CA GLY B 151 -12.53 -6.76 11.95
C GLY B 151 -13.75 -6.78 12.84
N LYS B 152 -13.69 -5.99 13.91
CA LYS B 152 -14.75 -5.91 14.91
C LYS B 152 -15.09 -4.46 15.22
N ASN B 153 -15.25 -3.65 14.17
CA ASN B 153 -15.62 -2.25 14.35
C ASN B 153 -17.05 -2.15 14.83
N GLY B 154 -17.27 -1.35 15.87
CA GLY B 154 -18.60 -1.18 16.43
C GLY B 154 -18.95 0.25 16.78
N ASN B 155 -19.43 0.45 18.01
CA ASN B 155 -19.82 1.78 18.44
C ASN B 155 -18.60 2.68 18.61
N PRO B 156 -18.77 4.00 18.45
CA PRO B 156 -17.64 4.91 18.67
C PRO B 156 -17.16 4.87 20.11
N SER B 157 -15.85 5.05 20.27
CA SER B 157 -15.26 5.03 21.60
C SER B 157 -15.65 6.28 22.39
N GLY B 158 -15.56 7.44 21.75
CA GLY B 158 -15.87 8.70 22.42
C GLY B 158 -17.34 9.05 22.41
N GLU B 159 -18.18 8.14 22.90
CA GLU B 159 -19.62 8.37 22.97
C GLU B 159 -20.21 8.06 24.34
N GLY B 160 -19.37 7.81 25.34
CA GLY B 160 -19.87 7.51 26.67
C GLY B 160 -20.65 6.21 26.76
N PHE B 161 -20.19 5.17 26.07
CA PHE B 161 -20.85 3.87 26.06
C PHE B 161 -20.03 2.88 26.87
N THR B 162 -20.68 2.17 27.77
CA THR B 162 -20.02 1.19 28.62
C THR B 162 -19.94 -0.20 27.97
N SER B 163 -20.53 -0.37 26.79
CA SER B 163 -20.48 -1.64 26.09
C SER B 163 -19.28 -1.66 25.14
N GLY B 164 -19.22 -2.68 24.28
CA GLY B 164 -18.14 -2.77 23.31
C GLY B 164 -18.13 -1.63 22.33
N VAL B 165 -17.00 -0.94 22.23
CA VAL B 165 -16.85 0.22 21.37
C VAL B 165 -15.56 0.09 20.56
N THR B 166 -15.46 0.89 19.51
CA THR B 166 -14.29 0.90 18.64
C THR B 166 -13.92 2.34 18.32
N ASN B 167 -12.62 2.55 18.05
CA ASN B 167 -12.14 3.91 17.78
C ASN B 167 -12.77 4.48 16.51
N ASN B 168 -12.86 3.67 15.46
CA ASN B 168 -13.47 4.11 14.20
C ASN B 168 -14.94 3.70 14.14
N GLY B 169 -15.69 4.17 15.14
CA GLY B 169 -17.09 3.83 15.25
C GLY B 169 -17.96 4.67 14.34
N ARG B 170 -19.24 4.29 14.30
CA ARG B 170 -20.24 4.98 13.48
C ARG B 170 -21.61 4.72 14.10
N ASP B 171 -22.66 5.03 13.35
CA ASP B 171 -24.02 4.79 13.82
C ASP B 171 -24.30 3.30 13.89
N ALA B 172 -25.46 2.96 14.45
CA ALA B 172 -25.84 1.56 14.61
C ALA B 172 -26.45 1.00 13.32
N LEU B 173 -25.73 1.16 12.21
CA LEU B 173 -26.18 0.63 10.94
C LEU B 173 -25.06 0.01 10.10
N ARG B 174 -23.81 0.05 10.58
CA ARG B 174 -22.70 -0.49 9.82
C ARG B 174 -21.76 -1.34 10.67
N GLN B 175 -22.08 -1.58 11.94
CA GLN B 175 -21.21 -2.37 12.80
C GLN B 175 -21.21 -3.84 12.37
N ASN B 176 -20.10 -4.51 12.63
CA ASN B 176 -19.95 -5.91 12.25
C ASN B 176 -18.91 -6.56 13.15
N GLY B 177 -19.15 -7.82 13.49
CA GLY B 177 -18.24 -8.58 14.32
C GLY B 177 -17.21 -9.34 13.51
N ASP B 178 -16.51 -10.25 14.18
CA ASP B 178 -15.48 -11.06 13.54
C ASP B 178 -16.14 -12.11 12.66
N GLY B 179 -15.95 -11.98 11.34
CA GLY B 179 -16.53 -12.91 10.40
C GLY B 179 -15.54 -13.26 9.31
N VAL B 180 -15.87 -14.34 8.58
CA VAL B 180 -15.04 -14.83 7.50
C VAL B 180 -15.91 -15.01 6.26
N GLY B 181 -15.26 -14.99 5.10
CA GLY B 181 -15.98 -15.14 3.84
C GLY B 181 -15.04 -15.55 2.73
N GLY B 182 -15.63 -16.08 1.66
CA GLY B 182 -14.85 -16.50 0.51
C GLY B 182 -15.71 -16.53 -0.73
N SER B 183 -15.03 -16.56 -1.88
CA SER B 183 -15.71 -16.57 -3.17
C SER B 183 -14.92 -17.43 -4.14
N ILE B 184 -15.64 -18.03 -5.09
CA ILE B 184 -15.03 -18.84 -6.15
C ILE B 184 -15.64 -18.42 -7.48
N THR B 185 -14.79 -18.19 -8.47
CA THR B 185 -15.23 -17.76 -9.79
C THR B 185 -14.58 -18.63 -10.86
N TYR B 186 -15.32 -18.89 -11.94
CA TYR B 186 -14.84 -19.67 -13.06
C TYR B 186 -14.97 -18.84 -14.33
N ASP B 187 -13.91 -18.81 -15.12
CA ASP B 187 -13.88 -18.04 -16.36
C ASP B 187 -13.72 -18.98 -17.55
N TYR B 188 -14.20 -18.51 -18.70
CA TYR B 188 -14.13 -19.28 -19.94
C TYR B 188 -14.21 -18.29 -21.11
N GLU B 189 -14.40 -18.82 -22.31
CA GLU B 189 -14.53 -17.99 -23.51
C GLU B 189 -15.93 -17.37 -23.51
N GLY B 190 -16.06 -16.27 -22.77
CA GLY B 190 -17.33 -15.58 -22.64
C GLY B 190 -18.17 -16.01 -21.45
N PHE B 191 -18.41 -17.32 -21.33
CA PHE B 191 -19.20 -17.83 -20.23
C PHE B 191 -18.44 -17.71 -18.90
N GLY B 192 -19.20 -17.52 -17.83
CA GLY B 192 -18.60 -17.39 -16.51
C GLY B 192 -19.49 -17.91 -15.40
N ILE B 193 -18.89 -18.58 -14.42
CA ILE B 193 -19.60 -19.15 -13.28
C ILE B 193 -18.99 -18.57 -12.01
N GLY B 194 -19.85 -18.01 -11.15
CA GLY B 194 -19.40 -17.41 -9.92
C GLY B 194 -20.22 -17.88 -8.75
N GLY B 195 -19.66 -17.68 -7.55
CA GLY B 195 -20.32 -18.06 -6.31
C GLY B 195 -19.54 -17.65 -5.09
N ALA B 196 -20.22 -17.07 -4.10
CA ALA B 196 -19.59 -16.61 -2.87
C ALA B 196 -20.39 -17.08 -1.66
N ILE B 197 -19.67 -17.40 -0.59
CA ILE B 197 -20.28 -17.78 0.68
C ILE B 197 -19.74 -16.86 1.76
N SER B 198 -20.65 -16.23 2.50
CA SER B 198 -20.29 -15.26 3.52
C SER B 198 -21.03 -15.55 4.82
N SER B 199 -20.36 -15.27 5.94
CA SER B 199 -20.97 -15.44 7.26
C SER B 199 -20.18 -14.57 8.22
N SER B 200 -20.81 -13.50 8.71
CA SER B 200 -20.15 -12.56 9.61
C SER B 200 -21.02 -12.31 10.83
N LYS B 201 -20.38 -12.24 11.99
CA LYS B 201 -21.08 -11.97 13.23
C LYS B 201 -21.46 -10.49 13.31
N ARG B 202 -22.47 -10.19 14.12
CA ARG B 202 -22.94 -8.84 14.34
C ARG B 202 -22.83 -8.49 15.82
N THR B 203 -22.56 -7.22 16.10
CA THR B 203 -22.39 -6.76 17.47
C THR B 203 -23.72 -6.76 18.21
N ASP B 204 -23.65 -6.62 19.54
CA ASP B 204 -24.85 -6.60 20.36
C ASP B 204 -25.69 -5.36 20.11
N ALA B 205 -25.04 -4.22 19.82
CA ALA B 205 -25.77 -2.99 19.57
C ALA B 205 -26.58 -3.05 18.27
N GLN B 206 -26.28 -3.99 17.39
CA GLN B 206 -27.01 -4.09 16.12
C GLN B 206 -28.46 -4.53 16.34
N ASN B 207 -28.72 -5.31 17.38
CA ASN B 207 -30.06 -5.83 17.67
C ASN B 207 -30.47 -5.52 19.10
N THR B 208 -30.25 -4.27 19.51
CA THR B 208 -30.66 -3.85 20.85
C THR B 208 -32.12 -3.41 20.85
N ALA B 209 -32.46 -2.44 20.02
CA ALA B 209 -33.84 -1.95 19.92
C ALA B 209 -34.61 -2.80 18.92
N ALA B 210 -35.81 -2.34 18.56
CA ALA B 210 -36.65 -3.06 17.60
C ALA B 210 -36.14 -2.76 16.20
N TYR B 211 -35.21 -3.60 15.72
CA TYR B 211 -34.61 -3.45 14.41
C TYR B 211 -35.18 -4.42 13.39
N ILE B 212 -36.43 -4.86 13.59
CA ILE B 212 -37.15 -5.73 12.66
C ILE B 212 -36.49 -7.10 12.59
N GLY B 213 -35.23 -7.14 12.17
CA GLY B 213 -34.51 -8.39 12.02
C GLY B 213 -33.51 -8.59 13.15
N ASN B 214 -33.57 -9.78 13.75
CA ASN B 214 -32.69 -10.16 14.84
C ASN B 214 -32.06 -11.51 14.55
N GLY B 215 -30.89 -11.75 15.14
CA GLY B 215 -30.19 -13.00 14.96
C GLY B 215 -28.76 -12.98 15.46
N ASP B 216 -28.23 -14.15 15.82
CA ASP B 216 -26.87 -14.22 16.33
C ASP B 216 -25.85 -14.09 15.19
N ARG B 217 -26.14 -14.67 14.03
CA ARG B 217 -25.23 -14.66 12.90
C ARG B 217 -25.98 -14.29 11.63
N ALA B 218 -25.25 -13.79 10.66
CA ALA B 218 -25.80 -13.40 9.36
C ALA B 218 -25.06 -14.15 8.27
N GLU B 219 -25.79 -14.88 7.44
CA GLU B 219 -25.23 -15.65 6.35
C GLU B 219 -25.58 -15.02 5.01
N THR B 220 -24.72 -15.25 4.02
CA THR B 220 -24.91 -14.68 2.68
C THR B 220 -24.36 -15.65 1.65
N TYR B 221 -25.23 -16.11 0.76
CA TYR B 221 -24.84 -16.99 -0.33
C TYR B 221 -25.20 -16.33 -1.65
N THR B 222 -24.22 -16.23 -2.55
CA THR B 222 -24.38 -15.57 -3.85
C THR B 222 -24.20 -16.59 -4.96
N GLY B 223 -24.32 -16.11 -6.20
CA GLY B 223 -24.16 -16.96 -7.37
C GLY B 223 -24.79 -16.35 -8.61
N GLY B 224 -24.11 -16.46 -9.75
CA GLY B 224 -24.64 -15.89 -10.97
C GLY B 224 -23.85 -16.36 -12.17
N LEU B 225 -24.39 -16.06 -13.35
CA LEU B 225 -23.77 -16.41 -14.62
C LEU B 225 -23.59 -15.14 -15.46
N LYS B 226 -22.51 -15.13 -16.23
CA LYS B 226 -22.19 -13.98 -17.07
C LYS B 226 -21.80 -14.46 -18.46
N TYR B 227 -21.96 -13.57 -19.44
CA TYR B 227 -21.61 -13.88 -20.83
C TYR B 227 -21.10 -12.61 -21.48
N ASP B 228 -19.79 -12.54 -21.70
CA ASP B 228 -19.14 -11.36 -22.31
C ASP B 228 -18.35 -11.84 -23.52
N ALA B 229 -19.02 -11.88 -24.68
CA ALA B 229 -18.38 -12.30 -25.92
C ALA B 229 -19.11 -11.67 -27.09
N ASN B 230 -18.37 -11.43 -28.18
CA ASN B 230 -18.92 -10.85 -29.41
C ASN B 230 -19.60 -9.51 -29.12
N ASN B 231 -19.01 -8.71 -28.23
CA ASN B 231 -19.53 -7.40 -27.85
C ASN B 231 -20.94 -7.50 -27.27
N ILE B 232 -21.25 -8.61 -26.61
CA ILE B 232 -22.54 -8.82 -25.96
C ILE B 232 -22.29 -9.09 -24.49
N TYR B 233 -22.99 -8.34 -23.63
CA TYR B 233 -22.84 -8.45 -22.19
C TYR B 233 -24.18 -8.90 -21.59
N LEU B 234 -24.26 -10.16 -21.17
CA LEU B 234 -25.44 -10.70 -20.54
C LEU B 234 -25.05 -11.30 -19.19
N ALA B 235 -25.70 -10.86 -18.12
CA ALA B 235 -25.40 -11.34 -16.79
C ALA B 235 -26.70 -11.49 -16.00
N ALA B 236 -26.70 -12.45 -15.08
CA ALA B 236 -27.86 -12.70 -14.22
C ALA B 236 -27.37 -13.35 -12.94
N GLN B 237 -27.58 -12.67 -11.81
CA GLN B 237 -27.11 -13.15 -10.51
C GLN B 237 -28.26 -13.16 -9.53
N TYR B 238 -28.43 -14.28 -8.82
CA TYR B 238 -29.46 -14.43 -7.80
C TYR B 238 -28.78 -14.84 -6.50
N THR B 239 -29.16 -14.19 -5.40
CA THR B 239 -28.55 -14.44 -4.10
C THR B 239 -29.65 -14.45 -3.04
N GLN B 240 -29.35 -15.13 -1.93
CA GLN B 240 -30.26 -15.22 -0.79
C GLN B 240 -29.45 -14.92 0.47
N THR B 241 -29.72 -13.78 1.10
CA THR B 241 -28.99 -13.34 2.27
C THR B 241 -29.90 -13.35 3.49
N TYR B 242 -29.31 -13.59 4.66
CA TYR B 242 -30.02 -13.59 5.93
C TYR B 242 -29.44 -12.51 6.82
N ASN B 243 -30.27 -11.52 7.17
CA ASN B 243 -29.88 -10.41 8.03
C ASN B 243 -28.64 -9.70 7.48
N ALA B 244 -28.61 -9.51 6.16
CA ALA B 244 -27.49 -8.87 5.49
C ALA B 244 -27.87 -7.72 4.57
N THR B 245 -29.17 -7.52 4.29
CA THR B 245 -29.64 -6.45 3.43
C THR B 245 -30.38 -5.42 4.28
N ARG B 246 -30.02 -4.14 4.10
CA ARG B 246 -30.64 -3.07 4.84
C ARG B 246 -31.96 -2.68 4.20
N VAL B 247 -33.06 -2.80 4.95
CA VAL B 247 -34.36 -2.39 4.45
C VAL B 247 -34.41 -0.86 4.31
N GLY B 248 -33.86 -0.15 5.29
CA GLY B 248 -33.89 1.30 5.29
C GLY B 248 -33.70 1.89 6.67
N SER B 249 -34.59 2.79 7.07
CA SER B 249 -34.54 3.42 8.37
C SER B 249 -35.29 2.62 9.44
N LEU B 250 -35.82 1.46 9.09
CA LEU B 250 -36.57 0.64 10.04
C LEU B 250 -35.74 -0.47 10.67
N GLY B 251 -34.69 -0.94 10.00
CA GLY B 251 -33.84 -1.98 10.56
C GLY B 251 -33.29 -2.94 9.52
N TRP B 252 -33.39 -4.23 9.81
CA TRP B 252 -32.86 -5.27 8.94
C TRP B 252 -33.95 -6.30 8.66
N ALA B 253 -33.78 -7.01 7.55
CA ALA B 253 -34.72 -8.05 7.13
C ALA B 253 -34.13 -9.42 7.42
N ASN B 254 -34.91 -10.28 8.08
CA ASN B 254 -34.44 -11.62 8.40
C ASN B 254 -34.19 -12.44 7.13
N LYS B 255 -35.10 -12.34 6.17
CA LYS B 255 -34.97 -13.08 4.91
C LYS B 255 -35.19 -12.11 3.75
N ALA B 256 -34.35 -12.24 2.72
CA ALA B 256 -34.44 -11.39 1.54
C ALA B 256 -34.01 -12.18 0.33
N GLN B 257 -34.90 -12.30 -0.65
CA GLN B 257 -34.63 -12.99 -1.91
C GLN B 257 -34.62 -11.95 -3.01
N ASN B 258 -33.42 -11.59 -3.47
CA ASN B 258 -33.24 -10.57 -4.49
C ASN B 258 -32.51 -11.18 -5.69
N PHE B 259 -33.02 -10.89 -6.89
CA PHE B 259 -32.43 -11.36 -8.13
C PHE B 259 -32.36 -10.22 -9.12
N GLU B 260 -31.24 -10.13 -9.84
CA GLU B 260 -31.02 -9.09 -10.84
C GLU B 260 -30.45 -9.69 -12.11
N ALA B 261 -30.73 -9.04 -13.23
CA ALA B 261 -30.24 -9.48 -14.53
C ALA B 261 -30.06 -8.27 -15.43
N VAL B 262 -28.95 -8.25 -16.17
CA VAL B 262 -28.63 -7.15 -17.07
C VAL B 262 -28.46 -7.71 -18.48
N ALA B 263 -28.60 -6.80 -19.45
CA ALA B 263 -28.44 -7.17 -20.86
C ALA B 263 -27.89 -5.96 -21.61
N GLN B 264 -26.72 -6.12 -22.21
CA GLN B 264 -26.06 -5.05 -22.94
C GLN B 264 -25.55 -5.57 -24.28
N TYR B 265 -25.45 -4.65 -25.24
CA TYR B 265 -24.92 -4.98 -26.57
C TYR B 265 -24.19 -3.74 -27.08
N GLN B 266 -22.86 -3.78 -27.03
CA GLN B 266 -22.06 -2.63 -27.43
C GLN B 266 -22.01 -2.55 -28.95
N PHE B 267 -22.58 -1.48 -29.50
CA PHE B 267 -22.56 -1.27 -30.94
C PHE B 267 -21.18 -0.79 -31.39
N ASP B 268 -20.97 -0.82 -32.71
CA ASP B 268 -19.68 -0.40 -33.25
C ASP B 268 -19.51 1.12 -33.24
N PHE B 269 -20.60 1.86 -33.39
CA PHE B 269 -20.54 3.32 -33.44
C PHE B 269 -20.72 3.96 -32.07
N GLY B 270 -19.91 3.51 -31.11
CA GLY B 270 -19.91 4.14 -29.78
C GLY B 270 -21.06 3.84 -28.86
N LEU B 271 -22.29 3.91 -29.35
CA LEU B 271 -23.46 3.72 -28.51
C LEU B 271 -23.47 2.33 -27.89
N ARG B 272 -23.78 2.26 -26.60
CA ARG B 272 -23.83 1.01 -25.84
C ARG B 272 -25.17 0.94 -25.10
N PRO B 273 -26.23 0.51 -25.78
CA PRO B 273 -27.53 0.39 -25.11
C PRO B 273 -27.48 -0.62 -23.98
N SER B 274 -28.25 -0.36 -22.93
CA SER B 274 -28.29 -1.19 -21.74
C SER B 274 -29.73 -1.48 -21.35
N LEU B 275 -29.92 -2.62 -20.69
CA LEU B 275 -31.24 -3.02 -20.20
C LEU B 275 -31.05 -3.93 -19.00
N ALA B 276 -31.50 -3.49 -17.83
CA ALA B 276 -31.33 -4.24 -16.60
C ALA B 276 -32.62 -4.23 -15.80
N TYR B 277 -32.81 -5.27 -14.99
CA TYR B 277 -33.96 -5.40 -14.12
C TYR B 277 -33.49 -5.79 -12.72
N LEU B 278 -34.09 -5.16 -11.72
CA LEU B 278 -33.74 -5.42 -10.32
C LEU B 278 -35.00 -5.73 -9.53
N GLN B 279 -34.90 -6.71 -8.63
CA GLN B 279 -36.03 -7.10 -7.80
C GLN B 279 -35.49 -7.52 -6.43
N SER B 280 -36.28 -7.22 -5.40
CA SER B 280 -35.91 -7.56 -4.02
C SER B 280 -37.18 -7.90 -3.25
N LYS B 281 -37.29 -9.14 -2.80
CA LYS B 281 -38.44 -9.62 -2.05
C LYS B 281 -38.07 -9.79 -0.59
N GLY B 282 -38.87 -9.22 0.30
CA GLY B 282 -38.64 -9.33 1.73
C GLY B 282 -39.55 -10.38 2.35
N LYS B 283 -38.96 -11.28 3.12
CA LYS B 283 -39.67 -12.37 3.76
C LYS B 283 -39.31 -12.43 5.24
N ASN B 284 -40.23 -13.00 6.03
CA ASN B 284 -40.04 -13.16 7.47
C ASN B 284 -39.76 -11.83 8.16
N LEU B 285 -40.43 -10.78 7.70
CA LEU B 285 -40.26 -9.46 8.31
C LEU B 285 -41.01 -9.38 9.63
N GLY B 286 -40.55 -8.48 10.49
CA GLY B 286 -41.14 -8.27 11.80
C GLY B 286 -42.13 -7.12 11.82
N ARG B 287 -42.65 -6.85 13.01
CA ARG B 287 -43.57 -5.75 13.27
C ARG B 287 -44.83 -5.84 12.40
N GLY B 288 -45.28 -7.08 12.15
CA GLY B 288 -46.52 -7.32 11.45
C GLY B 288 -46.41 -7.47 9.95
N TYR B 289 -45.25 -7.15 9.36
CA TYR B 289 -45.08 -7.27 7.92
C TYR B 289 -44.93 -8.73 7.55
N ASP B 290 -45.77 -9.20 6.62
CA ASP B 290 -45.76 -10.61 6.19
C ASP B 290 -44.91 -10.81 4.95
N ASP B 291 -45.25 -10.12 3.86
CA ASP B 291 -44.53 -10.28 2.59
C ASP B 291 -44.70 -9.01 1.77
N GLU B 292 -43.59 -8.34 1.49
CA GLU B 292 -43.62 -7.12 0.69
C GLU B 292 -42.32 -6.99 -0.06
N ASP B 293 -42.34 -6.17 -1.12
CA ASP B 293 -41.17 -5.95 -1.96
C ASP B 293 -40.41 -4.72 -1.48
N ILE B 294 -39.10 -4.87 -1.29
CA ILE B 294 -38.29 -3.75 -0.83
C ILE B 294 -37.85 -2.88 -2.00
N LEU B 295 -37.32 -3.50 -3.05
CA LEU B 295 -36.86 -2.78 -4.22
C LEU B 295 -37.23 -3.57 -5.47
N LYS B 296 -37.81 -2.88 -6.46
CA LYS B 296 -38.19 -3.53 -7.72
C LYS B 296 -38.30 -2.46 -8.78
N TYR B 297 -37.39 -2.48 -9.75
CA TYR B 297 -37.41 -1.50 -10.83
C TYR B 297 -36.65 -2.07 -12.02
N VAL B 298 -36.91 -1.49 -13.19
CA VAL B 298 -36.24 -1.86 -14.43
C VAL B 298 -35.57 -0.62 -15.00
N ASP B 299 -34.29 -0.75 -15.34
CA ASP B 299 -33.48 0.36 -15.83
C ASP B 299 -33.25 0.22 -17.32
N VAL B 300 -33.59 1.27 -18.07
CA VAL B 300 -33.37 1.33 -19.51
C VAL B 300 -32.51 2.56 -19.81
N GLY B 301 -31.43 2.36 -20.53
CA GLY B 301 -30.53 3.46 -20.85
C GLY B 301 -29.49 3.04 -21.85
N ALA B 302 -28.62 3.99 -22.18
CA ALA B 302 -27.55 3.74 -23.13
C ALA B 302 -26.35 4.62 -22.78
N THR B 303 -25.18 4.20 -23.24
CA THR B 303 -23.93 4.92 -23.02
C THR B 303 -23.20 5.11 -24.34
N TYR B 304 -22.64 6.30 -24.54
CA TYR B 304 -21.97 6.65 -25.78
C TYR B 304 -20.56 7.16 -25.45
N TYR B 305 -19.57 6.29 -25.56
CA TYR B 305 -18.17 6.68 -25.36
C TYR B 305 -17.64 7.29 -26.65
N PHE B 306 -17.14 8.53 -26.57
CA PHE B 306 -16.68 9.23 -27.76
C PHE B 306 -15.50 8.51 -28.41
N ASN B 307 -14.34 8.50 -27.75
CA ASN B 307 -13.23 7.67 -28.20
C ASN B 307 -12.83 6.63 -27.18
N LYS B 308 -12.40 7.04 -25.97
CA LYS B 308 -12.11 6.10 -24.90
C LYS B 308 -12.62 6.54 -23.53
N ASN B 309 -12.73 7.83 -23.24
CA ASN B 309 -13.05 8.31 -21.91
C ASN B 309 -14.35 9.11 -21.86
N MET B 310 -14.49 10.12 -22.73
CA MET B 310 -15.68 10.96 -22.70
C MET B 310 -16.92 10.15 -23.04
N SER B 311 -17.96 10.30 -22.23
CA SER B 311 -19.18 9.54 -22.42
C SER B 311 -20.37 10.35 -21.97
N THR B 312 -21.48 10.23 -22.70
CA THR B 312 -22.75 10.85 -22.35
C THR B 312 -23.80 9.76 -22.28
N TYR B 313 -24.49 9.66 -21.15
CA TYR B 313 -25.46 8.60 -20.91
C TYR B 313 -26.74 9.19 -20.35
N VAL B 314 -27.86 8.56 -20.73
CA VAL B 314 -29.18 8.92 -20.24
C VAL B 314 -29.80 7.67 -19.62
N ASP B 315 -30.35 7.82 -18.42
CA ASP B 315 -30.91 6.70 -17.68
C ASP B 315 -32.35 7.03 -17.29
N TYR B 316 -33.18 5.98 -17.26
CA TYR B 316 -34.60 6.13 -16.90
C TYR B 316 -35.06 4.80 -16.31
N LYS B 317 -35.16 4.75 -14.98
CA LYS B 317 -35.57 3.55 -14.27
C LYS B 317 -37.04 3.65 -13.90
N ILE B 318 -37.83 2.67 -14.34
CA ILE B 318 -39.26 2.64 -14.05
C ILE B 318 -39.46 1.87 -12.75
N ASN B 319 -39.92 2.57 -11.72
CA ASN B 319 -40.15 1.95 -10.42
C ASN B 319 -41.52 1.28 -10.39
N LEU B 320 -41.54 -0.03 -10.22
CA LEU B 320 -42.78 -0.80 -10.15
C LEU B 320 -43.37 -0.85 -8.76
N LEU B 321 -42.67 -0.31 -7.76
CA LEU B 321 -43.18 -0.32 -6.39
C LEU B 321 -44.34 0.66 -6.23
N ASP B 322 -45.18 0.39 -5.23
CA ASP B 322 -46.33 1.21 -4.93
C ASP B 322 -46.16 1.85 -3.56
N ASP B 323 -46.76 3.03 -3.39
CA ASP B 323 -46.66 3.77 -2.14
C ASP B 323 -47.56 3.13 -1.09
N ASN B 324 -47.02 2.91 0.11
CA ASN B 324 -47.77 2.34 1.21
C ASN B 324 -47.13 2.81 2.51
N GLN B 325 -47.59 2.24 3.63
CA GLN B 325 -47.06 2.62 4.93
C GLN B 325 -45.62 2.15 5.12
N PHE B 326 -45.29 0.97 4.58
CA PHE B 326 -43.94 0.43 4.74
C PHE B 326 -42.91 1.31 4.04
N THR B 327 -43.21 1.77 2.83
CA THR B 327 -42.26 2.61 2.10
C THR B 327 -42.14 3.99 2.73
N ARG B 328 -43.25 4.53 3.24
CA ARG B 328 -43.21 5.85 3.88
C ARG B 328 -42.34 5.83 5.13
N ASP B 329 -42.47 4.79 5.95
CA ASP B 329 -41.66 4.70 7.16
C ASP B 329 -40.19 4.45 6.84
N ALA B 330 -39.92 3.56 5.88
CA ALA B 330 -38.54 3.27 5.52
C ALA B 330 -37.89 4.45 4.80
N GLY B 331 -38.64 5.13 3.94
CA GLY B 331 -38.11 6.24 3.20
C GLY B 331 -37.50 5.84 1.88
N ILE B 332 -38.23 5.05 1.10
CA ILE B 332 -37.78 4.56 -0.20
C ILE B 332 -38.66 5.18 -1.28
N ASN B 333 -38.04 5.77 -2.29
CA ASN B 333 -38.78 6.37 -3.38
C ASN B 333 -39.50 5.30 -4.20
N THR B 334 -40.74 5.61 -4.59
CA THR B 334 -41.58 4.70 -5.36
C THR B 334 -42.09 5.38 -6.62
N ASP B 335 -41.20 6.06 -7.32
CA ASP B 335 -41.55 6.77 -8.54
C ASP B 335 -40.42 6.61 -9.56
N ASN B 336 -40.78 6.76 -10.83
CA ASN B 336 -39.81 6.65 -11.92
C ASN B 336 -38.99 7.93 -12.00
N ILE B 337 -37.67 7.78 -12.09
CA ILE B 337 -36.75 8.92 -12.15
C ILE B 337 -35.91 8.81 -13.42
N VAL B 338 -35.43 9.96 -13.87
CA VAL B 338 -34.57 10.05 -15.05
C VAL B 338 -33.31 10.80 -14.67
N ALA B 339 -32.16 10.25 -15.03
CA ALA B 339 -30.86 10.82 -14.68
C ALA B 339 -30.05 11.09 -15.95
N LEU B 340 -29.38 12.23 -15.96
CA LEU B 340 -28.49 12.62 -17.05
C LEU B 340 -27.13 12.98 -16.48
N GLY B 341 -26.07 12.43 -17.06
CA GLY B 341 -24.73 12.64 -16.56
C GLY B 341 -23.73 12.86 -17.68
N LEU B 342 -22.51 13.21 -17.27
CA LEU B 342 -21.42 13.44 -18.21
C LEU B 342 -20.12 13.08 -17.51
N VAL B 343 -19.50 11.98 -17.94
CA VAL B 343 -18.30 11.45 -17.30
C VAL B 343 -17.10 11.75 -18.19
N TYR B 344 -16.10 12.41 -17.61
CA TYR B 344 -14.85 12.71 -18.30
C TYR B 344 -13.71 12.05 -17.54
N GLN B 345 -13.20 10.95 -18.08
CA GLN B 345 -12.13 10.20 -17.44
C GLN B 345 -10.77 10.71 -17.90
N PHE B 346 -9.77 10.55 -17.03
CA PHE B 346 -8.42 10.98 -17.33
C PHE B 346 -7.39 10.06 -16.69
N GLU C 2 1.94 20.40 -16.31
CA GLU C 2 1.62 19.34 -17.26
C GLU C 2 2.39 18.06 -16.94
N VAL C 3 1.66 17.02 -16.54
CA VAL C 3 2.26 15.74 -16.20
C VAL C 3 1.85 14.62 -17.14
N TYR C 4 0.95 14.90 -18.10
CA TYR C 4 0.50 13.90 -19.05
C TYR C 4 0.42 14.53 -20.42
N ASN C 5 1.19 13.99 -21.37
CA ASN C 5 1.24 14.50 -22.74
C ASN C 5 1.13 13.35 -23.74
N LYS C 6 0.17 12.46 -23.50
CA LYS C 6 -0.05 11.30 -24.36
C LYS C 6 -0.84 11.73 -25.60
N ASP C 7 -1.26 10.75 -26.40
CA ASP C 7 -2.01 11.02 -27.62
C ASP C 7 -3.42 11.45 -27.26
N GLY C 8 -3.68 12.75 -27.31
CA GLY C 8 -4.99 13.28 -26.97
C GLY C 8 -5.38 13.08 -25.53
N ASN C 9 -4.42 13.14 -24.60
CA ASN C 9 -4.68 12.97 -23.18
C ASN C 9 -3.90 14.01 -22.38
N LYS C 10 -3.89 15.26 -22.85
CA LYS C 10 -3.16 16.31 -22.16
C LYS C 10 -3.79 16.60 -20.80
N LEU C 11 -2.95 16.73 -19.78
CA LEU C 11 -3.41 17.01 -18.43
C LEU C 11 -2.41 17.93 -17.75
N ASP C 12 -2.91 19.04 -17.21
CA ASP C 12 -2.09 20.03 -16.52
C ASP C 12 -2.49 20.09 -15.05
N LEU C 13 -1.52 19.96 -14.16
CA LEU C 13 -1.74 20.00 -12.72
C LEU C 13 -1.26 21.35 -12.20
N TYR C 14 -2.19 22.20 -11.81
CA TYR C 14 -1.89 23.53 -11.31
C TYR C 14 -2.29 23.65 -9.84
N GLY C 15 -1.77 24.67 -9.19
CA GLY C 15 -2.08 24.91 -7.79
C GLY C 15 -1.15 25.95 -7.22
N LYS C 16 -1.46 26.35 -5.98
CA LYS C 16 -0.66 27.35 -5.29
C LYS C 16 -0.87 27.20 -3.79
N VAL C 17 0.06 27.78 -3.03
CA VAL C 17 0.00 27.80 -1.57
C VAL C 17 -0.02 29.26 -1.15
N ASP C 18 -1.03 29.64 -0.36
CA ASP C 18 -1.23 31.02 0.06
C ASP C 18 -0.86 31.15 1.53
N GLY C 19 0.29 31.76 1.80
CA GLY C 19 0.68 32.07 3.16
C GLY C 19 0.48 33.54 3.49
N LEU C 20 -0.58 33.84 4.23
CA LEU C 20 -0.95 35.23 4.51
C LEU C 20 -1.26 35.39 5.98
N HIS C 21 -1.07 36.61 6.48
CA HIS C 21 -1.41 36.98 7.85
C HIS C 21 -2.23 38.26 7.83
N TYR C 22 -3.11 38.39 8.82
CA TYR C 22 -4.03 39.52 8.90
C TYR C 22 -3.69 40.37 10.12
N PHE C 23 -3.81 41.69 9.94
CA PHE C 23 -3.59 42.65 11.01
C PHE C 23 -4.68 43.72 10.92
N SER C 24 -5.57 43.76 11.90
CA SER C 24 -6.66 44.71 11.88
C SER C 24 -7.13 44.95 13.31
N ASP C 25 -7.83 46.08 13.51
CA ASP C 25 -8.40 46.38 14.80
C ASP C 25 -9.55 45.45 15.15
N ASN C 26 -10.32 45.03 14.15
CA ASN C 26 -11.43 44.11 14.36
C ASN C 26 -10.87 42.70 14.58
N LYS C 27 -11.07 42.17 15.79
CA LYS C 27 -10.54 40.86 16.13
C LYS C 27 -11.28 39.72 15.45
N ASP C 28 -12.45 39.98 14.85
CA ASP C 28 -13.20 38.92 14.19
C ASP C 28 -12.47 38.38 12.97
N VAL C 29 -11.63 39.20 12.33
CA VAL C 29 -10.85 38.79 11.17
C VAL C 29 -9.36 38.78 11.44
N ASP C 30 -8.93 39.09 12.67
CA ASP C 30 -7.52 39.08 12.99
C ASP C 30 -6.99 37.65 13.06
N GLY C 31 -5.69 37.51 12.80
CA GLY C 31 -5.04 36.21 12.80
C GLY C 31 -4.40 35.92 11.45
N ASP C 32 -4.52 34.67 11.00
CA ASP C 32 -3.94 34.23 9.75
C ASP C 32 -5.02 33.58 8.89
N GLN C 33 -4.84 33.68 7.58
CA GLN C 33 -5.76 33.11 6.58
C GLN C 33 -4.99 32.24 5.60
N THR C 34 -4.12 31.38 6.13
CA THR C 34 -3.31 30.52 5.28
C THR C 34 -4.16 29.42 4.67
N TYR C 35 -4.09 29.27 3.35
CA TYR C 35 -4.82 28.23 2.63
C TYR C 35 -4.00 27.82 1.42
N MET C 36 -4.51 26.84 0.68
CA MET C 36 -3.84 26.36 -0.52
C MET C 36 -4.89 25.90 -1.53
N ARG C 37 -4.49 25.90 -2.79
CA ARG C 37 -5.35 25.47 -3.89
C ARG C 37 -4.75 24.23 -4.56
N LEU C 38 -5.59 23.22 -4.76
CA LEU C 38 -5.17 21.98 -5.40
C LEU C 38 -6.22 21.55 -6.40
N GLY C 39 -5.77 21.00 -7.53
CA GLY C 39 -6.66 20.52 -8.54
C GLY C 39 -5.93 20.29 -9.85
N PHE C 40 -6.57 19.49 -10.71
CA PHE C 40 -6.03 19.16 -12.02
C PHE C 40 -6.84 19.85 -13.11
N LYS C 41 -6.30 19.78 -14.34
CA LYS C 41 -6.96 20.38 -15.49
C LYS C 41 -6.49 19.61 -16.74
N GLY C 42 -7.35 18.74 -17.25
CA GLY C 42 -7.02 17.90 -18.38
C GLY C 42 -7.84 18.30 -19.60
N GLU C 43 -7.26 18.04 -20.78
CA GLU C 43 -7.92 18.32 -22.05
C GLU C 43 -7.67 17.16 -23.00
N THR C 44 -8.75 16.69 -23.64
CA THR C 44 -8.68 15.58 -24.56
C THR C 44 -8.90 16.06 -25.99
N GLN C 45 -8.73 15.13 -26.94
CA GLN C 45 -8.91 15.43 -28.35
C GLN C 45 -9.52 14.21 -29.02
N VAL C 46 -10.84 14.21 -29.19
CA VAL C 46 -11.52 13.09 -29.80
C VAL C 46 -11.33 13.09 -31.31
N THR C 47 -11.64 14.21 -31.97
CA THR C 47 -11.50 14.32 -33.41
C THR C 47 -10.77 15.61 -33.78
N ASP C 48 -10.72 15.93 -35.07
CA ASP C 48 -10.05 17.15 -35.51
C ASP C 48 -10.81 18.39 -35.08
N GLN C 49 -12.13 18.28 -34.91
CA GLN C 49 -12.97 19.42 -34.53
C GLN C 49 -13.43 19.34 -33.08
N LEU C 50 -13.98 18.21 -32.65
CA LEU C 50 -14.43 18.06 -31.28
C LEU C 50 -13.25 17.98 -30.33
N THR C 51 -13.39 18.63 -29.17
CA THR C 51 -12.33 18.66 -28.17
C THR C 51 -12.96 18.62 -26.78
N GLY C 52 -12.52 17.68 -25.97
CA GLY C 52 -13.00 17.53 -24.61
C GLY C 52 -12.04 18.17 -23.61
N TYR C 53 -12.60 18.68 -22.52
CA TYR C 53 -11.81 19.35 -21.50
C TYR C 53 -12.54 19.26 -20.16
N GLY C 54 -11.80 19.50 -19.09
CA GLY C 54 -12.36 19.46 -17.75
C GLY C 54 -11.35 19.86 -16.70
N GLN C 55 -11.81 20.54 -15.64
CA GLN C 55 -10.93 21.01 -14.59
C GLN C 55 -11.66 20.95 -13.27
N TRP C 56 -10.87 20.92 -12.18
CA TRP C 56 -11.41 20.88 -10.83
C TRP C 56 -10.49 21.67 -9.92
N GLU C 57 -11.08 22.40 -8.97
CA GLU C 57 -10.34 23.22 -8.03
C GLU C 57 -10.82 22.95 -6.62
N TYR C 58 -9.88 22.94 -5.68
CA TYR C 58 -10.17 22.73 -4.27
C TYR C 58 -9.47 23.79 -3.43
N GLN C 59 -10.04 24.07 -2.26
CA GLN C 59 -9.49 25.06 -1.35
C GLN C 59 -9.70 24.60 0.08
N ILE C 60 -8.61 24.46 0.83
CA ILE C 60 -8.65 24.05 2.23
C ILE C 60 -7.87 25.06 3.05
N GLN C 61 -8.44 25.49 4.16
CA GLN C 61 -7.82 26.48 5.04
C GLN C 61 -6.88 25.79 6.01
N GLY C 62 -5.61 26.15 5.98
CA GLY C 62 -4.61 25.59 6.85
C GLY C 62 -4.46 26.24 8.20
N ASN C 63 -5.27 27.27 8.49
CA ASN C 63 -5.20 27.96 9.76
C ASN C 63 -6.01 27.27 10.86
N SER C 64 -6.79 26.26 10.52
CA SER C 64 -7.58 25.55 11.52
C SER C 64 -6.71 24.58 12.31
N ALA C 65 -7.27 24.07 13.40
CA ALA C 65 -6.56 23.13 14.27
C ALA C 65 -6.68 21.73 13.67
N GLU C 66 -6.20 20.73 14.42
CA GLU C 66 -6.25 19.35 13.96
C GLU C 66 -7.58 18.67 14.26
N ASN C 67 -8.44 19.28 15.09
CA ASN C 67 -9.72 18.69 15.43
C ASN C 67 -10.80 18.93 14.38
N GLU C 68 -10.58 19.87 13.45
CA GLU C 68 -11.56 20.16 12.42
C GLU C 68 -10.84 20.78 11.22
N ASN C 69 -11.51 20.73 10.07
CA ASN C 69 -10.97 21.29 8.85
C ASN C 69 -12.11 21.82 7.99
N ASN C 70 -11.77 22.79 7.14
CA ASN C 70 -12.74 23.40 6.22
C ASN C 70 -12.33 23.07 4.80
N SER C 71 -13.25 22.49 4.04
CA SER C 71 -12.99 22.10 2.66
C SER C 71 -14.21 22.40 1.81
N TRP C 72 -13.97 22.95 0.61
CA TRP C 72 -15.03 23.26 -0.32
C TRP C 72 -14.48 23.22 -1.74
N THR C 73 -15.35 22.87 -2.69
CA THR C 73 -14.98 22.80 -4.10
C THR C 73 -15.28 24.13 -4.78
N ARG C 74 -14.29 24.70 -5.45
CA ARG C 74 -14.47 25.98 -6.11
C ARG C 74 -15.19 25.82 -7.45
N VAL C 75 -14.59 25.09 -8.38
CA VAL C 75 -15.19 24.83 -9.69
C VAL C 75 -14.97 23.38 -10.05
N ALA C 76 -16.00 22.75 -10.61
CA ALA C 76 -15.92 21.35 -11.03
C ALA C 76 -16.95 21.16 -12.15
N PHE C 77 -16.47 21.13 -13.40
CA PHE C 77 -17.35 21.00 -14.55
C PHE C 77 -16.64 20.25 -15.66
N ALA C 78 -17.43 19.72 -16.58
CA ALA C 78 -16.90 19.00 -17.74
C ALA C 78 -17.80 19.28 -18.94
N GLY C 79 -17.22 19.15 -20.12
CA GLY C 79 -17.96 19.40 -21.35
C GLY C 79 -17.08 19.20 -22.56
N LEU C 80 -17.67 19.49 -23.72
CA LEU C 80 -16.99 19.35 -25.00
C LEU C 80 -16.88 20.69 -25.69
N LYS C 81 -15.90 20.80 -26.59
CA LYS C 81 -15.66 22.02 -27.35
C LYS C 81 -15.54 21.66 -28.83
N PHE C 82 -16.32 22.32 -29.67
CA PHE C 82 -16.32 22.09 -31.10
C PHE C 82 -15.79 23.32 -31.83
N GLN C 83 -15.29 23.09 -33.05
CA GLN C 83 -14.58 24.13 -33.80
C GLN C 83 -15.57 25.16 -34.33
N ASP C 84 -15.44 26.40 -33.84
CA ASP C 84 -16.10 27.58 -34.42
C ASP C 84 -17.63 27.47 -34.40
N VAL C 85 -18.19 26.71 -33.46
CA VAL C 85 -19.63 26.68 -33.27
C VAL C 85 -20.04 26.87 -31.82
N GLY C 86 -19.14 26.75 -30.86
CA GLY C 86 -19.45 26.92 -29.45
C GLY C 86 -19.06 25.71 -28.63
N SER C 87 -19.34 25.82 -27.33
CA SER C 87 -19.04 24.75 -26.39
C SER C 87 -20.04 24.79 -25.26
N PHE C 88 -20.49 23.61 -24.82
CA PHE C 88 -21.44 23.48 -23.74
C PHE C 88 -20.87 22.58 -22.65
N ASP C 89 -20.82 23.08 -21.42
CA ASP C 89 -20.33 22.33 -20.28
C ASP C 89 -21.28 22.53 -19.11
N TYR C 90 -21.52 21.46 -18.35
CA TYR C 90 -22.40 21.50 -17.19
C TYR C 90 -21.62 21.09 -15.95
N GLY C 91 -21.87 21.78 -14.86
CA GLY C 91 -21.22 21.50 -13.59
C GLY C 91 -21.01 22.78 -12.80
N ARG C 92 -20.10 22.71 -11.85
CA ARG C 92 -19.76 23.87 -11.01
C ARG C 92 -18.82 24.76 -11.79
N ASN C 93 -19.37 25.84 -12.35
CA ASN C 93 -18.60 26.78 -13.16
C ASN C 93 -18.95 28.21 -12.73
N TYR C 94 -18.35 29.18 -13.42
CA TYR C 94 -18.60 30.58 -13.14
C TYR C 94 -19.79 31.08 -13.95
N GLY C 95 -20.45 32.11 -13.43
CA GLY C 95 -21.59 32.68 -14.09
C GLY C 95 -21.22 33.57 -15.26
N VAL C 96 -22.23 33.91 -16.06
CA VAL C 96 -22.01 34.79 -17.20
C VAL C 96 -21.68 36.21 -16.74
N VAL C 97 -22.24 36.63 -15.61
CA VAL C 97 -21.95 37.96 -15.09
C VAL C 97 -20.50 38.05 -14.62
N TYR C 98 -19.96 36.96 -14.07
CA TYR C 98 -18.58 36.96 -13.61
C TYR C 98 -17.58 37.09 -14.76
N ASP C 99 -18.00 36.80 -15.99
CA ASP C 99 -17.12 36.96 -17.14
C ASP C 99 -16.72 38.42 -17.35
N VAL C 100 -17.64 39.35 -17.09
CA VAL C 100 -17.33 40.75 -17.22
C VAL C 100 -16.82 41.34 -15.90
N THR C 101 -17.22 40.77 -14.78
CA THR C 101 -16.78 41.24 -13.47
C THR C 101 -15.36 40.82 -13.14
N SER C 102 -14.81 39.82 -13.86
CA SER C 102 -13.46 39.34 -13.57
C SER C 102 -12.39 40.38 -13.91
N TRP C 103 -12.73 41.39 -14.70
CA TRP C 103 -11.75 42.42 -15.04
C TRP C 103 -11.47 43.37 -13.89
N THR C 104 -12.37 43.43 -12.90
CA THR C 104 -12.20 44.35 -11.78
C THR C 104 -11.42 43.73 -10.63
N ASP C 105 -11.86 42.58 -10.13
CA ASP C 105 -11.23 41.93 -8.99
C ASP C 105 -9.94 41.25 -9.44
N VAL C 106 -8.92 42.08 -9.68
CA VAL C 106 -7.60 41.59 -10.09
C VAL C 106 -6.59 41.66 -8.96
N LEU C 107 -7.03 42.01 -7.75
CA LEU C 107 -6.12 42.08 -6.62
C LEU C 107 -5.68 40.67 -6.21
N PRO C 108 -4.45 40.54 -5.68
CA PRO C 108 -3.98 39.21 -5.28
C PRO C 108 -4.84 38.54 -4.22
N GLU C 109 -5.26 39.28 -3.21
CA GLU C 109 -6.05 38.74 -2.12
C GLU C 109 -7.42 39.39 -1.97
N PHE C 110 -7.48 40.72 -1.99
CA PHE C 110 -8.74 41.42 -1.80
C PHE C 110 -9.51 41.48 -3.12
N GLY C 111 -10.61 42.22 -3.14
CA GLY C 111 -11.42 42.32 -4.33
C GLY C 111 -12.54 41.28 -4.36
N GLY C 112 -13.64 41.66 -5.00
CA GLY C 112 -14.77 40.76 -5.09
C GLY C 112 -15.54 40.58 -3.80
N ASP C 113 -15.44 41.53 -2.87
CA ASP C 113 -16.13 41.45 -1.59
C ASP C 113 -17.55 42.00 -1.65
N THR C 114 -17.98 42.51 -2.81
CA THR C 114 -19.34 43.04 -2.92
C THR C 114 -20.39 41.94 -2.81
N TYR C 115 -20.04 40.71 -3.21
CA TYR C 115 -20.97 39.60 -3.15
C TYR C 115 -20.38 38.44 -2.34
N GLY C 116 -21.06 37.30 -2.35
CA GLY C 116 -20.62 36.13 -1.62
C GLY C 116 -20.82 34.87 -2.42
N SER C 117 -20.47 33.75 -1.79
CA SER C 117 -20.59 32.45 -2.45
C SER C 117 -22.05 32.09 -2.66
N ASP C 118 -22.34 31.46 -3.80
CA ASP C 118 -23.68 31.00 -4.15
C ASP C 118 -24.69 32.15 -4.13
N ASN C 119 -24.25 33.33 -4.55
CA ASN C 119 -25.11 34.51 -4.61
C ASN C 119 -25.68 34.66 -6.02
N PHE C 120 -26.49 33.68 -6.40
CA PHE C 120 -27.12 33.59 -7.73
C PHE C 120 -26.00 33.58 -8.76
N MET C 121 -26.09 34.37 -9.83
CA MET C 121 -25.05 34.40 -10.86
C MET C 121 -24.12 35.58 -10.62
N GLN C 122 -23.38 35.49 -9.51
CA GLN C 122 -22.41 36.52 -9.16
C GLN C 122 -21.04 35.91 -8.93
N GLN C 123 -21.00 34.66 -8.46
CA GLN C 123 -19.75 33.96 -8.22
C GLN C 123 -19.93 32.51 -8.64
N ARG C 124 -19.00 31.66 -8.21
CA ARG C 124 -19.02 30.24 -8.57
C ARG C 124 -20.22 29.55 -7.93
N GLY C 125 -21.22 29.22 -8.75
CA GLY C 125 -22.42 28.56 -8.28
C GLY C 125 -22.39 27.06 -8.51
N ASN C 126 -23.52 26.43 -8.22
CA ASN C 126 -23.69 25.00 -8.37
C ASN C 126 -24.86 24.71 -9.30
N GLY C 127 -24.69 23.72 -10.17
CA GLY C 127 -25.73 23.35 -11.12
C GLY C 127 -25.90 24.37 -12.23
N PHE C 128 -24.79 24.80 -12.81
CA PHE C 128 -24.79 25.81 -13.85
C PHE C 128 -24.58 25.14 -15.21
N ALA C 129 -25.48 25.42 -16.15
CA ALA C 129 -25.40 24.94 -17.52
C ALA C 129 -25.08 26.13 -18.41
N THR C 130 -23.81 26.29 -18.76
CA THR C 130 -23.33 27.45 -19.50
C THR C 130 -22.89 27.02 -20.90
N TYR C 131 -23.37 27.75 -21.90
CA TYR C 131 -22.94 27.56 -23.29
C TYR C 131 -22.13 28.77 -23.72
N ARG C 132 -20.90 28.52 -24.16
CA ARG C 132 -19.96 29.58 -24.50
C ARG C 132 -19.58 29.48 -25.98
N ASN C 133 -19.30 30.64 -26.58
CA ASN C 133 -18.89 30.72 -27.97
C ASN C 133 -17.67 31.62 -28.08
N THR C 134 -16.86 31.38 -29.11
CA THR C 134 -15.63 32.11 -29.33
C THR C 134 -15.64 32.72 -30.72
N ASP C 135 -15.31 34.02 -30.80
CA ASP C 135 -15.18 34.76 -32.05
C ASP C 135 -16.48 34.81 -32.85
N PHE C 136 -17.62 34.58 -32.20
CA PHE C 136 -18.94 34.62 -32.83
C PHE C 136 -18.99 33.74 -34.08
N PHE C 137 -18.81 32.44 -33.86
CA PHE C 137 -18.77 31.44 -34.92
C PHE C 137 -17.69 31.74 -35.95
N GLY C 138 -16.57 32.31 -35.51
CA GLY C 138 -15.47 32.60 -36.41
C GLY C 138 -15.72 33.71 -37.39
N LEU C 139 -16.62 34.64 -37.07
CA LEU C 139 -16.97 35.75 -37.96
C LEU C 139 -16.17 37.01 -37.62
N VAL C 140 -16.25 37.46 -36.37
CA VAL C 140 -15.56 38.66 -35.92
C VAL C 140 -14.56 38.28 -34.83
N ASP C 141 -13.58 39.16 -34.63
CA ASP C 141 -12.53 38.93 -33.65
C ASP C 141 -12.76 39.80 -32.42
N GLY C 142 -12.79 39.16 -31.26
CA GLY C 142 -12.95 39.85 -29.99
C GLY C 142 -14.36 39.89 -29.46
N LEU C 143 -15.36 39.64 -30.31
CA LEU C 143 -16.75 39.67 -29.89
C LEU C 143 -17.17 38.26 -29.47
N ASN C 144 -17.51 38.10 -28.20
CA ASN C 144 -17.93 36.81 -27.66
C ASN C 144 -19.23 36.96 -26.91
N PHE C 145 -20.02 35.89 -26.89
CA PHE C 145 -21.30 35.87 -26.18
C PHE C 145 -21.51 34.49 -25.58
N ALA C 146 -22.33 34.44 -24.54
CA ALA C 146 -22.59 33.19 -23.85
C ALA C 146 -23.93 33.28 -23.14
N VAL C 147 -24.49 32.11 -22.82
CA VAL C 147 -25.74 32.00 -22.08
C VAL C 147 -25.55 30.96 -20.98
N GLN C 148 -26.40 31.06 -19.96
CA GLN C 148 -26.30 30.18 -18.80
C GLN C 148 -27.68 29.92 -18.22
N TYR C 149 -27.89 28.70 -17.75
CA TYR C 149 -29.12 28.30 -17.08
C TYR C 149 -28.79 27.81 -15.68
N GLN C 150 -29.67 28.09 -14.73
CA GLN C 150 -29.47 27.74 -13.32
C GLN C 150 -30.58 26.81 -12.85
N GLY C 151 -30.18 25.76 -12.13
CA GLY C 151 -31.14 24.83 -11.57
C GLY C 151 -31.79 25.36 -10.30
N LYS C 152 -32.78 24.60 -9.82
CA LYS C 152 -33.53 24.97 -8.64
C LYS C 152 -32.99 24.20 -7.44
N ASN C 153 -32.68 24.92 -6.36
CA ASN C 153 -32.20 24.33 -5.12
C ASN C 153 -33.08 24.80 -3.98
N GLY C 154 -33.44 23.88 -3.08
CA GLY C 154 -34.32 24.17 -1.97
C GLY C 154 -33.69 23.74 -0.65
N ASN C 155 -34.58 23.40 0.29
CA ASN C 155 -34.13 23.01 1.62
C ASN C 155 -33.54 21.60 1.59
N PRO C 156 -32.63 21.30 2.52
CA PRO C 156 -32.08 19.95 2.58
C PRO C 156 -33.14 18.92 2.94
N SER C 157 -32.94 17.70 2.46
CA SER C 157 -33.88 16.61 2.70
C SER C 157 -33.65 15.92 4.04
N GLY C 158 -32.61 16.29 4.78
CA GLY C 158 -32.37 15.68 6.08
C GLY C 158 -33.44 16.02 7.10
N GLU C 159 -34.00 17.21 7.04
CA GLU C 159 -35.03 17.66 7.95
C GLU C 159 -36.33 17.91 7.20
N GLY C 160 -37.45 17.74 7.89
CA GLY C 160 -38.75 17.94 7.30
C GLY C 160 -39.09 19.40 7.07
N PHE C 161 -39.13 19.80 5.80
CA PHE C 161 -39.46 21.18 5.45
C PHE C 161 -40.55 21.23 4.39
N THR C 162 -40.69 20.15 3.63
CA THR C 162 -41.67 20.02 2.54
C THR C 162 -41.42 21.14 1.54
N SER C 163 -42.48 21.59 0.86
CA SER C 163 -42.39 22.62 -0.17
C SER C 163 -41.28 22.30 -1.18
N GLY C 164 -40.34 23.23 -1.33
CA GLY C 164 -39.21 23.02 -2.23
C GLY C 164 -38.00 22.45 -1.52
N VAL C 165 -37.76 21.16 -1.70
CA VAL C 165 -36.63 20.47 -1.07
C VAL C 165 -35.83 19.76 -2.15
N THR C 166 -34.52 19.97 -2.15
CA THR C 166 -33.61 19.34 -3.10
C THR C 166 -32.54 18.57 -2.36
N ASN C 167 -31.87 17.66 -3.09
CA ASN C 167 -30.81 16.87 -2.48
C ASN C 167 -29.63 17.74 -2.06
N ASN C 168 -29.27 18.72 -2.89
CA ASN C 168 -28.19 19.65 -2.56
C ASN C 168 -28.75 20.85 -1.82
N GLY C 169 -29.23 20.58 -0.60
CA GLY C 169 -29.83 21.62 0.19
C GLY C 169 -28.82 22.59 0.78
N ARG C 170 -29.30 23.79 1.08
CA ARG C 170 -28.47 24.85 1.65
C ARG C 170 -29.30 25.60 2.69
N ASP C 171 -28.72 26.67 3.22
CA ASP C 171 -29.42 27.51 4.18
C ASP C 171 -30.38 28.45 3.46
N ALA C 172 -31.02 29.33 4.22
CA ALA C 172 -32.00 30.26 3.67
C ALA C 172 -31.37 31.47 3.00
N LEU C 173 -30.05 31.64 3.10
CA LEU C 173 -29.37 32.78 2.50
C LEU C 173 -28.50 32.39 1.30
N ARG C 174 -28.65 31.16 0.80
CA ARG C 174 -27.86 30.74 -0.35
C ARG C 174 -28.68 29.94 -1.36
N GLN C 175 -29.99 29.84 -1.20
CA GLN C 175 -30.82 29.11 -2.14
C GLN C 175 -31.08 29.94 -3.38
N ASN C 176 -31.48 29.25 -4.46
CA ASN C 176 -31.78 29.90 -5.72
C ASN C 176 -32.76 29.05 -6.50
N GLY C 177 -33.43 29.70 -7.46
CA GLY C 177 -34.40 29.05 -8.31
C GLY C 177 -33.92 28.87 -9.72
N ASP C 178 -34.86 28.61 -10.62
CA ASP C 178 -34.55 28.42 -12.04
C ASP C 178 -34.45 29.77 -12.72
N GLY C 179 -33.26 30.10 -13.21
CA GLY C 179 -33.03 31.36 -13.87
C GLY C 179 -32.24 31.18 -15.15
N VAL C 180 -32.31 32.21 -16.00
CA VAL C 180 -31.62 32.23 -17.27
C VAL C 180 -30.81 33.52 -17.37
N GLY C 181 -29.54 33.41 -17.77
CA GLY C 181 -28.68 34.57 -17.86
C GLY C 181 -27.83 34.50 -19.12
N GLY C 182 -27.26 35.66 -19.46
CA GLY C 182 -26.41 35.77 -20.63
C GLY C 182 -25.47 36.94 -20.50
N SER C 183 -24.45 36.94 -21.36
CA SER C 183 -23.44 38.00 -21.35
C SER C 183 -22.91 38.21 -22.75
N ILE C 184 -22.58 39.46 -23.07
CA ILE C 184 -22.00 39.83 -24.35
C ILE C 184 -20.76 40.67 -24.08
N THR C 185 -19.63 40.27 -24.67
CA THR C 185 -18.37 40.96 -24.47
C THR C 185 -17.70 41.22 -25.81
N TYR C 186 -16.98 42.34 -25.90
CA TYR C 186 -16.25 42.72 -27.08
C TYR C 186 -14.82 43.07 -26.69
N ASP C 187 -13.85 42.54 -27.43
CA ASP C 187 -12.43 42.75 -27.15
C ASP C 187 -11.78 43.42 -28.35
N TYR C 188 -11.39 44.69 -28.18
CA TYR C 188 -10.70 45.44 -29.22
C TYR C 188 -9.20 45.41 -28.94
N GLU C 189 -8.45 46.17 -29.73
CA GLU C 189 -7.00 46.28 -29.56
C GLU C 189 -6.71 47.14 -28.33
N GLY C 190 -6.46 46.49 -27.20
CA GLY C 190 -6.22 47.20 -25.96
C GLY C 190 -7.50 47.51 -25.22
N PHE C 191 -8.37 48.30 -25.83
CA PHE C 191 -9.64 48.66 -25.20
C PHE C 191 -10.59 47.46 -25.21
N GLY C 192 -11.55 47.48 -24.29
CA GLY C 192 -12.52 46.42 -24.19
C GLY C 192 -13.79 46.82 -23.48
N ILE C 193 -14.93 46.30 -23.93
CA ILE C 193 -16.22 46.58 -23.33
C ILE C 193 -16.95 45.27 -23.10
N GLY C 194 -17.90 45.30 -22.16
CA GLY C 194 -18.66 44.11 -21.84
C GLY C 194 -20.04 44.48 -21.29
N GLY C 195 -20.88 43.45 -21.20
CA GLY C 195 -22.23 43.62 -20.67
C GLY C 195 -22.91 42.30 -20.42
N ALA C 196 -23.51 42.14 -19.24
CA ALA C 196 -24.18 40.91 -18.85
C ALA C 196 -25.53 41.21 -18.25
N ILE C 197 -26.53 40.40 -18.59
CA ILE C 197 -27.87 40.50 -18.05
C ILE C 197 -28.30 39.12 -17.58
N SER C 198 -28.75 39.01 -16.34
CA SER C 198 -29.18 37.75 -15.76
C SER C 198 -30.37 37.97 -14.86
N SER C 199 -31.16 36.91 -14.69
CA SER C 199 -32.34 36.95 -13.82
C SER C 199 -32.58 35.56 -13.27
N SER C 200 -32.67 35.46 -11.95
CA SER C 200 -32.86 34.19 -11.26
C SER C 200 -34.12 34.25 -10.41
N LYS C 201 -34.90 33.16 -10.44
CA LYS C 201 -36.11 33.08 -9.64
C LYS C 201 -35.78 32.92 -8.16
N ARG C 202 -36.64 33.48 -7.31
CA ARG C 202 -36.47 33.43 -5.87
C ARG C 202 -37.43 32.39 -5.29
N THR C 203 -36.90 31.53 -4.42
CA THR C 203 -37.70 30.49 -3.80
C THR C 203 -38.59 31.07 -2.70
N ASP C 204 -39.48 30.22 -2.18
CA ASP C 204 -40.39 30.66 -1.13
C ASP C 204 -39.70 30.80 0.22
N ALA C 205 -38.50 30.25 0.37
CA ALA C 205 -37.76 30.36 1.63
C ALA C 205 -36.87 31.59 1.70
N GLN C 206 -36.77 32.36 0.62
CA GLN C 206 -35.93 33.55 0.60
C GLN C 206 -36.71 34.84 0.81
N ASN C 207 -38.03 34.80 0.75
CA ASN C 207 -38.88 35.98 0.94
C ASN C 207 -39.77 35.82 2.16
N THR C 208 -39.21 35.29 3.24
CA THR C 208 -39.96 35.11 4.47
C THR C 208 -39.97 36.41 5.27
N ALA C 209 -40.59 36.36 6.46
CA ALA C 209 -40.69 37.52 7.32
C ALA C 209 -39.44 37.74 8.17
N ALA C 210 -38.52 36.77 8.20
CA ALA C 210 -37.28 36.90 8.97
C ALA C 210 -36.12 37.45 8.16
N TYR C 211 -36.33 37.73 6.88
CA TYR C 211 -35.28 38.24 6.01
C TYR C 211 -35.78 39.49 5.30
N ILE C 212 -34.91 40.49 5.21
CA ILE C 212 -35.26 41.74 4.54
C ILE C 212 -35.13 41.55 3.03
N GLY C 213 -36.17 41.96 2.31
CA GLY C 213 -36.17 41.84 0.87
C GLY C 213 -37.07 40.72 0.36
N ASN C 214 -38.24 41.09 -0.17
CA ASN C 214 -39.20 40.14 -0.70
C ASN C 214 -39.44 40.41 -2.17
N GLY C 215 -39.64 39.34 -2.93
CA GLY C 215 -39.89 39.47 -4.36
C GLY C 215 -39.80 38.13 -5.03
N ASP C 216 -40.19 38.13 -6.31
CA ASP C 216 -40.18 36.91 -7.12
C ASP C 216 -39.02 36.86 -8.10
N ARG C 217 -38.58 37.99 -8.63
CA ARG C 217 -37.50 38.06 -9.59
C ARG C 217 -36.31 38.81 -9.01
N ALA C 218 -35.12 38.46 -9.47
CA ALA C 218 -33.86 39.06 -9.01
C ALA C 218 -32.98 39.41 -10.20
N GLU C 219 -33.58 40.07 -11.19
CA GLU C 219 -32.84 40.44 -12.40
C GLU C 219 -31.73 41.44 -12.07
N THR C 220 -30.56 41.23 -12.66
CA THR C 220 -29.40 42.07 -12.43
C THR C 220 -28.82 42.51 -13.77
N TYR C 221 -28.29 43.73 -13.82
CA TYR C 221 -27.64 44.27 -15.00
C TYR C 221 -26.23 44.71 -14.63
N THR C 222 -25.25 44.29 -15.43
CA THR C 222 -23.85 44.59 -15.16
C THR C 222 -23.14 44.96 -16.44
N GLY C 223 -22.46 46.09 -16.44
CA GLY C 223 -21.64 46.51 -17.55
C GLY C 223 -20.19 46.11 -17.37
N GLY C 224 -19.31 46.80 -18.11
CA GLY C 224 -17.89 46.53 -17.99
C GLY C 224 -17.02 47.31 -18.96
N LEU C 225 -15.84 47.71 -18.48
CA LEU C 225 -14.87 48.42 -19.31
C LEU C 225 -13.48 48.02 -18.84
N LYS C 226 -12.60 47.74 -19.79
CA LYS C 226 -11.24 47.32 -19.46
C LYS C 226 -10.28 47.83 -20.53
N TYR C 227 -9.01 47.93 -20.15
CA TYR C 227 -7.96 48.39 -21.05
C TYR C 227 -6.65 47.74 -20.62
N ASP C 228 -6.15 46.82 -21.45
CA ASP C 228 -4.91 46.09 -21.17
C ASP C 228 -3.96 46.33 -22.34
N ALA C 229 -3.14 47.38 -22.22
CA ALA C 229 -2.17 47.72 -23.26
C ALA C 229 -1.01 48.47 -22.62
N ASN C 230 0.10 48.51 -23.35
CA ASN C 230 1.34 49.18 -22.95
C ASN C 230 1.68 48.98 -21.48
N ASN C 231 1.52 47.75 -20.99
CA ASN C 231 1.89 47.36 -19.63
C ASN C 231 1.17 48.17 -18.56
N ILE C 232 -0.06 48.58 -18.83
CA ILE C 232 -0.91 49.22 -17.83
C ILE C 232 -2.26 48.52 -17.82
N TYR C 233 -2.94 48.59 -16.68
CA TYR C 233 -4.24 47.95 -16.49
C TYR C 233 -5.21 48.97 -15.94
N LEU C 234 -6.25 49.28 -16.70
CA LEU C 234 -7.32 50.18 -16.28
C LEU C 234 -8.66 49.49 -16.49
N ALA C 235 -9.49 49.49 -15.46
CA ALA C 235 -10.79 48.83 -15.53
C ALA C 235 -11.82 49.64 -14.77
N ALA C 236 -13.01 49.77 -15.35
CA ALA C 236 -14.14 50.43 -14.71
C ALA C 236 -15.41 49.64 -15.00
N GLN C 237 -16.26 49.50 -13.98
CA GLN C 237 -17.48 48.72 -14.13
C GLN C 237 -18.51 49.19 -13.10
N TYR C 238 -19.70 49.51 -13.58
CA TYR C 238 -20.82 49.89 -12.72
C TYR C 238 -22.00 48.98 -13.01
N THR C 239 -22.64 48.48 -11.95
CA THR C 239 -23.72 47.53 -12.08
C THR C 239 -24.86 47.91 -11.14
N GLN C 240 -26.07 47.51 -11.51
CA GLN C 240 -27.26 47.70 -10.70
C GLN C 240 -27.83 46.34 -10.35
N THR C 241 -28.03 46.09 -9.05
CA THR C 241 -28.50 44.79 -8.56
C THR C 241 -29.86 44.98 -7.90
N TYR C 242 -30.82 44.14 -8.28
CA TYR C 242 -32.18 44.19 -7.76
C TYR C 242 -32.46 42.91 -6.98
N ASN C 243 -32.59 43.05 -5.66
CA ASN C 243 -32.99 41.94 -4.77
C ASN C 243 -32.05 40.75 -4.88
N ALA C 244 -30.76 41.00 -5.11
CA ALA C 244 -29.79 39.92 -5.17
C ALA C 244 -28.49 40.18 -4.42
N THR C 245 -28.22 41.41 -4.00
CA THR C 245 -26.98 41.72 -3.27
C THR C 245 -27.18 41.39 -1.79
N ARG C 246 -26.34 40.52 -1.26
CA ARG C 246 -26.41 40.16 0.15
C ARG C 246 -25.76 41.26 1.00
N VAL C 247 -26.47 41.66 2.05
CA VAL C 247 -25.98 42.67 2.99
C VAL C 247 -25.93 42.04 4.37
N GLY C 248 -24.72 41.79 4.86
CA GLY C 248 -24.56 41.15 6.16
C GLY C 248 -25.22 39.78 6.18
N SER C 249 -26.02 39.55 7.23
CA SER C 249 -26.79 38.33 7.37
C SER C 249 -28.29 38.58 7.47
N LEU C 250 -28.73 39.84 7.41
CA LEU C 250 -30.16 40.13 7.52
C LEU C 250 -30.93 39.65 6.29
N GLY C 251 -30.36 39.83 5.10
CA GLY C 251 -31.02 39.40 3.88
C GLY C 251 -30.44 40.01 2.63
N TRP C 252 -31.30 40.51 1.74
CA TRP C 252 -30.89 41.09 0.47
C TRP C 252 -31.49 42.48 0.33
N ALA C 253 -30.67 43.41 -0.16
CA ALA C 253 -31.14 44.77 -0.40
C ALA C 253 -32.08 44.80 -1.60
N ASN C 254 -33.14 45.60 -1.48
CA ASN C 254 -34.13 45.69 -2.57
C ASN C 254 -33.51 46.28 -3.83
N LYS C 255 -32.69 47.32 -3.69
CA LYS C 255 -32.07 47.97 -4.83
C LYS C 255 -30.74 48.56 -4.39
N ALA C 256 -29.65 48.16 -5.04
CA ALA C 256 -28.32 48.65 -4.74
C ALA C 256 -27.60 49.02 -6.01
N GLN C 257 -26.72 50.02 -5.90
CA GLN C 257 -25.90 50.50 -7.02
C GLN C 257 -24.44 50.27 -6.67
N ASN C 258 -23.84 49.23 -7.24
CA ASN C 258 -22.47 48.86 -6.96
C ASN C 258 -21.56 49.41 -8.07
N PHE C 259 -20.57 50.20 -7.67
CA PHE C 259 -19.60 50.76 -8.59
C PHE C 259 -18.19 50.40 -8.12
N GLU C 260 -17.33 50.06 -9.07
CA GLU C 260 -15.97 49.66 -8.76
C GLU C 260 -15.06 50.02 -9.93
N ALA C 261 -13.84 50.43 -9.61
CA ALA C 261 -12.86 50.80 -10.62
C ALA C 261 -11.46 50.54 -10.06
N VAL C 262 -10.61 49.90 -10.85
CA VAL C 262 -9.25 49.55 -10.43
C VAL C 262 -8.26 50.09 -11.45
N ALA C 263 -7.01 50.22 -11.00
CA ALA C 263 -5.93 50.70 -11.86
C ALA C 263 -4.64 50.05 -11.42
N GLN C 264 -3.96 49.37 -12.35
CA GLN C 264 -2.73 48.66 -12.06
C GLN C 264 -1.67 49.03 -13.08
N TYR C 265 -0.42 49.10 -12.63
CA TYR C 265 0.72 49.41 -13.48
C TYR C 265 1.74 48.28 -13.40
N GLN C 266 2.41 48.01 -14.51
CA GLN C 266 3.41 46.96 -14.61
C GLN C 266 4.78 47.58 -14.82
N PHE C 267 5.72 47.23 -13.94
CA PHE C 267 7.08 47.73 -14.01
C PHE C 267 8.00 46.71 -14.68
N ASP C 268 9.24 47.15 -14.94
CA ASP C 268 10.19 46.27 -15.61
C ASP C 268 10.72 45.19 -14.69
N PHE C 269 10.95 45.50 -13.42
CA PHE C 269 11.52 44.56 -12.47
C PHE C 269 10.47 43.75 -11.71
N GLY C 270 9.18 43.96 -12.00
CA GLY C 270 8.13 43.14 -11.43
C GLY C 270 7.20 43.85 -10.46
N LEU C 271 7.40 45.13 -10.19
CA LEU C 271 6.52 45.85 -9.29
C LEU C 271 5.17 46.10 -9.95
N ARG C 272 4.09 45.77 -9.24
CA ARG C 272 2.73 45.94 -9.75
C ARG C 272 1.89 46.65 -8.70
N PRO C 273 1.98 47.97 -8.63
CA PRO C 273 1.11 48.72 -7.71
C PRO C 273 -0.36 48.56 -8.08
N SER C 274 -1.22 48.54 -7.07
CA SER C 274 -2.64 48.34 -7.27
C SER C 274 -3.43 49.33 -6.43
N LEU C 275 -4.45 49.93 -7.04
CA LEU C 275 -5.37 50.82 -6.36
C LEU C 275 -6.79 50.48 -6.79
N ALA C 276 -7.71 50.52 -5.84
CA ALA C 276 -9.10 50.16 -6.12
C ALA C 276 -10.03 50.91 -5.18
N TYR C 277 -11.23 51.21 -5.69
CA TYR C 277 -12.27 51.85 -4.89
C TYR C 277 -13.59 51.14 -5.15
N LEU C 278 -14.29 50.78 -4.09
CA LEU C 278 -15.55 50.05 -4.18
C LEU C 278 -16.57 50.68 -3.25
N GLN C 279 -17.80 50.82 -3.74
CA GLN C 279 -18.91 51.35 -2.96
C GLN C 279 -20.14 50.48 -3.17
N SER C 280 -20.91 50.28 -2.10
CA SER C 280 -22.13 49.48 -2.11
C SER C 280 -23.25 50.21 -1.41
N LYS C 281 -23.43 51.48 -1.74
CA LYS C 281 -24.47 52.30 -1.11
C LYS C 281 -25.84 51.81 -1.53
N GLY C 282 -26.72 51.59 -0.55
CA GLY C 282 -28.06 51.14 -0.84
C GLY C 282 -28.99 52.26 -1.24
N LYS C 283 -30.10 51.88 -1.88
CA LYS C 283 -31.09 52.84 -2.36
C LYS C 283 -32.46 52.65 -1.73
N ASN C 284 -32.96 51.42 -1.67
CA ASN C 284 -34.31 51.12 -1.19
C ASN C 284 -34.28 50.08 -0.11
N LEU C 285 -33.41 50.26 0.88
CA LEU C 285 -33.34 49.35 2.02
C LEU C 285 -34.59 49.50 2.89
N GLY C 286 -34.91 48.42 3.60
CA GLY C 286 -36.07 48.38 4.45
C GLY C 286 -35.74 48.36 5.92
N ARG C 287 -36.71 47.93 6.73
CA ARG C 287 -36.61 47.83 8.19
C ARG C 287 -35.87 49.02 8.80
N GLY C 288 -36.25 50.22 8.37
CA GLY C 288 -35.72 51.44 8.91
C GLY C 288 -34.46 51.95 8.25
N TYR C 289 -33.76 51.11 7.49
CA TYR C 289 -32.54 51.54 6.83
C TYR C 289 -32.87 52.34 5.57
N ASP C 290 -32.10 53.40 5.35
CA ASP C 290 -32.30 54.26 4.19
C ASP C 290 -30.96 54.90 3.81
N ASP C 291 -30.57 54.74 2.55
CA ASP C 291 -29.32 55.30 2.03
C ASP C 291 -28.12 54.87 2.85
N GLU C 292 -28.11 53.60 3.26
CA GLU C 292 -27.02 53.04 4.06
C GLU C 292 -26.04 52.30 3.16
N ASP C 293 -24.75 52.56 3.39
CA ASP C 293 -23.70 51.94 2.59
C ASP C 293 -23.42 50.54 3.11
N ILE C 294 -23.62 49.53 2.25
CA ILE C 294 -23.35 48.15 2.65
C ILE C 294 -21.85 47.92 2.80
N LEU C 295 -21.06 48.41 1.85
CA LEU C 295 -19.62 48.23 1.88
C LEU C 295 -18.96 49.38 1.12
N LYS C 296 -17.91 49.94 1.70
CA LYS C 296 -17.18 51.04 1.07
C LYS C 296 -15.76 51.06 1.62
N TYR C 297 -14.79 50.75 0.77
CA TYR C 297 -13.40 50.71 1.20
C TYR C 297 -12.50 51.06 0.01
N VAL C 298 -11.28 51.48 0.33
CA VAL C 298 -10.26 51.81 -0.65
C VAL C 298 -9.05 50.94 -0.38
N ASP C 299 -8.61 50.20 -1.39
CA ASP C 299 -7.47 49.29 -1.26
C ASP C 299 -6.30 49.81 -2.08
N VAL C 300 -5.14 49.91 -1.43
CA VAL C 300 -3.91 50.35 -2.08
C VAL C 300 -2.80 49.37 -1.70
N GLY C 301 -2.04 48.95 -2.70
CA GLY C 301 -0.95 48.00 -2.45
C GLY C 301 -0.10 47.83 -3.68
N ALA C 302 0.94 47.02 -3.53
CA ALA C 302 1.88 46.73 -4.61
C ALA C 302 2.16 45.23 -4.65
N THR C 303 2.48 44.74 -5.84
CA THR C 303 2.77 43.33 -6.06
C THR C 303 4.13 43.20 -6.74
N TYR C 304 5.02 42.43 -6.11
CA TYR C 304 6.35 42.18 -6.65
C TYR C 304 6.37 40.79 -7.27
N TYR C 305 6.74 40.71 -8.55
CA TYR C 305 6.78 39.46 -9.30
C TYR C 305 8.22 38.98 -9.39
N PHE C 306 8.58 38.00 -8.56
CA PHE C 306 9.90 37.41 -8.65
C PHE C 306 10.05 36.60 -9.93
N ASN C 307 9.07 35.76 -10.23
CA ASN C 307 9.05 34.98 -11.46
C ASN C 307 7.60 34.59 -11.74
N LYS C 308 7.40 33.66 -12.67
CA LYS C 308 6.07 33.21 -13.03
C LYS C 308 5.50 32.18 -12.07
N ASN C 309 6.28 31.72 -11.09
CA ASN C 309 5.84 30.71 -10.13
C ASN C 309 5.56 31.29 -8.75
N MET C 310 6.51 32.04 -8.19
CA MET C 310 6.38 32.60 -6.84
C MET C 310 6.31 34.12 -6.93
N SER C 311 5.34 34.70 -6.22
CA SER C 311 5.15 36.15 -6.21
C SER C 311 4.86 36.63 -4.81
N THR C 312 5.19 37.89 -4.55
CA THR C 312 4.95 38.52 -3.26
C THR C 312 4.09 39.77 -3.46
N TYR C 313 3.25 40.06 -2.48
CA TYR C 313 2.35 41.20 -2.57
C TYR C 313 2.07 41.73 -1.17
N VAL C 314 1.69 43.00 -1.11
CA VAL C 314 1.30 43.66 0.12
C VAL C 314 0.00 44.41 -0.14
N ASP C 315 -0.98 44.24 0.76
CA ASP C 315 -2.29 44.84 0.60
C ASP C 315 -2.62 45.68 1.82
N TYR C 316 -3.28 46.82 1.58
CA TYR C 316 -3.70 47.73 2.64
C TYR C 316 -5.09 48.25 2.29
N LYS C 317 -6.08 47.84 3.07
CA LYS C 317 -7.47 48.24 2.85
C LYS C 317 -7.87 49.25 3.90
N ILE C 318 -8.42 50.38 3.46
CA ILE C 318 -8.89 51.45 4.33
C ILE C 318 -10.41 51.52 4.23
N ASN C 319 -11.08 51.34 5.36
CA ASN C 319 -12.54 51.35 5.40
C ASN C 319 -13.03 52.78 5.61
N LEU C 320 -13.81 53.29 4.64
CA LEU C 320 -14.35 54.63 4.71
C LEU C 320 -15.77 54.68 5.27
N LEU C 321 -16.33 53.53 5.65
CA LEU C 321 -17.70 53.49 6.17
C LEU C 321 -17.70 53.70 7.68
N ASP C 322 -18.85 54.13 8.19
CA ASP C 322 -18.99 54.43 9.60
C ASP C 322 -19.27 53.14 10.39
N ASP C 323 -19.47 53.31 11.70
CA ASP C 323 -19.74 52.18 12.58
C ASP C 323 -21.08 52.35 13.29
N ASN C 324 -22.11 52.73 12.54
CA ASN C 324 -23.43 52.96 13.11
C ASN C 324 -24.10 51.63 13.42
N GLN C 325 -25.37 51.69 13.84
CA GLN C 325 -26.09 50.47 14.22
C GLN C 325 -26.34 49.57 13.02
N PHE C 326 -26.42 50.15 11.81
CA PHE C 326 -26.67 49.33 10.62
C PHE C 326 -25.53 48.34 10.38
N THR C 327 -24.29 48.80 10.53
CA THR C 327 -23.15 47.90 10.32
C THR C 327 -23.01 46.89 11.46
N ARG C 328 -23.31 47.31 12.70
CA ARG C 328 -23.20 46.39 13.83
C ARG C 328 -24.24 45.29 13.75
N ASP C 329 -25.47 45.63 13.34
CA ASP C 329 -26.53 44.62 13.24
C ASP C 329 -26.20 43.60 12.16
N ALA C 330 -25.68 44.04 11.02
CA ALA C 330 -25.34 43.14 9.93
C ALA C 330 -23.98 42.48 10.10
N GLY C 331 -23.19 42.92 11.07
CA GLY C 331 -21.87 42.33 11.29
C GLY C 331 -20.87 42.59 10.18
N ILE C 332 -20.85 43.79 9.64
CA ILE C 332 -19.92 44.16 8.57
C ILE C 332 -18.66 44.73 9.19
N ASN C 333 -17.51 44.37 8.62
CA ASN C 333 -16.23 44.86 9.13
C ASN C 333 -16.11 46.36 8.85
N THR C 334 -15.68 47.11 9.87
CA THR C 334 -15.54 48.55 9.76
C THR C 334 -14.14 49.00 10.20
N ASP C 335 -13.15 48.12 10.06
CA ASP C 335 -11.79 48.42 10.46
C ASP C 335 -10.83 48.15 9.31
N ASN C 336 -9.75 48.92 9.26
CA ASN C 336 -8.76 48.77 8.21
C ASN C 336 -8.00 47.46 8.39
N ILE C 337 -7.78 46.75 7.27
CA ILE C 337 -7.10 45.46 7.27
C ILE C 337 -5.88 45.57 6.35
N VAL C 338 -4.72 45.20 6.89
CA VAL C 338 -3.48 45.15 6.12
C VAL C 338 -2.95 43.72 6.16
N ALA C 339 -2.71 43.15 4.98
CA ALA C 339 -2.23 41.78 4.87
C ALA C 339 -1.03 41.74 3.93
N LEU C 340 0.04 41.08 4.36
CA LEU C 340 1.23 40.91 3.56
C LEU C 340 1.67 39.45 3.59
N GLY C 341 2.23 38.99 2.48
CA GLY C 341 2.68 37.62 2.39
C GLY C 341 3.19 37.29 1.01
N LEU C 342 3.51 36.02 0.80
CA LEU C 342 4.02 35.53 -0.47
C LEU C 342 3.31 34.24 -0.84
N VAL C 343 3.10 34.04 -2.13
CA VAL C 343 2.43 32.86 -2.66
C VAL C 343 3.35 32.16 -3.64
N TYR C 344 3.28 30.83 -3.66
CA TYR C 344 4.08 30.00 -4.54
C TYR C 344 3.15 29.14 -5.39
N GLN C 345 3.09 29.42 -6.69
CA GLN C 345 2.24 28.69 -7.61
C GLN C 345 3.07 27.73 -8.45
N PHE C 346 2.49 26.57 -8.74
CA PHE C 346 3.16 25.56 -9.54
C PHE C 346 2.23 25.01 -10.63
N ARG D 11 35.05 -43.67 13.61
CA ARG D 11 35.02 -43.79 15.06
C ARG D 11 34.23 -45.02 15.49
N SER D 12 34.82 -45.81 16.40
CA SER D 12 34.15 -47.00 16.90
C SER D 12 32.96 -46.64 17.75
N ASP D 13 31.91 -47.46 17.66
CA ASP D 13 30.68 -47.27 18.41
C ASP D 13 30.31 -48.55 19.13
N PRO D 14 29.66 -48.44 20.29
CA PRO D 14 29.25 -49.63 21.04
C PRO D 14 28.03 -50.28 20.40
N LEU D 15 27.57 -51.37 21.03
CA LEU D 15 26.42 -52.14 20.58
C LEU D 15 26.59 -52.62 19.14
N GLU D 16 27.65 -53.40 18.92
CA GLU D 16 27.92 -53.93 17.59
C GLU D 16 27.00 -55.09 17.23
N GLY D 17 26.60 -55.89 18.22
CA GLY D 17 25.70 -57.00 17.94
C GLY D 17 24.33 -56.55 17.49
N PHE D 18 23.80 -55.51 18.12
CA PHE D 18 22.48 -54.99 17.77
C PHE D 18 22.63 -53.91 16.71
N ASN D 19 21.54 -53.18 16.45
CA ASN D 19 21.47 -52.08 15.49
C ASN D 19 21.75 -52.50 14.05
N ARG D 20 21.77 -53.81 13.78
CA ARG D 20 22.00 -54.33 12.45
C ARG D 20 20.78 -55.04 11.87
N THR D 21 20.17 -55.94 12.64
CA THR D 21 18.98 -56.63 12.17
C THR D 21 17.78 -55.69 12.11
N MET D 22 17.68 -54.75 13.06
CA MET D 22 16.58 -53.80 13.05
C MET D 22 16.65 -52.88 11.84
N TYR D 23 17.85 -52.44 11.47
CA TYR D 23 18.01 -51.57 10.29
C TYR D 23 17.60 -52.30 9.02
N ASN D 24 17.99 -53.57 8.89
CA ASN D 24 17.62 -54.33 7.69
C ASN D 24 16.11 -54.51 7.58
N PHE D 25 15.45 -54.81 8.70
CA PHE D 25 14.00 -54.96 8.68
C PHE D 25 13.30 -53.64 8.37
N ASN D 26 13.82 -52.54 8.88
CA ASN D 26 13.17 -51.24 8.67
C ASN D 26 13.38 -50.73 7.26
N PHE D 27 14.46 -51.13 6.59
CA PHE D 27 14.80 -50.62 5.27
C PHE D 27 14.45 -51.57 4.13
N ASN D 28 14.26 -52.86 4.40
CA ASN D 28 13.96 -53.83 3.36
C ASN D 28 12.54 -54.38 3.44
N VAL D 29 11.84 -54.19 4.55
CA VAL D 29 10.47 -54.65 4.71
C VAL D 29 9.50 -53.49 4.84
N LEU D 30 9.75 -52.57 5.77
CA LEU D 30 8.84 -51.44 5.97
C LEU D 30 8.96 -50.41 4.85
N ASP D 31 10.16 -50.25 4.28
CA ASP D 31 10.34 -49.22 3.26
C ASP D 31 9.68 -49.60 1.93
N PRO D 32 9.98 -50.75 1.32
CA PRO D 32 9.41 -51.02 -0.01
C PRO D 32 7.96 -51.50 0.01
N TYR D 33 7.35 -51.62 1.18
CA TYR D 33 5.96 -52.10 1.28
C TYR D 33 4.97 -51.01 1.68
N ILE D 34 5.37 -50.05 2.50
CA ILE D 34 4.50 -48.98 2.97
C ILE D 34 4.98 -47.62 2.51
N VAL D 35 6.24 -47.29 2.79
CA VAL D 35 6.75 -45.96 2.45
C VAL D 35 6.88 -45.79 0.95
N ARG D 36 7.41 -46.80 0.26
CA ARG D 36 7.60 -46.70 -1.18
C ARG D 36 6.29 -46.54 -1.96
N PRO D 37 5.25 -47.35 -1.73
CA PRO D 37 4.00 -47.13 -2.49
C PRO D 37 3.38 -45.77 -2.25
N VAL D 38 3.47 -45.23 -1.03
CA VAL D 38 2.89 -43.93 -0.75
C VAL D 38 3.76 -42.79 -1.28
N ALA D 39 5.04 -43.04 -1.52
CA ALA D 39 5.91 -42.00 -2.05
C ALA D 39 5.64 -41.74 -3.54
N VAL D 40 5.35 -42.80 -4.29
CA VAL D 40 5.05 -42.62 -5.71
C VAL D 40 3.76 -41.83 -5.90
N ALA D 41 2.73 -42.15 -5.13
CA ALA D 41 1.46 -41.43 -5.24
C ALA D 41 1.61 -39.98 -4.80
N TRP D 42 2.41 -39.72 -3.76
CA TRP D 42 2.60 -38.36 -3.28
C TRP D 42 3.30 -37.50 -4.33
N ARG D 43 4.29 -38.07 -5.03
CA ARG D 43 5.01 -37.31 -6.03
C ARG D 43 4.16 -37.03 -7.26
N ASP D 44 3.27 -37.96 -7.62
CA ASP D 44 2.49 -37.84 -8.85
C ASP D 44 1.13 -37.18 -8.61
N TYR D 45 0.33 -37.74 -7.71
CA TYR D 45 -1.03 -37.27 -7.52
C TYR D 45 -1.06 -35.88 -6.90
N VAL D 46 -0.23 -35.64 -5.89
CA VAL D 46 -0.21 -34.33 -5.21
C VAL D 46 0.52 -33.34 -6.11
N PRO D 47 -0.10 -32.20 -6.43
CA PRO D 47 0.56 -31.22 -7.29
C PRO D 47 1.74 -30.56 -6.59
N GLN D 48 2.67 -30.05 -7.40
CA GLN D 48 3.87 -29.41 -6.86
C GLN D 48 3.55 -28.20 -5.99
N PRO D 49 2.63 -27.28 -6.36
CA PRO D 49 2.32 -26.18 -5.45
C PRO D 49 1.78 -26.63 -4.10
N ALA D 50 1.02 -27.73 -4.06
CA ALA D 50 0.53 -28.24 -2.79
C ALA D 50 1.68 -28.73 -1.92
N ARG D 51 2.65 -29.42 -2.52
CA ARG D 51 3.81 -29.89 -1.75
C ARG D 51 4.65 -28.72 -1.26
N ASN D 52 4.81 -27.69 -2.08
CA ASN D 52 5.60 -26.53 -1.67
C ASN D 52 4.95 -25.81 -0.49
N GLY D 53 3.63 -25.70 -0.49
CA GLY D 53 2.96 -25.03 0.62
C GLY D 53 3.12 -25.78 1.94
N LEU D 54 3.06 -27.11 1.89
CA LEU D 54 3.24 -27.90 3.10
C LEU D 54 4.67 -27.81 3.63
N SER D 55 5.66 -27.74 2.73
CA SER D 55 7.05 -27.64 3.15
C SER D 55 7.30 -26.33 3.89
N ASN D 56 6.74 -25.23 3.40
CA ASN D 56 6.94 -23.94 4.06
C ASN D 56 6.20 -23.87 5.39
N PHE D 57 5.07 -24.58 5.50
CA PHE D 57 4.33 -24.58 6.76
C PHE D 57 5.14 -25.22 7.88
N THR D 58 5.84 -26.33 7.58
CA THR D 58 6.66 -26.98 8.59
C THR D 58 7.83 -26.10 9.01
N GLY D 59 8.44 -25.40 8.06
CA GLY D 59 9.56 -24.52 8.40
C GLY D 59 9.14 -23.35 9.25
N ASN D 60 7.94 -22.82 9.01
CA ASN D 60 7.46 -21.68 9.78
C ASN D 60 7.22 -22.05 11.25
N LEU D 61 6.79 -23.28 11.51
CA LEU D 61 6.54 -23.70 12.89
C LEU D 61 7.83 -23.85 13.70
N GLU D 62 8.96 -24.04 13.03
CA GLU D 62 10.25 -24.18 13.71
C GLU D 62 11.11 -22.94 13.62
N GLU D 63 10.68 -21.91 12.87
CA GLU D 63 11.46 -20.68 12.77
C GLU D 63 11.65 -19.98 14.11
N PRO D 64 10.62 -19.80 14.97
CA PRO D 64 10.86 -19.13 16.26
C PRO D 64 11.60 -20.01 17.26
N ALA D 65 11.98 -21.21 16.84
CA ALA D 65 12.73 -22.13 17.69
C ALA D 65 14.20 -22.23 17.34
N VAL D 66 14.57 -22.06 16.08
CA VAL D 66 15.98 -22.10 15.70
C VAL D 66 16.69 -20.80 15.99
N MET D 67 15.96 -19.68 16.13
CA MET D 67 16.60 -18.41 16.44
C MET D 67 17.16 -18.40 17.86
N VAL D 68 16.50 -19.09 18.80
CA VAL D 68 17.02 -19.15 20.16
C VAL D 68 18.33 -19.93 20.21
N ASN D 69 18.46 -20.95 19.37
CA ASN D 69 19.70 -21.73 19.34
C ASN D 69 20.88 -20.88 18.92
N TYR D 70 20.68 -20.01 17.92
CA TYR D 70 21.76 -19.12 17.49
C TYR D 70 22.15 -18.11 18.56
N PHE D 71 21.17 -17.63 19.33
CA PHE D 71 21.47 -16.66 20.39
C PHE D 71 22.26 -17.30 21.53
N LEU D 72 22.00 -18.58 21.82
CA LEU D 72 22.73 -19.25 22.90
C LEU D 72 24.21 -19.36 22.57
N GLN D 73 24.54 -19.74 21.34
CA GLN D 73 25.93 -19.83 20.92
C GLN D 73 26.51 -18.48 20.54
N GLY D 74 25.67 -17.54 20.13
CA GLY D 74 26.13 -16.21 19.74
C GLY D 74 26.19 -16.01 18.25
N ASP D 75 25.17 -15.35 17.69
CA ASP D 75 25.12 -15.07 16.27
C ASP D 75 24.13 -13.95 16.00
N PRO D 76 24.51 -12.69 16.23
CA PRO D 76 23.58 -11.58 15.97
C PRO D 76 23.15 -11.47 14.52
N TYR D 77 24.04 -11.79 13.57
CA TYR D 77 23.68 -11.71 12.16
C TYR D 77 22.69 -12.81 11.78
N GLN D 78 22.98 -14.06 12.20
CA GLN D 78 22.10 -15.17 11.86
C GLN D 78 20.83 -15.19 12.71
N GLY D 79 20.89 -14.64 13.92
CA GLY D 79 19.72 -14.64 14.77
C GLY D 79 18.59 -13.80 14.21
N MET D 80 18.91 -12.63 13.66
CA MET D 80 17.89 -11.77 13.08
C MET D 80 17.39 -12.28 11.74
N VAL D 81 18.16 -13.14 11.07
CA VAL D 81 17.74 -13.67 9.77
C VAL D 81 16.49 -14.54 9.94
N HIS D 82 16.49 -15.41 10.96
CA HIS D 82 15.35 -16.29 11.17
C HIS D 82 14.14 -15.52 11.69
N PHE D 83 14.36 -14.46 12.46
CA PHE D 83 13.25 -13.66 12.97
C PHE D 83 12.48 -13.00 11.84
N THR D 84 13.20 -12.48 10.85
CA THR D 84 12.54 -11.85 9.70
C THR D 84 11.75 -12.89 8.90
N ARG D 85 12.29 -14.10 8.74
CA ARG D 85 11.59 -15.13 7.98
C ARG D 85 10.27 -15.51 8.64
N PHE D 86 10.27 -15.65 9.97
CA PHE D 86 9.04 -16.02 10.68
C PHE D 86 8.02 -14.89 10.62
N PHE D 87 8.46 -13.64 10.78
CA PHE D 87 7.53 -12.52 10.77
C PHE D 87 6.86 -12.35 9.42
N LEU D 88 7.62 -12.49 8.33
CA LEU D 88 7.05 -12.30 7.01
C LEU D 88 6.15 -13.46 6.61
N ASN D 89 6.54 -14.69 6.97
CA ASN D 89 5.75 -15.86 6.59
C ASN D 89 4.42 -15.90 7.32
N THR D 90 4.41 -15.55 8.61
CA THR D 90 3.18 -15.63 9.39
C THR D 90 2.21 -14.51 9.04
N ILE D 91 2.73 -13.30 8.84
CA ILE D 91 1.88 -12.13 8.59
C ILE D 91 1.53 -12.00 7.12
N LEU D 92 2.53 -12.01 6.25
CA LEU D 92 2.33 -11.80 4.82
C LEU D 92 2.10 -13.09 4.05
N GLY D 93 2.06 -14.24 4.72
CA GLY D 93 1.87 -15.50 4.02
C GLY D 93 0.72 -16.32 4.58
N MET D 94 -0.09 -15.71 5.45
CA MET D 94 -1.25 -16.36 6.06
C MET D 94 -0.85 -17.67 6.76
N GLY D 95 -0.01 -17.53 7.77
CA GLY D 95 0.44 -18.68 8.52
C GLY D 95 1.61 -19.43 7.92
N GLY D 96 2.33 -18.83 6.98
CA GLY D 96 3.47 -19.48 6.37
C GLY D 96 3.12 -20.44 5.25
N PHE D 97 1.98 -20.26 4.59
CA PHE D 97 1.61 -21.15 3.48
C PHE D 97 2.46 -20.91 2.24
N ILE D 98 3.12 -19.76 2.14
CA ILE D 98 3.98 -19.43 1.01
C ILE D 98 5.31 -18.91 1.54
N ASP D 99 6.32 -18.97 0.68
CA ASP D 99 7.66 -18.53 1.03
C ASP D 99 7.78 -17.04 0.75
N VAL D 100 7.34 -16.23 1.72
CA VAL D 100 7.41 -14.78 1.57
C VAL D 100 8.87 -14.32 1.61
N ALA D 101 9.64 -14.83 2.56
CA ALA D 101 11.03 -14.42 2.71
C ALA D 101 11.94 -15.03 1.66
N GLY D 102 11.54 -16.13 1.04
CA GLY D 102 12.40 -16.77 0.05
C GLY D 102 12.60 -15.91 -1.19
N MET D 103 11.52 -15.32 -1.70
CA MET D 103 11.60 -14.47 -2.88
C MET D 103 11.84 -13.00 -2.55
N ALA D 104 11.84 -12.64 -1.26
CA ALA D 104 12.06 -11.25 -0.89
C ALA D 104 13.52 -10.82 -1.04
N ASN D 105 14.46 -11.75 -0.83
CA ASN D 105 15.87 -11.44 -0.92
C ASN D 105 16.61 -12.72 -1.29
N PRO D 106 17.55 -12.64 -2.25
CA PRO D 106 18.33 -13.85 -2.60
C PRO D 106 19.15 -14.41 -1.46
N LYS D 107 19.50 -13.58 -0.47
CA LYS D 107 20.26 -14.02 0.69
C LYS D 107 19.37 -14.46 1.86
N LEU D 108 18.06 -14.48 1.66
CA LEU D 108 17.11 -14.87 2.69
C LEU D 108 16.31 -16.10 2.25
N GLN D 109 17.00 -17.04 1.62
CA GLN D 109 16.36 -18.25 1.11
C GLN D 109 16.18 -19.26 2.25
N ARG D 110 15.72 -20.46 1.92
CA ARG D 110 15.50 -21.49 2.92
C ARG D 110 16.84 -21.95 3.49
N THR D 111 16.85 -22.22 4.80
CA THR D 111 18.02 -22.68 5.51
C THR D 111 17.68 -23.88 6.36
N GLU D 112 18.64 -24.77 6.53
CA GLU D 112 18.42 -25.97 7.34
C GLU D 112 18.19 -25.58 8.80
N PRO D 113 17.19 -26.16 9.45
CA PRO D 113 16.92 -25.81 10.86
C PRO D 113 18.05 -26.24 11.77
N HIS D 114 18.27 -25.46 12.82
CA HIS D 114 19.29 -25.73 13.83
C HIS D 114 18.58 -25.95 15.17
N ARG D 115 18.53 -27.20 15.61
CA ARG D 115 17.85 -27.56 16.85
C ARG D 115 18.80 -27.35 18.03
N PHE D 116 18.39 -27.83 19.21
CA PHE D 116 19.20 -27.69 20.41
C PHE D 116 20.48 -28.50 20.34
N GLY D 117 20.54 -29.54 19.50
CA GLY D 117 21.74 -30.34 19.40
C GLY D 117 22.90 -29.60 18.77
N SER D 118 22.61 -28.61 17.93
CA SER D 118 23.68 -27.82 17.32
C SER D 118 24.46 -27.03 18.36
N THR D 119 23.74 -26.44 19.33
CA THR D 119 24.41 -25.68 20.38
C THR D 119 25.28 -26.57 21.26
N LEU D 120 24.78 -27.77 21.57
CA LEU D 120 25.56 -28.70 22.40
C LEU D 120 26.84 -29.13 21.69
N GLY D 121 26.76 -29.40 20.38
CA GLY D 121 27.93 -29.81 19.63
C GLY D 121 28.91 -28.69 19.37
N HIS D 122 28.45 -27.44 19.41
CA HIS D 122 29.35 -26.31 19.20
C HIS D 122 30.39 -26.22 20.32
N TYR D 123 29.96 -26.43 21.57
CA TYR D 123 30.87 -26.38 22.70
C TYR D 123 31.66 -27.67 22.87
N GLY D 124 31.24 -28.76 22.22
CA GLY D 124 31.94 -30.02 22.32
C GLY D 124 31.29 -31.01 23.26
N VAL D 125 30.55 -31.98 22.70
CA VAL D 125 29.90 -33.02 23.50
C VAL D 125 30.14 -34.36 22.82
N GLY D 126 30.02 -35.43 23.61
CA GLY D 126 30.18 -36.76 23.08
C GLY D 126 28.98 -37.23 22.29
N TYR D 127 29.25 -38.03 21.26
CA TYR D 127 28.18 -38.56 20.43
C TYR D 127 27.41 -39.67 21.13
N GLY D 128 28.10 -40.49 21.92
CA GLY D 128 27.45 -41.57 22.63
C GLY D 128 27.07 -42.72 21.72
N PRO D 129 26.28 -43.65 22.23
CA PRO D 129 25.85 -44.79 21.42
C PRO D 129 24.87 -44.37 20.33
N TYR D 130 24.84 -45.18 19.28
CA TYR D 130 23.96 -44.97 18.14
C TYR D 130 22.92 -46.08 18.11
N VAL D 131 21.64 -45.71 18.15
CA VAL D 131 20.54 -46.67 18.17
C VAL D 131 19.55 -46.29 17.08
N GLN D 132 19.19 -47.25 16.24
CA GLN D 132 18.22 -47.04 15.17
C GLN D 132 16.83 -47.28 15.73
N LEU D 133 16.13 -46.19 16.03
CA LEU D 133 14.78 -46.31 16.57
C LEU D 133 13.83 -46.85 15.51
N PRO D 134 12.88 -47.71 15.89
CA PRO D 134 11.93 -48.24 14.91
C PRO D 134 11.04 -47.14 14.36
N PHE D 135 10.71 -47.25 13.07
CA PHE D 135 9.83 -46.32 12.35
C PHE D 135 10.34 -44.88 12.38
N TYR D 136 11.61 -44.69 12.71
CA TYR D 136 12.18 -43.35 12.77
C TYR D 136 13.46 -43.21 11.97
N GLY D 137 14.29 -44.24 11.91
CA GLY D 137 15.54 -44.19 11.17
C GLY D 137 16.71 -43.85 12.08
N SER D 138 17.56 -42.92 11.65
CA SER D 138 18.71 -42.54 12.43
C SER D 138 18.28 -41.81 13.71
N PHE D 139 18.98 -42.09 14.81
CA PHE D 139 18.68 -41.47 16.09
C PHE D 139 19.96 -41.42 16.91
N THR D 140 20.24 -40.26 17.50
CA THR D 140 21.42 -40.07 18.34
C THR D 140 21.03 -39.33 19.59
N LEU D 141 21.82 -39.53 20.65
CA LEU D 141 21.51 -38.95 21.96
C LEU D 141 21.80 -37.46 22.01
N ARG D 142 22.81 -36.99 21.27
CA ARG D 142 23.23 -35.60 21.37
C ARG D 142 22.40 -34.66 20.49
N ASP D 143 22.13 -35.06 19.24
CA ASP D 143 21.35 -34.23 18.32
C ASP D 143 19.88 -34.60 18.33
N ASP D 144 19.57 -35.86 17.99
CA ASP D 144 18.17 -36.29 17.98
C ASP D 144 17.62 -36.42 19.39
N GLY D 145 18.43 -36.94 20.32
CA GLY D 145 17.99 -37.06 21.70
C GLY D 145 17.92 -35.74 22.44
N GLY D 146 18.64 -34.73 21.97
CA GLY D 146 18.63 -33.40 22.55
C GLY D 146 17.59 -32.48 21.96
N ASP D 147 16.71 -32.97 21.09
CA ASP D 147 15.69 -32.14 20.47
C ASP D 147 14.49 -31.90 21.38
N MET D 148 14.42 -32.55 22.52
CA MET D 148 13.31 -32.37 23.47
C MET D 148 13.60 -31.22 24.44
N ALA D 149 13.94 -30.06 23.89
CA ALA D 149 14.20 -28.87 24.69
C ALA D 149 13.43 -27.64 24.25
N ASP D 150 12.87 -27.63 23.04
CA ASP D 150 12.11 -26.49 22.54
C ASP D 150 10.63 -26.60 22.83
N GLY D 151 10.20 -27.62 23.57
CA GLY D 151 8.78 -27.80 23.88
C GLY D 151 8.25 -26.83 24.92
N PHE D 152 9.12 -26.09 25.59
CA PHE D 152 8.70 -25.07 26.55
C PHE D 152 8.60 -23.68 25.95
N TYR D 153 9.25 -23.44 24.82
CA TYR D 153 9.17 -22.15 24.15
C TYR D 153 7.78 -21.97 23.53
N PRO D 154 7.35 -20.72 23.35
CA PRO D 154 6.04 -20.48 22.73
C PRO D 154 6.03 -20.91 21.27
N VAL D 155 4.81 -20.93 20.71
CA VAL D 155 4.51 -21.28 19.32
C VAL D 155 4.70 -22.79 19.11
N LEU D 156 5.73 -23.37 19.73
CA LEU D 156 5.96 -24.81 19.63
C LEU D 156 5.22 -25.59 20.70
N SER D 157 4.95 -24.97 21.85
CA SER D 157 4.21 -25.65 22.92
C SER D 157 2.72 -25.74 22.63
N TRP D 158 2.20 -25.00 21.64
CA TRP D 158 0.79 -25.03 21.32
C TRP D 158 0.38 -26.29 20.58
N LEU D 159 1.33 -27.11 20.14
CA LEU D 159 1.03 -28.32 19.39
C LEU D 159 0.92 -29.50 20.34
N THR D 160 -0.20 -30.22 20.28
CA THR D 160 -0.42 -31.39 21.11
C THR D 160 0.25 -32.60 20.47
N TRP D 161 0.14 -33.75 21.15
CA TRP D 161 0.79 -34.96 20.64
C TRP D 161 0.28 -35.43 19.29
N PRO D 162 -1.03 -35.43 18.98
CA PRO D 162 -1.44 -35.96 17.67
C PRO D 162 -1.01 -35.08 16.51
N MET D 163 -1.18 -33.76 16.62
CA MET D 163 -0.84 -32.87 15.53
C MET D 163 0.67 -32.76 15.34
N SER D 164 1.44 -32.82 16.44
CA SER D 164 2.89 -32.71 16.33
C SER D 164 3.48 -33.89 15.58
N VAL D 165 2.99 -35.10 15.86
CA VAL D 165 3.53 -36.28 15.19
C VAL D 165 3.13 -36.30 13.72
N GLY D 166 2.04 -35.60 13.36
CA GLY D 166 1.66 -35.52 11.96
C GLY D 166 2.66 -34.71 11.15
N LYS D 167 3.23 -33.66 11.74
CA LYS D 167 4.22 -32.85 11.04
C LYS D 167 5.47 -33.65 10.74
N TRP D 168 5.90 -34.49 11.68
CA TRP D 168 7.08 -35.32 11.45
C TRP D 168 6.86 -36.30 10.31
N THR D 169 5.68 -36.92 10.24
CA THR D 169 5.38 -37.82 9.13
C THR D 169 5.31 -37.06 7.81
N LEU D 170 4.73 -35.86 7.82
CA LEU D 170 4.66 -35.05 6.61
C LEU D 170 6.05 -34.64 6.14
N GLU D 171 6.93 -34.28 7.08
CA GLU D 171 8.29 -33.89 6.70
C GLU D 171 9.05 -35.05 6.08
N GLY D 172 8.90 -36.25 6.64
CA GLY D 172 9.56 -37.40 6.08
C GLY D 172 9.05 -37.77 4.69
N ILE D 173 7.74 -37.60 4.47
CA ILE D 173 7.17 -37.89 3.16
C ILE D 173 7.70 -36.92 2.12
N GLU D 174 7.80 -35.63 2.47
CA GLU D 174 8.29 -34.64 1.52
C GLU D 174 9.73 -34.91 1.11
N THR D 175 10.58 -35.28 2.07
CA THR D 175 11.97 -35.59 1.75
C THR D 175 12.11 -36.91 1.00
N ARG D 176 11.10 -37.78 1.07
CA ARG D 176 11.19 -39.05 0.36
C ARG D 176 11.12 -38.86 -1.15
N ALA D 177 10.40 -37.83 -1.61
CA ALA D 177 10.29 -37.59 -3.05
C ALA D 177 11.64 -37.25 -3.66
N GLN D 178 12.44 -36.43 -2.97
CA GLN D 178 13.75 -36.07 -3.50
C GLN D 178 14.72 -37.24 -3.46
N LEU D 179 14.51 -38.18 -2.55
CA LEU D 179 15.37 -39.35 -2.42
C LEU D 179 14.93 -40.51 -3.32
N LEU D 180 13.79 -40.39 -4.00
CA LEU D 180 13.34 -41.46 -4.88
C LEU D 180 14.15 -41.53 -6.16
N ASP D 181 14.72 -40.40 -6.60
CA ASP D 181 15.50 -40.40 -7.83
C ASP D 181 16.87 -41.04 -7.65
N SER D 182 17.42 -40.99 -6.43
CA SER D 182 18.74 -41.53 -6.13
C SER D 182 18.65 -42.66 -5.10
N ASP D 183 17.66 -43.53 -5.25
CA ASP D 183 17.48 -44.64 -4.32
C ASP D 183 18.36 -45.84 -4.67
N GLY D 184 19.02 -45.83 -5.83
CA GLY D 184 19.85 -46.95 -6.23
C GLY D 184 21.19 -47.02 -5.51
N LEU D 185 21.64 -45.91 -4.92
CA LEU D 185 22.91 -45.89 -4.21
C LEU D 185 22.81 -46.44 -2.80
N LEU D 186 21.60 -46.61 -2.27
CA LEU D 186 21.46 -47.15 -0.92
C LEU D 186 21.89 -48.61 -0.85
N ARG D 187 21.54 -49.40 -1.88
CA ARG D 187 21.90 -50.81 -1.93
C ARG D 187 23.13 -51.06 -2.81
N CYS D 188 23.76 -50.00 -3.32
CA CYS D 188 24.94 -50.18 -4.16
C CYS D 188 26.11 -50.75 -3.37
N SER D 189 26.30 -50.27 -2.15
CA SER D 189 27.39 -50.75 -1.31
C SER D 189 27.09 -52.15 -0.77
N SER D 190 28.16 -52.87 -0.43
CA SER D 190 28.00 -54.22 0.12
C SER D 190 27.25 -54.19 1.45
N ASP D 191 27.59 -53.24 2.32
CA ASP D 191 26.93 -53.10 3.62
C ASP D 191 26.21 -51.76 3.66
N PRO D 192 24.90 -51.72 3.45
CA PRO D 192 24.18 -50.44 3.50
C PRO D 192 24.18 -49.78 4.87
N TYR D 193 24.41 -50.53 5.94
CA TYR D 193 24.43 -49.94 7.27
C TYR D 193 25.64 -49.03 7.46
N ILE D 194 26.78 -49.40 6.88
CA ILE D 194 27.99 -48.60 7.03
C ILE D 194 27.83 -47.23 6.39
N MET D 195 27.28 -47.18 5.17
CA MET D 195 27.16 -45.91 4.46
C MET D 195 26.07 -45.03 5.07
N VAL D 196 25.05 -45.63 5.68
CA VAL D 196 23.98 -44.84 6.30
C VAL D 196 24.50 -44.14 7.55
N ARG D 197 25.28 -44.84 8.37
CA ARG D 197 25.81 -44.25 9.59
C ARG D 197 26.75 -43.09 9.26
N GLU D 198 27.61 -43.26 8.25
CA GLU D 198 28.53 -42.20 7.88
C GLU D 198 27.80 -41.02 7.25
N ALA D 199 26.71 -41.27 6.52
CA ALA D 199 25.96 -40.18 5.90
C ALA D 199 25.30 -39.31 6.96
N TYR D 200 24.74 -39.91 8.00
CA TYR D 200 24.12 -39.14 9.06
C TYR D 200 25.15 -38.38 9.89
N PHE D 201 26.32 -39.00 10.11
CA PHE D 201 27.38 -38.34 10.87
C PHE D 201 27.96 -37.15 10.11
N GLN D 202 28.07 -37.26 8.78
CA GLN D 202 28.62 -36.16 7.99
C GLN D 202 27.70 -34.96 7.94
N ARG D 203 26.42 -35.14 8.23
CA ARG D 203 25.45 -34.04 8.21
C ARG D 203 25.29 -33.37 9.57
N HIS D 204 26.03 -33.83 10.59
CA HIS D 204 25.92 -33.23 11.92
C HIS D 204 27.28 -33.04 12.59
N ASP D 205 28.38 -33.21 11.86
CA ASP D 205 29.73 -33.06 12.40
C ASP D 205 30.57 -32.16 11.49
N PHE D 206 29.98 -31.04 11.08
CA PHE D 206 30.66 -30.08 10.22
C PHE D 206 31.57 -29.20 11.07
N ILE D 207 32.10 -28.14 10.47
CA ILE D 207 32.97 -27.22 11.20
C ILE D 207 32.15 -26.42 12.18
N ALA D 208 32.49 -26.50 13.46
CA ALA D 208 31.76 -25.81 14.53
C ALA D 208 30.27 -26.18 14.51
N ASN D 209 29.99 -27.45 14.26
CA ASN D 209 28.62 -27.96 14.17
C ASN D 209 27.80 -27.18 13.16
N GLY D 210 26.71 -26.58 13.61
CA GLY D 210 25.86 -25.79 12.72
C GLY D 210 25.20 -26.59 11.63
N GLY D 211 24.70 -27.78 11.95
CA GLY D 211 24.03 -28.59 10.96
C GLY D 211 25.01 -29.23 10.01
N GLU D 212 24.73 -29.12 8.71
CA GLU D 212 25.57 -29.70 7.66
C GLU D 212 26.19 -28.60 6.82
N LEU D 213 27.35 -28.91 6.24
CA LEU D 213 28.07 -27.95 5.41
C LEU D 213 27.60 -28.07 3.97
N LYS D 214 28.31 -27.42 3.05
CA LYS D 214 27.94 -27.45 1.65
C LYS D 214 28.20 -28.84 1.06
N PRO D 215 27.48 -29.20 -0.01
CA PRO D 215 27.68 -30.52 -0.61
C PRO D 215 28.97 -30.62 -1.40
N GLN D 216 30.09 -30.82 -0.69
CA GLN D 216 31.39 -30.94 -1.33
C GLN D 216 32.24 -31.91 -0.53
N GLU D 217 33.25 -32.48 -1.20
CA GLU D 217 34.15 -33.44 -0.59
C GLU D 217 35.52 -32.78 -0.40
N ASN D 218 35.96 -32.73 0.85
CA ASN D 218 37.26 -32.13 1.15
C ASN D 218 38.43 -32.86 0.51
N PRO D 219 38.54 -34.21 0.58
CA PRO D 219 39.75 -34.87 0.06
C PRO D 219 39.85 -34.84 -1.46
N ASN D 220 40.16 -33.67 -2.02
CA ASN D 220 40.49 -33.53 -3.44
C ASN D 220 39.37 -34.04 -4.34
N ALA D 221 38.23 -33.36 -4.26
CA ALA D 221 37.08 -33.71 -5.11
C ALA D 221 37.24 -33.08 -6.48
N GLN D 222 37.15 -33.90 -7.53
CA GLN D 222 37.29 -33.45 -8.92
C GLN D 222 38.61 -32.73 -9.14
N ALA D 223 39.68 -33.24 -8.52
CA ALA D 223 40.99 -32.63 -8.65
C ALA D 223 41.83 -33.22 -9.77
N ILE D 224 41.50 -34.43 -10.24
CA ILE D 224 42.26 -35.06 -11.31
C ILE D 224 41.69 -34.78 -12.69
N GLN D 225 40.52 -34.14 -12.78
CA GLN D 225 39.94 -33.84 -14.08
C GLN D 225 40.64 -32.69 -14.79
N ASP D 226 41.37 -31.85 -14.06
CA ASP D 226 42.08 -30.72 -14.66
C ASP D 226 43.44 -31.09 -15.23
N ASP D 227 43.93 -32.30 -14.97
CA ASP D 227 45.21 -32.76 -15.45
C ASP D 227 45.10 -34.15 -16.04
N LEU D 228 44.06 -34.39 -16.85
CA LEU D 228 43.84 -35.69 -17.47
C LEU D 228 44.43 -35.78 -18.87
N LYS D 229 45.07 -34.72 -19.36
CA LYS D 229 45.67 -34.76 -20.69
C LYS D 229 46.81 -35.77 -20.75
N ASP D 230 47.68 -35.78 -19.74
CA ASP D 230 48.81 -36.70 -19.67
C ASP D 230 48.54 -37.89 -18.77
N ILE D 231 47.33 -38.05 -18.27
CA ILE D 231 46.99 -39.15 -17.38
C ILE D 231 46.17 -40.19 -18.15
N ASP D 232 45.38 -39.73 -19.11
CA ASP D 232 44.55 -40.63 -19.91
C ASP D 232 45.33 -41.35 -21.00
N SER D 233 46.56 -40.92 -21.29
CA SER D 233 47.37 -41.57 -22.32
C SER D 233 47.87 -42.93 -21.88
N GLU D 234 47.98 -43.18 -20.58
CA GLU D 234 48.46 -44.46 -20.07
C GLU D 234 47.30 -45.42 -19.82
N ALA E 1 40.97 -48.91 -31.58
CA ALA E 1 41.05 -47.82 -30.61
C ALA E 1 39.68 -47.22 -30.35
N ALA E 2 39.66 -45.95 -29.95
CA ALA E 2 38.43 -45.23 -29.64
C ALA E 2 38.22 -44.12 -30.66
N ASP E 3 36.97 -43.93 -31.07
CA ASP E 3 36.64 -42.90 -32.04
C ASP E 3 36.63 -41.52 -31.37
N GLN E 4 36.66 -40.48 -32.21
CA GLN E 4 36.68 -39.11 -31.73
C GLN E 4 35.40 -38.35 -32.07
N THR E 5 34.52 -38.91 -32.89
CA THR E 5 33.27 -38.25 -33.26
C THR E 5 32.04 -39.04 -32.87
N ASN E 6 32.04 -40.36 -33.06
CA ASN E 6 30.91 -41.20 -32.71
C ASN E 6 31.25 -42.03 -31.49
N PRO E 7 30.67 -41.74 -30.32
CA PRO E 7 30.98 -42.55 -29.13
C PRO E 7 30.26 -43.87 -29.13
N TYR E 8 29.05 -43.90 -29.68
CA TYR E 8 28.28 -45.14 -29.74
C TYR E 8 28.93 -46.15 -30.67
N LYS E 9 29.46 -45.69 -31.80
CA LYS E 9 30.12 -46.61 -32.74
C LYS E 9 31.36 -47.22 -32.13
N LEU E 10 32.16 -46.42 -31.41
CA LEU E 10 33.36 -46.95 -30.77
C LEU E 10 33.03 -47.98 -29.71
N MET E 11 31.98 -47.73 -28.92
CA MET E 11 31.59 -48.68 -27.89
C MET E 11 31.12 -50.00 -28.49
N ASP E 12 30.35 -49.94 -29.57
CA ASP E 12 29.88 -51.15 -30.22
C ASP E 12 31.04 -51.95 -30.81
N GLU E 13 32.01 -51.27 -31.43
CA GLU E 13 33.15 -51.96 -31.99
C GLU E 13 34.02 -52.59 -30.89
N ALA E 14 34.19 -51.89 -29.77
CA ALA E 14 34.98 -52.43 -28.68
C ALA E 14 34.34 -53.67 -28.07
N ALA E 15 33.01 -53.66 -27.91
CA ALA E 15 32.32 -54.81 -27.36
C ALA E 15 32.44 -56.02 -28.28
N GLN E 16 32.31 -55.80 -29.59
CA GLN E 16 32.43 -56.91 -30.54
C GLN E 16 33.84 -57.48 -30.54
N LYS E 17 34.85 -56.61 -30.48
CA LYS E 17 36.24 -57.08 -30.46
C LYS E 17 36.53 -57.90 -29.20
N THR E 18 36.04 -57.45 -28.05
CA THR E 18 36.26 -58.18 -26.81
C THR E 18 35.60 -59.55 -26.84
N PHE E 19 34.38 -59.63 -27.36
CA PHE E 19 33.68 -60.92 -27.44
C PHE E 19 34.39 -61.85 -28.41
N ASP E 20 34.84 -61.33 -29.56
CA ASP E 20 35.53 -62.17 -30.53
C ASP E 20 36.86 -62.67 -29.99
N ARG E 21 37.60 -61.81 -29.30
CA ARG E 21 38.90 -62.22 -28.75
C ARG E 21 38.74 -63.29 -27.68
N LEU E 22 37.71 -63.16 -26.83
CA LEU E 22 37.49 -64.14 -25.77
C LEU E 22 37.07 -65.50 -26.35
N LYS E 23 36.25 -65.47 -27.40
CA LYS E 23 35.80 -66.73 -28.00
C LYS E 23 36.91 -67.40 -28.80
N ASN E 24 37.71 -66.60 -29.51
CA ASN E 24 38.78 -67.18 -30.32
C ASN E 24 39.94 -67.67 -29.48
N GLU E 25 40.14 -67.08 -28.30
CA GLU E 25 41.24 -67.45 -27.41
C GLU E 25 40.71 -67.92 -26.06
N GLN E 26 39.65 -68.72 -26.08
CA GLN E 26 39.10 -69.26 -24.84
C GLN E 26 40.09 -70.14 -24.11
N PRO E 27 40.76 -71.10 -24.75
CA PRO E 27 41.76 -71.91 -24.04
C PRO E 27 42.91 -71.10 -23.47
N GLN E 28 43.29 -70.01 -24.13
CA GLN E 28 44.40 -69.19 -23.63
C GLN E 28 44.06 -68.54 -22.30
N ILE E 29 42.83 -68.07 -22.14
CA ILE E 29 42.42 -67.44 -20.88
C ILE E 29 42.43 -68.46 -19.75
N ARG E 30 41.88 -69.65 -20.00
CA ARG E 30 41.87 -70.69 -18.97
C ARG E 30 43.28 -71.13 -18.61
N ALA E 31 44.15 -71.30 -19.61
CA ALA E 31 45.52 -71.72 -19.34
C ALA E 31 46.28 -70.67 -18.54
N ASN E 32 46.10 -69.40 -18.88
CA ASN E 32 46.79 -68.30 -18.21
C ASN E 32 45.81 -67.16 -17.99
N PRO E 33 45.33 -66.95 -16.76
CA PRO E 33 44.42 -65.82 -16.51
C PRO E 33 45.04 -64.47 -16.82
N ASP E 34 46.35 -64.32 -16.63
CA ASP E 34 47.00 -63.05 -16.91
C ASP E 34 47.00 -62.72 -18.40
N TYR E 35 46.94 -63.75 -19.25
CA TYR E 35 46.92 -63.50 -20.69
C TYR E 35 45.63 -62.81 -21.12
N LEU E 36 44.53 -63.07 -20.44
CA LEU E 36 43.26 -62.42 -20.79
C LEU E 36 43.31 -60.93 -20.51
N ARG E 37 44.05 -60.50 -19.50
CA ARG E 37 44.16 -59.08 -19.21
C ARG E 37 44.85 -58.32 -20.33
N THR E 38 45.89 -58.92 -20.93
CA THR E 38 46.58 -58.28 -22.03
C THR E 38 45.67 -58.12 -23.24
N ILE E 39 44.86 -59.13 -23.54
CA ILE E 39 43.92 -59.05 -24.66
C ILE E 39 42.85 -58.01 -24.38
N VAL E 40 42.39 -57.93 -23.13
CA VAL E 40 41.37 -56.95 -22.77
C VAL E 40 41.90 -55.53 -22.81
N ASP E 41 43.23 -55.35 -22.77
CA ASP E 41 43.79 -54.01 -22.82
C ASP E 41 43.55 -53.34 -24.17
N GLN E 42 43.51 -54.11 -25.25
CA GLN E 42 43.27 -53.59 -26.59
C GLN E 42 41.78 -53.55 -26.94
N GLU E 43 40.91 -54.04 -26.05
CA GLU E 43 39.48 -54.08 -26.32
C GLU E 43 38.68 -53.20 -25.38
N LEU E 44 38.89 -53.34 -24.06
CA LEU E 44 38.12 -52.58 -23.08
C LEU E 44 38.88 -51.41 -22.47
N LEU E 45 40.20 -51.48 -22.39
CA LEU E 45 40.99 -50.39 -21.83
C LEU E 45 41.06 -49.23 -22.82
N PRO E 46 41.22 -49.52 -24.11
CA PRO E 46 41.24 -48.42 -25.09
C PRO E 46 39.93 -47.65 -25.16
N TYR E 47 38.80 -48.30 -24.87
CA TYR E 47 37.50 -47.62 -24.94
C TYR E 47 37.17 -46.81 -23.70
N VAL E 48 37.93 -46.97 -22.61
CA VAL E 48 37.68 -46.24 -21.38
C VAL E 48 39.03 -45.85 -20.79
N GLN E 49 39.34 -44.55 -20.83
CA GLN E 49 40.61 -44.07 -20.31
C GLN E 49 40.64 -44.17 -18.79
N VAL E 50 41.86 -44.36 -18.26
CA VAL E 50 42.03 -44.47 -16.81
C VAL E 50 41.66 -43.16 -16.14
N LYS E 51 42.10 -42.03 -16.70
CA LYS E 51 41.78 -40.74 -16.10
C LYS E 51 40.30 -40.40 -16.25
N TYR E 52 39.71 -40.79 -17.38
CA TYR E 52 38.28 -40.52 -17.59
C TYR E 52 37.41 -41.37 -16.68
N ALA E 53 37.81 -42.61 -16.43
CA ALA E 53 37.06 -43.53 -15.58
C ALA E 53 37.72 -43.70 -14.21
N GLY E 54 38.33 -42.64 -13.69
CA GLY E 54 38.98 -42.71 -12.39
C GLY E 54 38.03 -42.50 -11.23
N ALA E 55 36.92 -43.22 -11.23
CA ALA E 55 35.94 -43.12 -10.16
C ALA E 55 35.60 -44.47 -9.54
N LEU E 56 35.57 -45.54 -10.34
CA LEU E 56 35.25 -46.86 -9.81
C LEU E 56 36.37 -47.41 -8.94
N VAL E 57 37.62 -47.13 -9.31
CA VAL E 57 38.78 -47.60 -8.56
C VAL E 57 39.66 -46.41 -8.23
N LEU E 58 39.99 -46.27 -6.94
CA LEU E 58 40.82 -45.16 -6.45
C LEU E 58 40.25 -43.80 -6.85
N GLY E 59 38.93 -43.67 -6.76
CA GLY E 59 38.27 -42.43 -7.10
C GLY E 59 38.35 -41.39 -6.01
N GLN E 60 37.76 -41.70 -4.85
CA GLN E 60 37.77 -40.76 -3.73
C GLN E 60 39.16 -40.65 -3.11
N TYR E 61 39.86 -41.78 -3.00
CA TYR E 61 41.17 -41.84 -2.38
C TYR E 61 42.26 -42.00 -3.44
N TYR E 62 43.51 -41.91 -2.97
CA TYR E 62 44.70 -42.08 -3.81
C TYR E 62 44.79 -41.01 -4.88
N LYS E 63 43.92 -41.08 -5.88
CA LYS E 63 43.88 -40.12 -6.99
C LYS E 63 45.24 -40.02 -7.67
N SER E 64 45.49 -38.88 -8.33
CA SER E 64 46.77 -38.63 -9.00
C SER E 64 47.59 -37.57 -8.28
N ALA E 65 47.15 -37.12 -7.10
CA ALA E 65 47.83 -36.06 -6.37
C ALA E 65 48.85 -36.66 -5.40
N THR E 66 49.34 -35.83 -4.47
CA THR E 66 50.31 -36.20 -3.44
C THR E 66 51.57 -36.77 -4.06
N PRO E 67 52.10 -36.16 -5.15
CA PRO E 67 53.42 -36.52 -5.68
C PRO E 67 53.62 -37.99 -5.98
N ALA E 68 53.60 -38.84 -4.94
CA ALA E 68 53.89 -40.25 -5.11
C ALA E 68 52.66 -41.10 -5.38
N GLN E 69 51.46 -40.58 -5.11
CA GLN E 69 50.21 -41.31 -5.35
C GLN E 69 49.79 -41.12 -6.81
N ARG E 70 50.57 -41.72 -7.71
CA ARG E 70 50.33 -41.64 -9.14
C ARG E 70 50.18 -43.00 -9.82
N GLU E 71 50.59 -44.08 -9.17
CA GLU E 71 50.50 -45.42 -9.74
C GLU E 71 49.25 -46.17 -9.27
N ALA E 72 48.18 -45.43 -8.96
CA ALA E 72 46.93 -46.04 -8.52
C ALA E 72 45.72 -45.62 -9.34
N TYR E 73 45.75 -44.48 -10.03
CA TYR E 73 44.62 -44.02 -10.81
C TYR E 73 44.98 -43.56 -12.22
N PHE E 74 46.24 -43.23 -12.50
CA PHE E 74 46.64 -42.75 -13.81
C PHE E 74 47.64 -43.67 -14.50
N ALA E 75 48.72 -44.05 -13.81
CA ALA E 75 49.77 -44.83 -14.45
C ALA E 75 49.42 -46.31 -14.52
N ALA E 76 49.20 -46.94 -13.37
CA ALA E 76 48.95 -48.37 -13.29
C ALA E 76 47.48 -48.73 -13.32
N PHE E 77 46.58 -47.75 -13.49
CA PHE E 77 45.16 -48.05 -13.53
C PHE E 77 44.75 -48.75 -14.82
N ARG E 78 45.56 -48.66 -15.87
CA ARG E 78 45.24 -49.35 -17.12
C ARG E 78 45.25 -50.86 -16.93
N GLU E 79 46.24 -51.38 -16.19
CA GLU E 79 46.29 -52.81 -15.93
C GLU E 79 45.17 -53.26 -15.01
N TYR E 80 44.83 -52.43 -14.01
CA TYR E 80 43.75 -52.76 -13.10
C TYR E 80 42.41 -52.82 -13.82
N LEU E 81 42.17 -51.87 -14.73
CA LEU E 81 40.93 -51.87 -15.50
C LEU E 81 40.85 -53.10 -16.41
N LYS E 82 41.96 -53.47 -17.04
CA LYS E 82 41.97 -54.65 -17.90
C LYS E 82 41.74 -55.91 -17.09
N GLN E 83 42.35 -56.00 -15.90
CA GLN E 83 42.15 -57.19 -15.05
C GLN E 83 40.69 -57.30 -14.60
N ALA E 84 40.08 -56.18 -14.23
CA ALA E 84 38.68 -56.20 -13.82
C ALA E 84 37.78 -56.60 -14.98
N TYR E 85 38.05 -56.07 -16.17
CA TYR E 85 37.25 -56.43 -17.35
C TYR E 85 37.52 -57.87 -17.76
N GLY E 86 38.76 -58.33 -17.62
CA GLY E 86 39.07 -59.70 -17.98
C GLY E 86 38.39 -60.72 -17.09
N GLN E 87 38.28 -60.42 -15.80
CA GLN E 87 37.62 -61.35 -14.88
C GLN E 87 36.13 -61.49 -15.22
N ALA E 88 35.47 -60.39 -15.56
CA ALA E 88 34.06 -60.46 -15.95
C ALA E 88 33.90 -61.21 -17.27
N LEU E 89 34.81 -61.00 -18.21
CA LEU E 89 34.72 -61.69 -19.50
C LEU E 89 34.98 -63.18 -19.33
N ALA E 90 35.89 -63.56 -18.44
CA ALA E 90 36.19 -64.97 -18.23
C ALA E 90 35.10 -65.70 -17.47
N MET E 91 34.22 -64.98 -16.78
CA MET E 91 33.11 -65.64 -16.07
C MET E 91 32.15 -66.30 -17.05
N TYR E 92 31.85 -65.64 -18.17
CA TYR E 92 30.96 -66.21 -19.16
C TYR E 92 31.61 -67.38 -19.87
N HIS E 93 30.79 -68.35 -20.26
CA HIS E 93 31.24 -69.56 -20.95
C HIS E 93 30.58 -69.68 -22.32
N GLY E 94 30.52 -68.56 -23.05
CA GLY E 94 29.92 -68.55 -24.36
C GLY E 94 28.69 -67.67 -24.45
N GLN E 95 28.61 -66.66 -23.59
CA GLN E 95 27.47 -65.75 -23.60
C GLN E 95 27.50 -64.89 -24.86
N THR E 96 26.32 -64.67 -25.43
CA THR E 96 26.20 -63.83 -26.62
C THR E 96 26.31 -62.36 -26.26
N TYR E 97 26.99 -61.60 -27.12
CA TYR E 97 27.19 -60.16 -26.91
C TYR E 97 26.40 -59.41 -27.98
N GLN E 98 25.47 -58.57 -27.53
CA GLN E 98 24.64 -57.77 -28.42
C GLN E 98 25.18 -56.34 -28.45
N ILE E 99 25.45 -55.84 -29.65
CA ILE E 99 25.98 -54.49 -29.83
C ILE E 99 24.81 -53.56 -30.12
N ALA E 100 24.68 -52.51 -29.32
CA ALA E 100 23.60 -51.54 -29.50
C ALA E 100 23.85 -50.69 -30.74
N PRO E 101 22.79 -50.12 -31.31
CA PRO E 101 22.96 -49.29 -32.50
C PRO E 101 23.56 -47.92 -32.14
N GLU E 102 23.99 -47.21 -33.17
CA GLU E 102 24.60 -45.89 -33.01
C GLU E 102 23.50 -44.87 -32.75
N GLN E 103 23.11 -44.77 -31.49
CA GLN E 103 22.08 -43.83 -31.09
C GLN E 103 22.62 -42.39 -31.15
N PRO E 104 21.73 -41.41 -31.34
CA PRO E 104 22.19 -40.00 -31.39
C PRO E 104 22.46 -39.48 -29.99
N LEU E 105 23.68 -39.00 -29.77
CA LEU E 105 24.09 -38.47 -28.48
C LEU E 105 24.17 -36.95 -28.46
N GLY E 106 24.65 -36.33 -29.54
CA GLY E 106 24.76 -34.89 -29.60
C GLY E 106 25.98 -34.37 -28.86
N ASP E 107 26.06 -33.04 -28.79
CA ASP E 107 27.17 -32.37 -28.12
C ASP E 107 26.79 -32.16 -26.66
N LYS E 108 27.34 -33.00 -25.79
CA LYS E 108 27.06 -32.91 -24.36
C LYS E 108 28.23 -33.50 -23.59
N THR E 109 28.28 -33.19 -22.30
CA THR E 109 29.33 -33.70 -21.42
C THR E 109 29.00 -35.06 -20.83
N ILE E 110 27.80 -35.59 -21.10
CA ILE E 110 27.38 -36.90 -20.60
C ILE E 110 26.79 -37.66 -21.77
N VAL E 111 27.50 -38.69 -22.22
CA VAL E 111 27.05 -39.53 -23.33
C VAL E 111 26.81 -40.94 -22.79
N PRO E 112 25.55 -41.30 -22.57
CA PRO E 112 25.26 -42.65 -22.02
C PRO E 112 25.31 -43.70 -23.12
N ILE E 113 26.12 -44.73 -22.90
CA ILE E 113 26.25 -45.85 -23.82
C ILE E 113 26.01 -47.14 -23.06
N ARG E 114 25.16 -48.00 -23.60
CA ARG E 114 24.80 -49.26 -22.96
C ARG E 114 24.84 -50.38 -23.97
N VAL E 115 25.09 -51.60 -23.47
CA VAL E 115 25.14 -52.80 -24.28
C VAL E 115 24.31 -53.89 -23.61
N THR E 116 24.04 -54.94 -24.36
CA THR E 116 23.24 -56.07 -23.88
C THR E 116 24.05 -57.35 -23.98
N ILE E 117 24.06 -58.13 -22.90
CA ILE E 117 24.75 -59.41 -22.85
C ILE E 117 23.77 -60.46 -22.34
N ILE E 118 23.59 -61.52 -23.10
CA ILE E 118 22.68 -62.60 -22.75
C ILE E 118 23.49 -63.87 -22.54
N ASP E 119 23.35 -64.46 -21.35
CA ASP E 119 24.06 -65.69 -21.03
C ASP E 119 23.40 -66.89 -21.73
N PRO E 120 24.18 -67.92 -22.04
CA PRO E 120 23.62 -69.11 -22.70
C PRO E 120 23.11 -70.18 -21.75
N ASN E 121 23.31 -70.02 -20.45
CA ASN E 121 22.86 -70.99 -19.46
C ASN E 121 21.50 -70.67 -18.87
N GLY E 122 20.85 -69.61 -19.33
CA GLY E 122 19.56 -69.21 -18.82
C GLY E 122 19.58 -68.12 -17.77
N ARG E 123 20.73 -67.54 -17.48
CA ARG E 123 20.81 -66.49 -16.49
C ARG E 123 20.19 -65.19 -17.03
N PRO E 124 19.79 -64.29 -16.12
CA PRO E 124 19.19 -63.04 -16.59
C PRO E 124 20.21 -62.19 -17.33
N PRO E 125 19.78 -61.39 -18.29
CA PRO E 125 20.73 -60.56 -19.05
C PRO E 125 21.37 -59.50 -18.18
N VAL E 126 22.60 -59.15 -18.54
CA VAL E 126 23.38 -58.13 -17.84
C VAL E 126 23.66 -57.00 -18.82
N ARG E 127 23.30 -55.78 -18.43
CA ARG E 127 23.49 -54.60 -19.27
C ARG E 127 24.68 -53.80 -18.77
N LEU E 128 25.64 -53.56 -19.66
CA LEU E 128 26.84 -52.78 -19.34
C LEU E 128 26.61 -51.35 -19.82
N ASP E 129 26.15 -50.49 -18.92
CA ASP E 129 25.86 -49.09 -19.25
C ASP E 129 27.08 -48.24 -18.94
N PHE E 130 28.07 -48.32 -19.84
CA PHE E 130 29.30 -47.54 -19.71
C PHE E 130 29.06 -46.15 -20.26
N GLN E 131 28.81 -45.19 -19.37
CA GLN E 131 28.55 -43.82 -19.77
C GLN E 131 29.86 -43.14 -20.16
N TRP E 132 29.84 -42.45 -21.30
CA TRP E 132 31.01 -41.74 -21.81
C TRP E 132 30.87 -40.24 -21.58
N ARG E 133 32.00 -39.55 -21.62
CA ARG E 133 32.04 -38.11 -21.43
C ARG E 133 32.96 -37.49 -22.47
N LYS E 134 32.53 -36.35 -23.01
CA LYS E 134 33.31 -35.63 -24.02
C LYS E 134 34.31 -34.72 -23.31
N ASN E 135 35.40 -35.32 -22.84
CA ASN E 135 36.43 -34.57 -22.15
C ASN E 135 37.19 -33.68 -23.14
N SER E 136 37.55 -32.48 -22.67
CA SER E 136 38.29 -31.55 -23.52
C SER E 136 39.74 -31.98 -23.68
N GLN E 137 40.34 -32.50 -22.60
CA GLN E 137 41.74 -32.91 -22.66
C GLN E 137 41.94 -34.11 -23.58
N THR E 138 41.06 -35.11 -23.50
CA THR E 138 41.14 -36.32 -24.30
C THR E 138 39.96 -36.35 -25.26
N GLY E 139 40.25 -36.25 -26.55
CA GLY E 139 39.20 -36.27 -27.56
C GLY E 139 38.64 -37.64 -27.87
N ASN E 140 39.28 -38.70 -27.38
CA ASN E 140 38.79 -40.05 -27.63
C ASN E 140 37.52 -40.33 -26.84
N TRP E 141 36.70 -41.23 -27.37
CA TRP E 141 35.45 -41.62 -26.72
C TRP E 141 35.75 -42.58 -25.57
N GLN E 142 36.07 -42.00 -24.42
CA GLN E 142 36.41 -42.75 -23.22
C GLN E 142 35.22 -42.77 -22.28
N ALA E 143 34.88 -43.95 -21.76
CA ALA E 143 33.76 -44.08 -20.85
C ALA E 143 34.14 -43.53 -19.48
N TYR E 144 33.29 -42.66 -18.94
CA TYR E 144 33.51 -42.05 -17.64
C TYR E 144 32.77 -42.76 -16.51
N ASP E 145 32.07 -43.85 -16.81
CA ASP E 145 31.32 -44.57 -15.78
C ASP E 145 31.23 -46.04 -16.18
N MET E 146 30.95 -46.88 -15.19
CA MET E 146 30.83 -48.32 -15.39
C MET E 146 29.61 -48.80 -14.61
N ILE E 147 28.52 -49.10 -15.31
CA ILE E 147 27.29 -49.57 -14.70
C ILE E 147 27.00 -50.98 -15.22
N ALA E 148 26.76 -51.90 -14.30
CA ALA E 148 26.48 -53.30 -14.64
C ALA E 148 25.05 -53.65 -14.24
N GLU E 149 24.29 -54.19 -15.19
CA GLU E 149 22.92 -54.64 -14.96
C GLU E 149 22.03 -53.50 -14.47
N GLY E 150 22.32 -52.27 -14.90
CA GLY E 150 21.53 -51.12 -14.52
C GLY E 150 21.94 -50.45 -13.24
N CYS E 151 22.75 -51.09 -12.42
CA CYS E 151 23.19 -50.51 -11.15
C CYS E 151 24.40 -49.61 -11.39
N SER E 152 24.38 -48.42 -10.79
CA SER E 152 25.45 -47.45 -10.95
C SER E 152 26.63 -47.87 -10.09
N MET E 153 27.45 -48.76 -10.67
CA MET E 153 28.63 -49.27 -9.98
C MET E 153 29.84 -48.33 -10.10
N ILE E 154 29.73 -47.25 -10.86
CA ILE E 154 30.84 -46.32 -10.99
C ILE E 154 31.12 -45.61 -9.68
N THR E 155 30.07 -45.30 -8.91
CA THR E 155 30.21 -44.61 -7.63
C THR E 155 30.09 -45.56 -6.44
N THR E 156 30.25 -46.86 -6.67
CA THR E 156 30.17 -47.82 -5.57
C THR E 156 31.30 -47.60 -4.57
N LYS E 157 32.52 -47.40 -5.06
CA LYS E 157 33.67 -47.17 -4.20
C LYS E 157 33.88 -45.69 -3.88
N GLN E 158 33.10 -44.79 -4.49
CA GLN E 158 33.26 -43.36 -4.21
C GLN E 158 32.90 -43.04 -2.77
N ASN E 159 31.82 -43.64 -2.25
CA ASN E 159 31.37 -43.41 -0.90
C ASN E 159 31.93 -44.41 0.10
N GLU E 160 32.76 -45.35 -0.36
CA GLU E 160 33.34 -46.36 0.53
C GLU E 160 34.84 -46.18 0.74
N TRP E 161 35.53 -45.48 -0.16
CA TRP E 161 36.97 -45.27 -0.01
C TRP E 161 37.31 -44.12 0.93
N GLY E 162 36.32 -43.32 1.34
CA GLY E 162 36.58 -42.21 2.23
C GLY E 162 36.93 -42.62 3.65
N THR E 163 36.48 -43.80 4.08
CA THR E 163 36.81 -44.26 5.44
C THR E 163 38.28 -44.61 5.56
N LEU E 164 38.87 -45.18 4.52
CA LEU E 164 40.29 -45.54 4.57
C LEU E 164 41.20 -44.33 4.38
N LEU E 165 40.72 -43.31 3.66
CA LEU E 165 41.52 -42.10 3.43
C LEU E 165 41.50 -41.14 4.60
N ARG E 166 40.59 -41.32 5.56
CA ARG E 166 40.54 -40.43 6.71
C ARG E 166 41.69 -40.67 7.69
N THR E 167 42.27 -41.86 7.69
CA THR E 167 43.37 -42.20 8.58
C THR E 167 44.69 -42.41 7.84
N LYS E 168 44.70 -43.27 6.82
CA LYS E 168 45.91 -43.53 6.07
C LYS E 168 46.20 -42.49 4.99
N GLY E 169 45.27 -41.58 4.73
CA GLY E 169 45.50 -40.57 3.72
C GLY E 169 45.38 -41.14 2.31
N ILE E 170 46.01 -40.43 1.37
CA ILE E 170 45.98 -40.85 -0.03
C ILE E 170 47.06 -41.87 -0.36
N ASP E 171 48.01 -42.10 0.53
CA ASP E 171 49.07 -43.06 0.30
C ASP E 171 48.69 -44.49 0.68
N GLY E 172 47.55 -44.68 1.35
CA GLY E 172 47.14 -46.02 1.74
C GLY E 172 46.59 -46.84 0.59
N LEU E 173 46.04 -46.19 -0.44
CA LEU E 173 45.48 -46.86 -1.59
C LEU E 173 46.42 -46.86 -2.79
N THR E 174 47.65 -46.39 -2.61
CA THR E 174 48.59 -46.36 -3.73
C THR E 174 48.96 -47.78 -4.17
N ALA E 175 49.16 -48.69 -3.23
CA ALA E 175 49.52 -50.06 -3.54
C ALA E 175 48.30 -50.97 -3.73
N GLN E 176 47.09 -50.47 -3.48
CA GLN E 176 45.90 -51.28 -3.66
C GLN E 176 45.68 -51.62 -5.14
N LEU E 177 45.92 -50.65 -6.03
CA LEU E 177 45.73 -50.90 -7.45
C LEU E 177 46.81 -51.84 -8.00
N LYS E 178 48.03 -51.76 -7.48
CA LYS E 178 49.10 -52.64 -7.95
C LYS E 178 48.79 -54.10 -7.63
N SER E 179 48.27 -54.36 -6.44
CA SER E 179 47.94 -55.74 -6.07
C SER E 179 46.76 -56.27 -6.86
N ILE E 180 45.77 -55.41 -7.14
CA ILE E 180 44.60 -55.85 -7.91
C ILE E 180 44.99 -56.12 -9.35
N SER E 181 45.83 -55.26 -9.94
CA SER E 181 46.25 -55.46 -11.32
C SER E 181 47.10 -56.72 -11.46
N GLN E 182 47.98 -56.98 -10.51
CA GLN E 182 48.83 -58.16 -10.56
C GLN E 182 48.07 -59.44 -10.26
N GLN E 183 46.92 -59.34 -9.59
CA GLN E 183 46.14 -60.53 -9.27
C GLN E 183 45.51 -61.11 -10.54
N LYS E 184 45.59 -62.43 -10.67
CA LYS E 184 45.04 -63.11 -11.83
C LYS E 184 43.52 -63.21 -11.71
N ILE E 185 42.88 -63.41 -12.87
CA ILE E 185 41.43 -63.53 -12.92
C ILE E 185 41.02 -64.92 -12.45
N THR E 186 39.80 -65.02 -11.94
CA THR E 186 39.25 -66.27 -11.42
C THR E 186 38.04 -66.64 -12.29
N LEU E 187 38.24 -67.60 -13.19
CA LEU E 187 37.16 -68.04 -14.06
C LEU E 187 36.13 -68.84 -13.28
N GLU E 188 34.86 -68.66 -13.64
CA GLU E 188 33.78 -69.38 -12.96
C GLU E 188 33.80 -70.85 -13.38
N GLU E 189 33.67 -71.73 -12.39
CA GLU E 189 33.67 -73.17 -12.62
C GLU E 189 32.26 -73.72 -12.47
N LYS E 190 31.79 -74.45 -13.48
CA LYS E 190 30.46 -75.02 -13.45
C LYS E 190 30.41 -76.18 -12.45
N LYS E 191 29.38 -76.19 -11.61
CA LYS E 191 29.20 -77.24 -10.62
C LYS E 191 28.08 -78.19 -11.00
#